data_5W12
#
_entry.id   5W12
#
_cell.length_a   89.526
_cell.length_b   81.302
_cell.length_c   106.690
_cell.angle_alpha   90.00
_cell.angle_beta   112.89
_cell.angle_gamma   90.00
#
_symmetry.space_group_name_H-M   'P 1 21 1'
#
loop_
_entity.id
_entity.type
_entity.pdbx_description
1 polymer Beta-lactamase
2 non-polymer '3-[(2R)-2-borono-2-{[(thiophen-2-yl)acetyl]amino}ethyl]benzoic acid'
3 water water
#
_entity_poly.entity_id   1
_entity_poly.type   'polypeptide(L)'
_entity_poly.pdbx_seq_one_letter_code
;MDNTPKDQEIKKLVDQNFKPLLEKYDVPGMAVGVIQNNKKYEMYYGLQSVQDKKAVNSNTIFELGSVSKLFTATAGGYAK
NKGKISFDDTPGKYWKELKNTPIDQVNLLQLATYTSGNLALQFPDEVQTDQQVLTFFKDWKPKNPIGEYRQYSNPSIGLF
GKVVALSMNKPFDQVLEKTIFPALGLKHSYVNVPKTQMQNYAFGYNQENQPIRVNPGPLDAPAYGVKSTLPDMLSFIHAN
LNPQKYPTDIQRAINETHQGRYQVNTMYQALGWEEFSYPATLQTLLDSNSEQIVMKPNKVTAISKEPSVKMYHKTGSTSG
FGTYVVFIPKENIGLVMLTNKRIPNEERIKAAYVVLNAIKK
;
_entity_poly.pdbx_strand_id   A,B,C,D
#
# COMPACT_ATOMS: atom_id res chain seq x y z
N GLN A 8 -11.40 -34.96 3.39
CA GLN A 8 -12.85 -34.70 3.33
C GLN A 8 -13.53 -35.78 2.52
N GLU A 9 -14.84 -35.79 2.67
CA GLU A 9 -15.78 -36.57 1.92
C GLU A 9 -16.43 -35.71 0.83
N ILE A 10 -16.09 -34.43 0.73
CA ILE A 10 -16.80 -33.53 -0.22
C ILE A 10 -16.65 -34.04 -1.65
N LYS A 11 -15.43 -34.32 -2.08
CA LYS A 11 -15.17 -34.89 -3.41
C LYS A 11 -16.06 -36.13 -3.67
N LYS A 12 -16.06 -37.07 -2.73
CA LYS A 12 -16.86 -38.32 -2.88
C LYS A 12 -18.36 -38.04 -3.00
N LEU A 13 -18.90 -37.18 -2.15
CA LEU A 13 -20.31 -36.80 -2.22
C LEU A 13 -20.70 -36.13 -3.52
N VAL A 14 -19.81 -35.25 -4.01
CA VAL A 14 -20.14 -34.61 -5.28
C VAL A 14 -20.14 -35.65 -6.43
N ASP A 15 -19.17 -36.59 -6.40
CA ASP A 15 -19.06 -37.69 -7.42
C ASP A 15 -20.26 -38.56 -7.42
N GLN A 16 -20.75 -38.94 -6.24
CA GLN A 16 -21.95 -39.76 -6.09
C GLN A 16 -23.19 -39.06 -6.61
N ASN A 17 -23.29 -37.73 -6.46
CA ASN A 17 -24.57 -37.04 -6.74
C ASN A 17 -24.65 -36.21 -8.02
N PHE A 18 -23.51 -35.64 -8.41
CA PHE A 18 -23.45 -34.81 -9.61
C PHE A 18 -22.93 -35.60 -10.80
N LYS A 19 -21.86 -36.38 -10.61
CA LYS A 19 -21.23 -37.12 -11.72
C LYS A 19 -22.17 -38.01 -12.61
N PRO A 20 -23.12 -38.73 -12.01
CA PRO A 20 -24.06 -39.55 -12.82
C PRO A 20 -24.89 -38.74 -13.72
N LEU A 21 -25.08 -37.46 -13.43
CA LEU A 21 -25.99 -36.70 -14.24
C LEU A 21 -25.41 -36.48 -15.65
N LEU A 22 -24.10 -36.48 -15.79
CA LEU A 22 -23.49 -36.25 -17.10
C LEU A 22 -23.92 -37.32 -18.10
N GLU A 23 -23.85 -38.58 -17.69
CA GLU A 23 -24.32 -39.69 -18.56
C GLU A 23 -25.79 -39.71 -18.71
N LYS A 24 -26.54 -39.36 -17.66
CA LYS A 24 -28.02 -39.44 -17.75
C LYS A 24 -28.57 -38.44 -18.75
N TYR A 25 -27.98 -37.25 -18.85
CA TYR A 25 -28.47 -36.22 -19.78
C TYR A 25 -27.50 -35.92 -20.94
N ASP A 26 -26.47 -36.73 -21.11
CA ASP A 26 -25.44 -36.52 -22.19
C ASP A 26 -24.92 -35.08 -22.16
N VAL A 27 -24.49 -34.68 -20.96
CA VAL A 27 -23.90 -33.39 -20.71
C VAL A 27 -22.38 -33.48 -20.95
N PRO A 28 -21.85 -32.59 -21.81
CA PRO A 28 -20.41 -32.70 -22.08
C PRO A 28 -19.50 -32.34 -20.90
N GLY A 29 -19.91 -31.31 -20.13
CA GLY A 29 -19.02 -30.73 -19.09
C GLY A 29 -19.77 -30.13 -17.90
N MET A 30 -19.14 -30.19 -16.76
CA MET A 30 -19.74 -29.72 -15.45
C MET A 30 -18.62 -29.33 -14.50
N ALA A 31 -18.88 -28.25 -13.77
CA ALA A 31 -18.09 -27.69 -12.70
C ALA A 31 -19.00 -27.53 -11.51
N VAL A 32 -18.68 -28.21 -10.42
CA VAL A 32 -19.41 -28.14 -9.17
C VAL A 32 -18.40 -27.60 -8.11
N GLY A 33 -18.83 -26.57 -7.41
CA GLY A 33 -18.08 -25.93 -6.34
C GLY A 33 -18.80 -26.03 -5.02
N VAL A 34 -18.07 -26.32 -3.95
CA VAL A 34 -18.64 -26.27 -2.61
C VAL A 34 -17.75 -25.37 -1.78
N ILE A 35 -18.40 -24.56 -0.93
CA ILE A 35 -17.68 -23.74 0.02
C ILE A 35 -18.21 -24.03 1.40
N GLN A 36 -17.31 -24.38 2.33
CA GLN A 36 -17.70 -24.76 3.65
C GLN A 36 -16.67 -24.17 4.64
N ASN A 37 -17.12 -23.50 5.69
CA ASN A 37 -16.19 -22.97 6.74
C ASN A 37 -14.99 -22.27 6.09
N ASN A 38 -15.31 -21.40 5.13
CA ASN A 38 -14.34 -20.62 4.35
C ASN A 38 -13.36 -21.37 3.40
N LYS A 39 -13.48 -22.69 3.27
CA LYS A 39 -12.63 -23.49 2.38
C LYS A 39 -13.39 -23.80 1.07
N LYS A 40 -12.75 -23.59 -0.09
CA LYS A 40 -13.38 -23.90 -1.39
C LYS A 40 -13.01 -25.26 -1.90
N TYR A 41 -13.97 -25.96 -2.50
CA TYR A 41 -13.72 -27.18 -3.15
C TYR A 41 -14.19 -27.06 -4.59
N GLU A 42 -13.35 -27.47 -5.56
CA GLU A 42 -13.75 -27.35 -7.00
C GLU A 42 -13.63 -28.72 -7.63
N MET A 43 -14.72 -29.15 -8.29
CA MET A 43 -14.81 -30.42 -9.01
C MET A 43 -15.17 -30.20 -10.47
N TYR A 44 -14.35 -30.74 -11.36
CA TYR A 44 -14.50 -30.52 -12.80
C TYR A 44 -14.64 -31.84 -13.51
N TYR A 45 -15.54 -31.86 -14.47
CA TYR A 45 -15.89 -33.06 -15.17
C TYR A 45 -16.04 -32.75 -16.67
N GLY A 46 -15.44 -33.59 -17.50
CA GLY A 46 -15.72 -33.55 -18.88
C GLY A 46 -15.14 -32.35 -19.58
N LEU A 47 -15.84 -31.90 -20.62
CA LEU A 47 -15.27 -31.07 -21.69
C LEU A 47 -16.00 -29.72 -21.81
N GLN A 48 -15.23 -28.64 -21.86
CA GLN A 48 -15.83 -27.36 -22.26
C GLN A 48 -16.18 -27.29 -23.72
N SER A 49 -15.42 -28.01 -24.55
CA SER A 49 -15.69 -28.02 -25.99
C SER A 49 -15.48 -29.46 -26.45
N VAL A 50 -16.53 -30.04 -27.00
CA VAL A 50 -16.55 -31.42 -27.49
C VAL A 50 -15.55 -31.52 -28.70
N GLN A 51 -15.72 -30.62 -29.64
CA GLN A 51 -14.91 -30.63 -30.86
C GLN A 51 -13.45 -30.43 -30.60
N ASP A 52 -13.09 -29.58 -29.64
CA ASP A 52 -11.70 -29.31 -29.30
C ASP A 52 -11.13 -30.29 -28.27
N LYS A 53 -11.94 -31.16 -27.69
CA LYS A 53 -11.46 -31.97 -26.58
C LYS A 53 -10.78 -31.14 -25.50
N LYS A 54 -11.30 -29.95 -25.24
CA LYS A 54 -10.82 -29.11 -24.17
C LYS A 54 -11.57 -29.43 -22.91
N ALA A 55 -10.80 -29.72 -21.86
CA ALA A 55 -11.34 -30.17 -20.59
C ALA A 55 -11.97 -28.99 -19.84
N VAL A 56 -13.02 -29.22 -19.09
CA VAL A 56 -13.44 -28.16 -18.11
C VAL A 56 -12.36 -28.02 -17.03
N ASN A 57 -12.05 -26.77 -16.70
CA ASN A 57 -11.14 -26.45 -15.67
C ASN A 57 -11.52 -25.11 -14.97
N SER A 58 -10.73 -24.68 -14.03
CA SER A 58 -10.95 -23.42 -13.33
C SER A 58 -11.02 -22.10 -14.20
N ASN A 59 -10.49 -22.12 -15.45
CA ASN A 59 -10.59 -21.01 -16.41
C ASN A 59 -11.84 -21.06 -17.31
N THR A 60 -12.64 -22.14 -17.25
CA THR A 60 -13.77 -22.31 -18.11
C THR A 60 -14.85 -21.25 -17.75
N ILE A 61 -15.25 -20.49 -18.78
CA ILE A 61 -16.33 -19.53 -18.68
C ILE A 61 -17.66 -20.16 -19.15
N PHE A 62 -18.66 -20.13 -18.26
CA PHE A 62 -20.02 -20.64 -18.54
C PHE A 62 -21.03 -19.48 -18.54
N GLU A 63 -22.16 -19.66 -19.24
CA GLU A 63 -23.33 -18.73 -19.21
C GLU A 63 -24.16 -19.04 -17.95
N LEU A 64 -24.43 -18.01 -17.15
CA LEU A 64 -25.20 -18.19 -15.96
C LEU A 64 -26.69 -18.13 -16.20
N GLY A 65 -27.15 -17.68 -17.36
CA GLY A 65 -28.64 -17.55 -17.55
C GLY A 65 -29.27 -16.67 -16.47
N SER A 66 -30.43 -17.07 -15.96
CA SER A 66 -31.18 -16.29 -14.94
C SER A 66 -30.46 -16.10 -13.62
N VAL A 67 -29.36 -16.82 -13.38
CA VAL A 67 -28.49 -16.46 -12.24
C VAL A 67 -27.90 -15.06 -12.37
N SER A 68 -27.80 -14.54 -13.59
CA SER A 68 -27.45 -13.16 -13.80
C SER A 68 -28.37 -12.21 -13.03
N LYS A 69 -29.62 -12.61 -12.73
CA LYS A 69 -30.53 -11.73 -11.99
C LYS A 69 -30.00 -11.39 -10.61
N LEU A 70 -29.19 -12.26 -10.06
CA LEU A 70 -28.60 -11.98 -8.74
C LEU A 70 -27.61 -10.82 -8.80
N PHE A 71 -26.88 -10.69 -9.91
CA PHE A 71 -26.01 -9.59 -10.13
C PHE A 71 -26.82 -8.30 -10.34
N THR A 72 -27.94 -8.38 -11.04
CA THR A 72 -28.81 -7.22 -11.28
C THR A 72 -29.37 -6.64 -9.98
N ALA A 73 -29.83 -7.53 -9.14
CA ALA A 73 -30.30 -7.24 -7.79
C ALA A 73 -29.23 -6.66 -6.94
N THR A 74 -28.02 -7.23 -6.96
CA THR A 74 -26.90 -6.69 -6.16
C THR A 74 -26.62 -5.28 -6.64
N ALA A 75 -26.62 -5.10 -7.95
CA ALA A 75 -26.40 -3.77 -8.55
C ALA A 75 -27.45 -2.75 -8.08
N GLY A 76 -28.68 -3.20 -7.93
CA GLY A 76 -29.76 -2.34 -7.48
C GLY A 76 -29.57 -1.99 -6.00
N GLY A 77 -29.21 -2.99 -5.21
CA GLY A 77 -28.89 -2.81 -3.80
C GLY A 77 -27.76 -1.79 -3.56
N TYR A 78 -26.77 -1.79 -4.44
CA TYR A 78 -25.65 -0.87 -4.37
C TYR A 78 -26.06 0.57 -4.72
N ALA A 79 -26.95 0.70 -5.69
CA ALA A 79 -27.47 2.02 -6.09
C ALA A 79 -28.46 2.55 -5.02
N LYS A 80 -29.26 1.69 -4.40
CA LYS A 80 -30.11 2.11 -3.26
C LYS A 80 -29.29 2.57 -2.08
N ASN A 81 -28.09 2.02 -1.90
CA ASN A 81 -27.25 2.46 -0.79
C ASN A 81 -26.32 3.65 -1.05
N LYS A 82 -25.85 3.88 -2.27
CA LYS A 82 -25.24 5.18 -2.64
C LYS A 82 -26.26 6.35 -2.83
N GLY A 83 -27.51 6.18 -2.40
CA GLY A 83 -28.57 7.18 -2.59
C GLY A 83 -29.02 7.46 -4.02
N LYS A 84 -28.63 6.62 -4.98
CA LYS A 84 -28.84 6.90 -6.40
C LYS A 84 -30.27 6.58 -6.82
N ILE A 85 -30.95 5.68 -6.08
CA ILE A 85 -32.32 5.30 -6.34
C ILE A 85 -33.03 4.95 -5.06
N SER A 86 -34.36 4.91 -5.11
CA SER A 86 -35.18 4.40 -4.05
C SER A 86 -36.11 3.37 -4.65
N PHE A 87 -36.39 2.32 -3.88
CA PHE A 87 -37.28 1.25 -4.27
C PHE A 87 -38.79 1.63 -4.28
N ASP A 88 -39.11 2.82 -3.77
CA ASP A 88 -40.45 3.39 -3.94
C ASP A 88 -40.56 4.32 -5.16
N ASP A 89 -39.42 4.74 -5.73
CA ASP A 89 -39.37 5.49 -7.00
C ASP A 89 -39.99 4.74 -8.17
N THR A 90 -40.09 5.46 -9.29
CA THR A 90 -40.64 4.90 -10.53
C THR A 90 -39.70 5.18 -11.67
N PRO A 91 -39.78 4.41 -12.77
CA PRO A 91 -38.78 4.51 -13.86
C PRO A 91 -38.67 5.83 -14.62
N GLY A 92 -39.76 6.63 -14.58
CA GLY A 92 -39.81 7.95 -15.20
C GLY A 92 -38.81 8.91 -14.62
N LYS A 93 -38.67 8.87 -13.30
CA LYS A 93 -37.66 9.65 -12.60
C LYS A 93 -36.25 9.48 -13.14
N TYR A 94 -36.02 8.37 -13.87
CA TYR A 94 -34.73 8.03 -14.49
C TYR A 94 -34.83 7.93 -16.02
N TRP A 95 -35.76 7.12 -16.52
CA TRP A 95 -36.05 7.09 -17.96
C TRP A 95 -37.04 8.23 -18.23
N LYS A 96 -36.50 9.44 -18.34
CA LYS A 96 -37.29 10.66 -18.55
C LYS A 96 -38.43 10.36 -19.53
N GLU A 97 -38.07 9.83 -20.70
CA GLU A 97 -39.03 9.33 -21.73
C GLU A 97 -40.31 8.55 -21.32
N LEU A 98 -40.48 8.05 -20.08
CA LEU A 98 -41.62 7.12 -19.76
C LEU A 98 -42.70 7.54 -18.72
N LYS A 99 -42.58 8.74 -18.13
CA LYS A 99 -43.67 9.47 -17.39
C LYS A 99 -45.14 9.22 -17.83
N ASN A 100 -46.08 9.31 -16.90
CA ASN A 100 -47.53 9.27 -17.22
C ASN A 100 -48.04 8.13 -18.12
N THR A 101 -47.20 7.12 -18.36
CA THR A 101 -47.61 5.93 -19.08
C THR A 101 -48.01 5.04 -17.92
N PRO A 102 -48.89 4.05 -18.15
CA PRO A 102 -49.26 3.11 -17.06
C PRO A 102 -48.11 2.39 -16.31
N ILE A 103 -46.86 2.52 -16.77
CA ILE A 103 -45.64 1.90 -16.18
C ILE A 103 -44.80 2.88 -15.31
N ASP A 104 -44.99 4.20 -15.43
CA ASP A 104 -44.40 5.13 -14.45
C ASP A 104 -45.19 5.17 -13.16
N GLN A 105 -46.25 4.37 -13.11
CA GLN A 105 -46.95 3.92 -11.91
C GLN A 105 -46.51 2.59 -11.22
N VAL A 106 -45.48 1.88 -11.70
CA VAL A 106 -45.03 0.63 -10.99
C VAL A 106 -43.74 1.00 -10.24
N ASN A 107 -43.52 0.52 -9.00
CA ASN A 107 -42.27 0.99 -8.27
C ASN A 107 -41.02 0.18 -8.72
N LEU A 108 -39.82 0.62 -8.39
CA LEU A 108 -38.63 -0.14 -8.79
C LEU A 108 -38.60 -1.53 -8.14
N LEU A 109 -39.12 -1.67 -6.91
CA LEU A 109 -39.18 -2.97 -6.20
C LEU A 109 -40.12 -3.96 -6.84
N GLN A 110 -41.27 -3.42 -7.26
CA GLN A 110 -42.24 -4.23 -7.94
C GLN A 110 -41.72 -4.74 -9.31
N LEU A 111 -40.99 -3.93 -10.05
CA LEU A 111 -40.33 -4.40 -11.29
C LEU A 111 -39.32 -5.55 -10.99
N ALA A 112 -38.45 -5.26 -10.03
CA ALA A 112 -37.45 -6.21 -9.55
C ALA A 112 -37.96 -7.51 -9.01
N THR A 113 -39.16 -7.50 -8.41
CA THR A 113 -39.80 -8.64 -7.85
C THR A 113 -41.11 -9.19 -8.58
N TYR A 114 -41.23 -8.85 -9.85
CA TYR A 114 -42.11 -9.53 -10.83
C TYR A 114 -43.63 -9.27 -10.63
N THR A 115 -43.99 -8.14 -10.02
CA THR A 115 -45.42 -7.92 -9.59
C THR A 115 -46.11 -6.69 -10.16
N SER A 116 -45.58 -6.15 -11.27
CA SER A 116 -46.38 -5.30 -12.18
C SER A 116 -47.81 -5.82 -12.49
N GLY A 117 -48.05 -7.13 -12.43
CA GLY A 117 -49.40 -7.72 -12.68
C GLY A 117 -49.81 -7.93 -14.13
N ASN A 118 -48.95 -7.55 -15.06
CA ASN A 118 -49.07 -7.97 -16.45
C ASN A 118 -47.72 -7.99 -17.21
N LEU A 119 -46.77 -8.80 -16.76
CA LEU A 119 -45.51 -8.92 -17.52
C LEU A 119 -45.17 -10.37 -17.59
N ALA A 120 -44.89 -10.81 -18.81
CA ALA A 120 -44.73 -12.20 -19.13
C ALA A 120 -43.21 -12.54 -18.96
N LEU A 121 -42.89 -13.82 -19.00
CA LEU A 121 -41.50 -14.34 -19.02
C LEU A 121 -40.62 -13.69 -20.04
N GLN A 122 -41.11 -13.53 -21.28
CA GLN A 122 -40.27 -12.94 -22.33
C GLN A 122 -40.90 -11.75 -23.05
N PHE A 123 -40.09 -10.85 -23.60
CA PHE A 123 -40.57 -9.93 -24.59
C PHE A 123 -41.15 -10.75 -25.79
N PRO A 124 -41.98 -10.10 -26.63
CA PRO A 124 -42.37 -10.80 -27.87
C PRO A 124 -41.21 -10.77 -28.86
N ASP A 125 -41.12 -11.76 -29.75
CA ASP A 125 -39.93 -11.87 -30.61
C ASP A 125 -39.61 -10.59 -31.42
N GLU A 126 -40.63 -9.90 -31.95
CA GLU A 126 -40.44 -8.68 -32.71
C GLU A 126 -39.67 -7.58 -32.01
N VAL A 127 -39.78 -7.52 -30.67
CA VAL A 127 -39.01 -6.56 -29.88
C VAL A 127 -37.51 -6.91 -29.86
N GLN A 128 -36.67 -6.04 -30.46
CA GLN A 128 -35.20 -6.25 -30.57
C GLN A 128 -34.31 -5.02 -30.36
N THR A 129 -34.62 -3.91 -31.03
CA THR A 129 -33.78 -2.70 -30.97
C THR A 129 -34.11 -1.95 -29.71
N ASP A 130 -33.21 -1.05 -29.31
CA ASP A 130 -33.49 -0.10 -28.23
C ASP A 130 -34.82 0.62 -28.47
N GLN A 131 -35.07 1.01 -29.72
CA GLN A 131 -36.28 1.76 -30.07
C GLN A 131 -37.55 0.92 -29.94
N GLN A 132 -37.52 -0.37 -30.19
CA GLN A 132 -38.71 -1.21 -29.96
C GLN A 132 -38.98 -1.56 -28.47
N VAL A 133 -37.95 -1.39 -27.64
CA VAL A 133 -38.05 -1.67 -26.19
C VAL A 133 -38.68 -0.47 -25.49
N LEU A 134 -38.14 0.72 -25.83
CA LEU A 134 -38.68 2.03 -25.43
C LEU A 134 -40.15 2.24 -25.79
N THR A 135 -40.52 1.69 -26.95
CA THR A 135 -41.88 1.67 -27.45
C THR A 135 -42.78 0.66 -26.72
N PHE A 136 -42.25 -0.51 -26.34
CA PHE A 136 -43.08 -1.61 -25.75
C PHE A 136 -43.67 -1.27 -24.38
N PHE A 137 -42.97 -0.43 -23.61
CA PHE A 137 -43.35 -0.21 -22.20
C PHE A 137 -44.44 0.90 -22.09
N LYS A 138 -44.42 1.83 -23.03
CA LYS A 138 -45.47 2.84 -23.20
C LYS A 138 -46.87 2.28 -23.42
N ASP A 139 -46.96 1.23 -24.23
CA ASP A 139 -48.24 0.61 -24.55
C ASP A 139 -48.75 -0.30 -23.43
N TRP A 140 -47.90 -0.56 -22.42
CA TRP A 140 -48.20 -1.48 -21.31
C TRP A 140 -49.46 -1.01 -20.54
N LYS A 141 -50.31 -1.97 -20.13
CA LYS A 141 -51.54 -1.73 -19.40
C LYS A 141 -51.69 -2.82 -18.32
N PRO A 142 -52.38 -2.52 -17.22
CA PRO A 142 -52.43 -3.50 -16.12
C PRO A 142 -53.43 -4.58 -16.37
N LYS A 143 -53.45 -5.60 -15.52
CA LYS A 143 -54.46 -6.67 -15.66
C LYS A 143 -54.83 -7.15 -14.27
N ASN A 144 -53.82 -7.62 -13.55
CA ASN A 144 -54.00 -7.90 -12.17
C ASN A 144 -53.76 -6.57 -11.42
N PRO A 145 -54.34 -6.44 -10.20
CA PRO A 145 -53.99 -5.36 -9.28
C PRO A 145 -52.46 -5.44 -8.98
N ILE A 146 -51.79 -4.36 -9.32
CA ILE A 146 -50.39 -4.22 -9.06
C ILE A 146 -50.07 -4.66 -7.63
N GLY A 147 -49.13 -5.59 -7.52
CA GLY A 147 -48.44 -5.81 -6.32
C GLY A 147 -48.96 -7.07 -5.77
N GLU A 148 -50.08 -7.57 -6.31
CA GLU A 148 -50.72 -8.71 -5.70
C GLU A 148 -50.28 -10.02 -6.28
N TYR A 149 -49.88 -10.03 -7.55
CA TYR A 149 -49.64 -11.27 -8.34
C TYR A 149 -48.16 -11.39 -8.77
N ARG A 150 -47.57 -12.53 -8.47
CA ARG A 150 -46.23 -12.75 -9.01
C ARG A 150 -46.33 -13.57 -10.31
N GLN A 151 -45.74 -13.00 -11.34
CA GLN A 151 -45.37 -13.65 -12.63
C GLN A 151 -43.88 -13.45 -13.02
N TYR A 152 -43.06 -14.47 -12.83
CA TYR A 152 -41.61 -14.37 -13.19
C TYR A 152 -41.33 -13.81 -14.59
N SER A 153 -40.45 -12.83 -14.72
CA SER A 153 -40.35 -12.00 -15.94
C SER A 153 -39.02 -11.30 -16.32
N ASN A 154 -38.45 -11.65 -17.49
CA ASN A 154 -37.30 -10.93 -18.03
C ASN A 154 -37.45 -9.44 -18.28
N PRO A 155 -38.55 -9.00 -18.98
CA PRO A 155 -38.74 -7.57 -19.09
C PRO A 155 -38.85 -6.84 -17.73
N SER A 156 -39.48 -7.44 -16.74
CA SER A 156 -39.75 -6.78 -15.41
C SER A 156 -38.41 -6.39 -14.75
N ILE A 157 -37.61 -7.40 -14.45
CA ILE A 157 -36.26 -7.15 -13.92
C ILE A 157 -35.28 -6.58 -14.90
N GLY A 158 -35.45 -6.86 -16.19
CA GLY A 158 -34.64 -6.10 -17.13
C GLY A 158 -34.83 -4.59 -17.12
N LEU A 159 -36.09 -4.16 -16.99
CA LEU A 159 -36.36 -2.72 -16.89
C LEU A 159 -35.74 -2.13 -15.61
N PHE A 160 -35.91 -2.83 -14.48
CA PHE A 160 -35.18 -2.51 -13.21
C PHE A 160 -33.70 -2.30 -13.46
N GLY A 161 -33.08 -3.28 -14.16
CA GLY A 161 -31.71 -3.13 -14.55
C GLY A 161 -31.30 -1.89 -15.33
N LYS A 162 -32.02 -1.57 -16.41
CA LYS A 162 -31.71 -0.36 -17.19
C LYS A 162 -31.85 0.94 -16.36
N VAL A 163 -32.86 0.96 -15.50
CA VAL A 163 -33.18 2.08 -14.56
C VAL A 163 -32.11 2.20 -13.49
N VAL A 164 -31.66 1.07 -12.92
CA VAL A 164 -30.47 1.06 -12.04
C VAL A 164 -29.29 1.67 -12.77
N ALA A 165 -29.12 1.32 -14.04
CA ALA A 165 -27.93 1.81 -14.78
C ALA A 165 -28.02 3.32 -15.10
N LEU A 166 -29.21 3.78 -15.46
CA LEU A 166 -29.44 5.22 -15.68
C LEU A 166 -29.06 6.08 -14.47
N SER A 167 -29.37 5.56 -13.28
CA SER A 167 -29.09 6.22 -12.00
C SER A 167 -27.61 6.37 -11.70
N MET A 168 -26.82 5.37 -12.07
CA MET A 168 -25.37 5.46 -11.96
C MET A 168 -24.72 6.14 -13.16
N ASN A 169 -25.52 6.56 -14.15
CA ASN A 169 -25.05 7.29 -15.34
C ASN A 169 -24.16 6.47 -16.28
N LYS A 170 -24.31 5.14 -16.25
CA LYS A 170 -23.46 4.21 -16.98
C LYS A 170 -24.29 3.12 -17.66
N PRO A 171 -23.82 2.65 -18.82
CA PRO A 171 -24.58 1.56 -19.37
C PRO A 171 -24.39 0.31 -18.45
N PHE A 172 -25.45 -0.47 -18.35
CA PHE A 172 -25.51 -1.60 -17.45
C PHE A 172 -24.24 -2.47 -17.49
N ASP A 173 -23.70 -2.76 -18.66
CA ASP A 173 -22.51 -3.59 -18.74
C ASP A 173 -21.31 -3.02 -17.97
N GLN A 174 -21.15 -1.69 -17.99
CA GLN A 174 -20.04 -1.07 -17.25
C GLN A 174 -20.33 -1.03 -15.76
N VAL A 175 -21.58 -1.03 -15.33
CA VAL A 175 -21.93 -1.05 -13.90
C VAL A 175 -21.44 -2.37 -13.27
N LEU A 176 -21.73 -3.49 -13.93
CA LEU A 176 -21.18 -4.78 -13.53
C LEU A 176 -19.67 -4.92 -13.69
N GLU A 177 -19.13 -4.66 -14.87
CA GLU A 177 -17.73 -4.94 -15.12
C GLU A 177 -16.79 -3.96 -14.43
N LYS A 178 -17.20 -2.69 -14.22
CA LYS A 178 -16.35 -1.69 -13.55
C LYS A 178 -16.64 -1.45 -12.08
N THR A 179 -17.88 -1.66 -11.66
CA THR A 179 -18.25 -1.36 -10.29
C THR A 179 -18.57 -2.62 -9.54
N ILE A 180 -19.57 -3.37 -10.00
CA ILE A 180 -20.02 -4.53 -9.18
C ILE A 180 -19.01 -5.69 -9.13
N PHE A 181 -18.58 -6.18 -10.28
CA PHE A 181 -17.67 -7.34 -10.25
C PHE A 181 -16.38 -7.07 -9.46
N PRO A 182 -15.72 -5.90 -9.68
CA PRO A 182 -14.49 -5.65 -8.91
C PRO A 182 -14.70 -5.56 -7.39
N ALA A 183 -15.81 -4.95 -6.99
CA ALA A 183 -16.17 -4.89 -5.55
C ALA A 183 -16.40 -6.26 -4.89
N LEU A 184 -16.88 -7.24 -5.69
CA LEU A 184 -17.03 -8.66 -5.28
C LEU A 184 -15.74 -9.50 -5.43
N GLY A 185 -14.64 -8.89 -5.89
CA GLY A 185 -13.39 -9.58 -6.15
C GLY A 185 -13.48 -10.63 -7.26
N LEU A 186 -14.38 -10.45 -8.22
CA LEU A 186 -14.53 -11.38 -9.34
C LEU A 186 -13.54 -10.97 -10.41
N LYS A 187 -12.77 -11.90 -10.94
CA LYS A 187 -11.75 -11.53 -11.95
C LYS A 187 -12.03 -12.05 -13.37
N HIS A 188 -12.95 -13.01 -13.55
CA HIS A 188 -13.25 -13.51 -14.88
C HIS A 188 -14.77 -13.64 -15.04
N SER A 189 -15.47 -12.59 -14.67
CA SER A 189 -16.94 -12.57 -14.84
C SER A 189 -17.19 -11.39 -15.79
N TYR A 190 -18.09 -11.59 -16.75
CA TYR A 190 -18.28 -10.69 -17.91
C TYR A 190 -19.73 -10.62 -18.32
N VAL A 191 -20.20 -9.47 -18.78
CA VAL A 191 -21.35 -9.32 -19.63
C VAL A 191 -20.86 -9.55 -21.06
N ASN A 192 -19.74 -8.95 -21.47
CA ASN A 192 -19.16 -9.29 -22.83
C ASN A 192 -17.79 -9.91 -22.63
N VAL A 193 -17.63 -11.14 -23.11
CA VAL A 193 -16.35 -11.81 -22.90
C VAL A 193 -15.32 -11.23 -23.87
N PRO A 194 -14.23 -10.66 -23.38
CA PRO A 194 -13.23 -10.14 -24.34
C PRO A 194 -12.53 -11.21 -25.13
N LYS A 195 -11.84 -10.72 -26.17
CA LYS A 195 -11.04 -11.48 -27.09
C LYS A 195 -10.02 -12.35 -26.37
N THR A 196 -9.34 -11.76 -25.39
CA THR A 196 -8.30 -12.49 -24.64
C THR A 196 -8.79 -13.72 -23.87
N GLN A 197 -10.11 -13.80 -23.66
CA GLN A 197 -10.75 -14.87 -22.91
C GLN A 197 -11.64 -15.79 -23.75
N MET A 198 -11.79 -15.54 -25.05
CA MET A 198 -12.68 -16.37 -25.87
C MET A 198 -12.30 -17.86 -25.92
N GLN A 199 -11.00 -18.16 -25.89
CA GLN A 199 -10.54 -19.54 -25.83
C GLN A 199 -11.02 -20.27 -24.52
N ASN A 200 -11.38 -19.51 -23.49
CA ASN A 200 -11.91 -20.06 -22.23
C ASN A 200 -13.43 -20.14 -22.16
N TYR A 201 -14.16 -19.56 -23.11
CA TYR A 201 -15.64 -19.59 -23.11
C TYR A 201 -16.09 -20.89 -23.68
N ALA A 202 -16.76 -21.68 -22.89
CA ALA A 202 -17.27 -22.96 -23.30
C ALA A 202 -18.29 -22.81 -24.43
N PHE A 203 -18.42 -23.88 -25.23
CA PHE A 203 -19.63 -24.06 -25.97
C PHE A 203 -20.73 -24.55 -25.05
N GLY A 204 -21.93 -24.00 -25.23
CA GLY A 204 -23.16 -24.64 -24.77
C GLY A 204 -23.57 -25.66 -25.82
N TYR A 205 -24.41 -26.57 -25.40
CA TYR A 205 -24.91 -27.63 -26.24
C TYR A 205 -26.43 -27.74 -26.11
N ASN A 206 -27.15 -27.73 -27.26
CA ASN A 206 -28.62 -27.68 -27.24
C ASN A 206 -29.10 -29.08 -27.05
N GLN A 207 -30.41 -29.35 -27.17
CA GLN A 207 -30.91 -30.72 -26.95
C GLN A 207 -30.61 -31.60 -28.15
N GLU A 208 -30.10 -31.05 -29.26
CA GLU A 208 -29.58 -31.91 -30.36
C GLU A 208 -28.03 -32.05 -30.33
N ASN A 209 -27.43 -31.79 -29.17
CA ASN A 209 -25.99 -31.74 -28.94
C ASN A 209 -25.18 -30.92 -29.95
N GLN A 210 -25.78 -29.86 -30.50
CA GLN A 210 -25.04 -28.85 -31.30
C GLN A 210 -24.49 -27.76 -30.45
N PRO A 211 -23.24 -27.34 -30.74
CA PRO A 211 -22.58 -26.28 -30.02
C PRO A 211 -23.26 -24.92 -30.32
N ILE A 212 -23.57 -24.19 -29.26
CA ILE A 212 -24.25 -22.89 -29.34
C ILE A 212 -23.78 -22.00 -28.21
N ARG A 213 -23.98 -20.69 -28.39
CA ARG A 213 -23.81 -19.69 -27.33
C ARG A 213 -25.03 -18.77 -27.41
N VAL A 214 -25.18 -17.93 -26.38
CA VAL A 214 -26.37 -17.13 -26.23
C VAL A 214 -26.50 -16.05 -27.33
N ASN A 215 -27.72 -15.84 -27.80
CA ASN A 215 -28.03 -14.86 -28.85
C ASN A 215 -28.27 -13.50 -28.21
N PRO A 216 -27.74 -12.39 -28.79
CA PRO A 216 -28.17 -11.06 -28.29
C PRO A 216 -29.71 -10.92 -28.31
N GLY A 217 -30.32 -10.28 -27.31
CA GLY A 217 -31.78 -10.13 -27.19
C GLY A 217 -32.09 -8.86 -26.42
N PRO A 218 -33.36 -8.41 -26.40
CA PRO A 218 -33.65 -7.16 -25.69
C PRO A 218 -33.44 -7.22 -24.16
N LEU A 219 -32.74 -6.23 -23.63
CA LEU A 219 -32.35 -6.14 -22.21
C LEU A 219 -31.85 -7.51 -21.68
N ASP A 220 -30.97 -8.11 -22.49
CA ASP A 220 -30.42 -9.41 -22.14
C ASP A 220 -29.45 -9.36 -20.94
N ALA A 221 -28.62 -8.33 -20.82
CA ALA A 221 -27.57 -8.33 -19.78
C ALA A 221 -28.15 -8.41 -18.36
N PRO A 222 -29.14 -7.56 -18.06
CA PRO A 222 -29.67 -7.64 -16.73
C PRO A 222 -30.51 -8.86 -16.41
N ALA A 223 -31.09 -9.54 -17.41
CA ALA A 223 -31.98 -10.67 -17.21
C ALA A 223 -31.31 -12.08 -17.26
N TYR A 224 -30.31 -12.23 -18.12
CA TYR A 224 -29.64 -13.49 -18.30
C TYR A 224 -28.29 -13.39 -19.00
N GLY A 225 -27.61 -12.27 -18.94
CA GLY A 225 -26.44 -12.12 -19.80
C GLY A 225 -25.07 -12.17 -19.19
N VAL A 226 -24.91 -12.75 -17.98
CA VAL A 226 -23.59 -12.79 -17.36
C VAL A 226 -22.92 -14.14 -17.59
N LYS A 227 -21.61 -14.12 -17.77
CA LYS A 227 -20.81 -15.33 -17.90
C LYS A 227 -19.77 -15.30 -16.81
N SER A 228 -19.47 -16.48 -16.23
CA SER A 228 -18.51 -16.58 -15.15
C SER A 228 -17.83 -17.93 -15.05
N THR A 229 -16.86 -18.03 -14.18
CA THR A 229 -16.11 -19.25 -13.93
C THR A 229 -16.51 -19.86 -12.55
N LEU A 230 -16.12 -21.11 -12.26
CA LEU A 230 -16.47 -21.70 -11.00
C LEU A 230 -15.76 -20.95 -9.84
N PRO A 231 -14.46 -20.58 -10.02
CA PRO A 231 -13.83 -19.87 -8.88
C PRO A 231 -14.56 -18.55 -8.55
N ASP A 232 -14.96 -17.84 -9.57
CA ASP A 232 -15.70 -16.60 -9.40
C ASP A 232 -17.05 -16.80 -8.72
N MET A 233 -17.79 -17.82 -9.14
CA MET A 233 -19.06 -18.01 -8.49
C MET A 233 -18.90 -18.42 -7.04
N LEU A 234 -17.81 -19.12 -6.72
CA LEU A 234 -17.56 -19.53 -5.35
C LEU A 234 -17.22 -18.27 -4.52
N SER A 235 -16.58 -17.31 -5.15
CA SER A 235 -16.31 -16.05 -4.49
C SER A 235 -17.59 -15.27 -4.26
N PHE A 236 -18.46 -15.26 -5.26
CA PHE A 236 -19.81 -14.68 -5.08
C PHE A 236 -20.60 -15.29 -3.95
N ILE A 237 -20.54 -16.62 -3.82
CA ILE A 237 -21.18 -17.29 -2.70
C ILE A 237 -20.53 -16.93 -1.37
N HIS A 238 -19.18 -16.89 -1.38
CA HIS A 238 -18.44 -16.46 -0.20
C HIS A 238 -18.92 -15.10 0.33
N ALA A 239 -19.02 -14.12 -0.56
CA ALA A 239 -19.48 -12.79 -0.23
C ALA A 239 -20.94 -12.79 0.29
N ASN A 240 -21.78 -13.65 -0.29
CA ASN A 240 -23.13 -13.80 0.24
C ASN A 240 -23.18 -14.43 1.62
N LEU A 241 -22.28 -15.37 1.88
CA LEU A 241 -22.18 -16.00 3.18
C LEU A 241 -21.54 -15.07 4.21
N ASN A 242 -20.70 -14.10 3.76
CA ASN A 242 -19.92 -13.09 4.60
C ASN A 242 -19.84 -11.64 4.13
N PRO A 243 -20.94 -10.97 4.01
CA PRO A 243 -20.75 -9.63 3.50
C PRO A 243 -19.93 -8.65 4.43
N GLN A 244 -19.80 -8.99 5.73
CA GLN A 244 -19.06 -8.17 6.73
C GLN A 244 -17.62 -7.82 6.33
N LYS A 245 -16.95 -8.69 5.62
CA LYS A 245 -15.56 -8.49 5.20
C LYS A 245 -15.38 -7.57 3.97
N TYR A 246 -16.47 -7.15 3.32
CA TYR A 246 -16.36 -6.55 2.03
C TYR A 246 -16.56 -5.04 2.19
N PRO A 247 -16.13 -4.27 1.19
CA PRO A 247 -16.41 -2.86 1.26
C PRO A 247 -17.86 -2.54 1.65
N THR A 248 -18.07 -1.53 2.49
CA THR A 248 -19.39 -1.27 3.10
C THR A 248 -20.49 -1.04 2.05
N ASP A 249 -20.15 -0.42 0.91
CA ASP A 249 -21.04 -0.20 -0.19
C ASP A 249 -21.63 -1.57 -0.71
N ILE A 250 -20.74 -2.54 -0.92
CA ILE A 250 -21.13 -3.83 -1.47
C ILE A 250 -21.74 -4.72 -0.40
N GLN A 251 -21.28 -4.64 0.85
CA GLN A 251 -21.93 -5.22 1.97
C GLN A 251 -23.42 -4.87 2.10
N ARG A 252 -23.70 -3.58 2.12
CA ARG A 252 -25.06 -3.03 2.06
C ARG A 252 -25.87 -3.65 0.89
N ALA A 253 -25.26 -3.64 -0.28
CA ALA A 253 -25.90 -4.14 -1.51
C ALA A 253 -26.30 -5.59 -1.35
N ILE A 254 -25.36 -6.40 -0.82
CA ILE A 254 -25.62 -7.80 -0.51
C ILE A 254 -26.71 -8.07 0.52
N ASN A 255 -26.69 -7.35 1.66
CA ASN A 255 -27.76 -7.51 2.64
C ASN A 255 -29.13 -7.15 2.07
N GLU A 256 -29.20 -6.12 1.26
CA GLU A 256 -30.40 -5.76 0.55
C GLU A 256 -31.01 -6.92 -0.27
N THR A 257 -30.18 -7.81 -0.85
CA THR A 257 -30.70 -8.88 -1.66
C THR A 257 -31.13 -10.04 -0.89
N HIS A 258 -30.80 -10.08 0.39
CA HIS A 258 -31.24 -11.11 1.27
C HIS A 258 -32.61 -10.85 1.96
N GLN A 259 -33.17 -9.65 1.88
CA GLN A 259 -34.40 -9.33 2.63
C GLN A 259 -35.63 -9.86 1.86
N GLY A 260 -36.37 -10.74 2.47
CA GLY A 260 -37.64 -11.25 1.90
C GLY A 260 -38.64 -10.11 1.77
N ARG A 261 -39.37 -10.10 0.68
CA ARG A 261 -40.27 -8.99 0.38
C ARG A 261 -41.71 -9.43 0.47
N TYR A 262 -41.99 -10.67 0.10
CA TYR A 262 -43.33 -11.27 0.16
C TYR A 262 -43.18 -12.73 0.02
N GLN A 263 -44.29 -13.46 0.28
CA GLN A 263 -44.38 -14.89 0.20
C GLN A 263 -45.25 -15.32 -1.01
N VAL A 264 -44.96 -16.52 -1.50
CA VAL A 264 -45.83 -17.31 -2.34
C VAL A 264 -45.72 -18.68 -1.78
N ASN A 265 -46.70 -19.01 -0.95
CA ASN A 265 -46.64 -20.13 -0.07
C ASN A 265 -45.27 -20.16 0.68
N THR A 266 -44.58 -21.31 0.72
CA THR A 266 -43.27 -21.49 1.34
C THR A 266 -42.06 -20.75 0.71
N MET A 267 -42.22 -20.11 -0.43
CA MET A 267 -41.14 -19.39 -1.07
C MET A 267 -41.23 -17.95 -0.68
N TYR A 268 -40.13 -17.39 -0.20
CA TYR A 268 -40.06 -15.94 0.01
C TYR A 268 -39.27 -15.38 -1.12
N GLN A 269 -39.77 -14.31 -1.73
CA GLN A 269 -39.07 -13.56 -2.76
C GLN A 269 -38.23 -12.45 -2.16
N ALA A 270 -36.92 -12.52 -2.42
CA ALA A 270 -36.01 -11.50 -2.01
C ALA A 270 -35.64 -10.80 -3.27
N LEU A 271 -34.55 -10.06 -3.29
CA LEU A 271 -34.17 -9.37 -4.50
C LEU A 271 -33.25 -10.29 -5.29
N GLY A 272 -33.76 -10.83 -6.39
CA GLY A 272 -33.04 -11.86 -7.16
C GLY A 272 -33.12 -13.22 -6.51
N TRP A 273 -32.60 -13.38 -5.30
CA TRP A 273 -32.68 -14.65 -4.62
C TRP A 273 -34.09 -15.06 -4.21
N GLU A 274 -34.26 -16.37 -4.22
CA GLU A 274 -35.37 -17.03 -3.57
C GLU A 274 -34.95 -17.45 -2.19
N GLU A 275 -35.78 -17.17 -1.19
CA GLU A 275 -35.46 -17.43 0.25
C GLU A 275 -36.36 -18.46 0.85
N PHE A 276 -35.82 -19.33 1.70
CA PHE A 276 -36.59 -20.33 2.41
C PHE A 276 -36.26 -20.39 3.87
N SER A 277 -37.23 -20.90 4.65
CA SER A 277 -36.91 -21.29 6.03
C SER A 277 -35.99 -22.54 5.99
N TYR A 278 -34.91 -22.54 6.78
CA TYR A 278 -33.99 -23.69 6.94
C TYR A 278 -34.16 -24.42 8.28
N PRO A 279 -34.19 -25.77 8.33
CA PRO A 279 -34.02 -26.63 7.15
C PRO A 279 -35.27 -26.61 6.29
N ALA A 280 -35.11 -26.76 4.99
CA ALA A 280 -36.25 -26.83 4.09
C ALA A 280 -36.36 -28.27 3.65
N THR A 281 -37.59 -28.71 3.41
CA THR A 281 -37.80 -30.02 2.79
C THR A 281 -37.42 -29.92 1.29
N LEU A 282 -36.97 -31.02 0.73
CA LEU A 282 -36.71 -31.10 -0.71
C LEU A 282 -37.85 -30.56 -1.57
N GLN A 283 -39.05 -31.05 -1.28
CA GLN A 283 -40.21 -30.57 -2.02
C GLN A 283 -40.46 -29.10 -1.96
N THR A 284 -40.21 -28.43 -0.80
CA THR A 284 -40.32 -26.99 -0.80
C THR A 284 -39.38 -26.34 -1.88
N LEU A 285 -38.13 -26.82 -1.93
CA LEU A 285 -37.13 -26.25 -2.89
C LEU A 285 -37.56 -26.52 -4.36
N LEU A 286 -38.04 -27.72 -4.61
CA LEU A 286 -38.58 -28.11 -5.95
C LEU A 286 -39.77 -27.31 -6.36
N ASP A 287 -40.66 -26.98 -5.42
CA ASP A 287 -41.85 -26.12 -5.69
C ASP A 287 -41.57 -24.76 -6.25
N SER A 288 -40.44 -24.16 -5.80
CA SER A 288 -40.03 -22.85 -6.29
C SER A 288 -39.74 -22.91 -7.77
N ASN A 289 -39.46 -24.10 -8.29
CA ASN A 289 -39.20 -24.25 -9.70
C ASN A 289 -40.29 -25.03 -10.46
N SER A 290 -41.44 -25.28 -9.84
CA SER A 290 -42.61 -25.92 -10.49
C SER A 290 -43.20 -25.02 -11.58
N GLU A 291 -43.96 -25.64 -12.49
CA GLU A 291 -44.65 -24.88 -13.56
C GLU A 291 -45.57 -23.82 -12.91
N GLN A 292 -46.22 -24.21 -11.84
CA GLN A 292 -47.16 -23.36 -11.07
C GLN A 292 -46.41 -22.06 -10.75
N ILE A 293 -45.24 -22.19 -10.10
CA ILE A 293 -44.48 -21.00 -9.64
C ILE A 293 -43.81 -20.21 -10.77
N VAL A 294 -43.10 -20.89 -11.70
CA VAL A 294 -42.25 -20.23 -12.72
C VAL A 294 -43.02 -19.66 -13.92
N MET A 295 -44.07 -20.38 -14.35
CA MET A 295 -44.72 -20.07 -15.64
C MET A 295 -46.10 -19.38 -15.54
N LYS A 296 -46.80 -19.50 -14.41
CA LYS A 296 -48.14 -18.93 -14.20
C LYS A 296 -48.13 -17.73 -13.20
N PRO A 297 -49.15 -16.86 -13.26
CA PRO A 297 -49.41 -15.90 -12.15
C PRO A 297 -49.76 -16.56 -10.85
N ASN A 298 -49.24 -16.00 -9.75
CA ASN A 298 -49.60 -16.46 -8.45
C ASN A 298 -49.81 -15.25 -7.54
N LYS A 299 -50.85 -15.31 -6.72
CA LYS A 299 -51.16 -14.20 -5.87
C LYS A 299 -50.19 -14.27 -4.66
N VAL A 300 -49.51 -13.17 -4.39
CA VAL A 300 -48.64 -13.11 -3.19
C VAL A 300 -49.37 -12.93 -1.83
N THR A 301 -48.59 -12.94 -0.76
CA THR A 301 -49.06 -12.60 0.58
C THR A 301 -47.89 -11.96 1.29
N ALA A 302 -48.21 -11.18 2.33
CA ALA A 302 -47.17 -10.59 3.14
C ALA A 302 -46.47 -11.66 3.83
N ILE A 303 -45.22 -11.41 4.18
CA ILE A 303 -44.52 -12.37 5.00
C ILE A 303 -45.24 -12.40 6.31
N SER A 304 -45.53 -13.63 6.79
CA SER A 304 -46.14 -13.86 8.09
C SER A 304 -45.11 -14.43 9.07
N LYS A 305 -44.67 -15.68 8.84
CA LYS A 305 -43.49 -16.26 9.57
C LYS A 305 -42.19 -15.70 8.99
N GLU A 306 -41.48 -14.95 9.83
CA GLU A 306 -40.15 -14.44 9.48
C GLU A 306 -39.17 -15.57 9.89
N PRO A 307 -38.58 -16.29 8.92
CA PRO A 307 -37.78 -17.46 9.36
C PRO A 307 -36.54 -17.04 10.14
N SER A 308 -36.20 -17.81 11.15
CA SER A 308 -35.12 -17.50 12.04
C SER A 308 -33.80 -17.72 11.34
N VAL A 309 -33.72 -18.88 10.69
CA VAL A 309 -32.58 -19.32 9.90
C VAL A 309 -33.06 -19.52 8.45
N LYS A 310 -32.34 -18.94 7.49
CA LYS A 310 -32.76 -18.85 6.12
C LYS A 310 -31.80 -19.61 5.24
N MET A 311 -32.26 -20.02 4.09
CA MET A 311 -31.37 -20.46 2.98
C MET A 311 -31.83 -19.78 1.71
N TYR A 312 -30.98 -19.74 0.68
CA TYR A 312 -31.31 -18.99 -0.53
C TYR A 312 -30.84 -19.78 -1.73
N HIS A 313 -31.62 -19.75 -2.81
CA HIS A 313 -31.20 -20.38 -4.07
C HIS A 313 -31.67 -19.65 -5.30
N LYS A 314 -31.12 -20.05 -6.46
CA LYS A 314 -31.60 -19.60 -7.73
C LYS A 314 -31.08 -20.54 -8.82
N THR A 315 -31.97 -20.94 -9.72
CA THR A 315 -31.59 -21.66 -10.96
C THR A 315 -31.46 -20.66 -12.11
N GLY A 316 -30.76 -21.10 -13.16
CA GLY A 316 -30.58 -20.31 -14.31
C GLY A 316 -30.25 -21.20 -15.52
N SER A 317 -30.74 -20.78 -16.67
CA SER A 317 -30.53 -21.45 -17.93
C SER A 317 -30.40 -20.43 -19.09
N THR A 318 -29.50 -20.71 -20.04
CA THR A 318 -29.63 -20.22 -21.41
C THR A 318 -29.95 -21.45 -22.30
N SER A 319 -29.97 -21.31 -23.61
CA SER A 319 -30.31 -22.50 -24.38
C SER A 319 -29.27 -23.56 -24.23
N GLY A 320 -28.02 -23.16 -24.07
CA GLY A 320 -26.94 -24.13 -24.01
C GLY A 320 -26.42 -24.49 -22.65
N PHE A 321 -26.84 -23.78 -21.59
CA PHE A 321 -26.18 -23.90 -20.26
C PHE A 321 -27.17 -24.02 -19.11
N GLY A 322 -26.79 -24.80 -18.07
CA GLY A 322 -27.51 -24.86 -16.77
C GLY A 322 -26.63 -24.34 -15.58
N THR A 323 -27.26 -23.63 -14.63
CA THR A 323 -26.62 -23.12 -13.46
C THR A 323 -27.55 -23.26 -12.23
N TYR A 324 -26.94 -23.57 -11.06
CA TYR A 324 -27.65 -23.56 -9.79
C TYR A 324 -26.73 -23.06 -8.73
N VAL A 325 -27.27 -22.19 -7.86
CA VAL A 325 -26.49 -21.62 -6.76
C VAL A 325 -27.39 -21.67 -5.53
N VAL A 326 -26.83 -22.05 -4.38
CA VAL A 326 -27.58 -22.21 -3.08
C VAL A 326 -26.60 -21.92 -1.94
N PHE A 327 -27.05 -21.20 -0.91
CA PHE A 327 -26.19 -20.99 0.27
C PHE A 327 -27.06 -20.88 1.55
N ILE A 328 -26.45 -21.28 2.67
CA ILE A 328 -27.07 -21.33 3.97
C ILE A 328 -26.11 -20.65 5.00
N PRO A 329 -26.33 -19.35 5.29
CA PRO A 329 -25.48 -18.49 6.11
C PRO A 329 -25.01 -19.13 7.44
N LYS A 330 -25.91 -19.79 8.16
CA LYS A 330 -25.59 -20.25 9.49
C LYS A 330 -25.07 -21.68 9.57
N GLU A 331 -25.03 -22.40 8.45
CA GLU A 331 -24.13 -23.56 8.32
C GLU A 331 -22.81 -23.21 7.65
N ASN A 332 -22.64 -21.95 7.28
CA ASN A 332 -21.50 -21.42 6.55
C ASN A 332 -21.14 -22.30 5.34
N ILE A 333 -22.15 -22.67 4.55
CA ILE A 333 -21.94 -23.52 3.38
C ILE A 333 -22.73 -23.06 2.15
N GLY A 334 -22.23 -23.47 0.99
CA GLY A 334 -22.98 -23.21 -0.23
C GLY A 334 -22.44 -24.06 -1.36
N LEU A 335 -23.18 -24.10 -2.47
CA LEU A 335 -22.83 -24.91 -3.64
C LEU A 335 -23.18 -24.15 -4.91
N VAL A 336 -22.33 -24.34 -5.92
CA VAL A 336 -22.52 -23.85 -7.26
C VAL A 336 -22.38 -25.04 -8.24
N MET A 337 -23.30 -25.14 -9.19
CA MET A 337 -23.21 -26.13 -10.28
C MET A 337 -23.32 -25.34 -11.57
N LEU A 338 -22.44 -25.62 -12.49
CA LEU A 338 -22.47 -25.06 -13.82
C LEU A 338 -22.34 -26.21 -14.88
N THR A 339 -23.23 -26.24 -15.86
CA THR A 339 -23.16 -27.20 -16.95
C THR A 339 -23.28 -26.53 -18.28
N ASN A 340 -22.63 -27.15 -19.29
CA ASN A 340 -22.77 -26.68 -20.65
C ASN A 340 -23.75 -27.50 -21.48
N LYS A 341 -24.78 -27.87 -20.78
CA LYS A 341 -26.03 -28.38 -21.35
C LYS A 341 -27.04 -28.31 -20.21
N ARG A 342 -28.26 -27.90 -20.53
CA ARG A 342 -29.33 -27.84 -19.52
C ARG A 342 -29.60 -29.21 -19.04
N ILE A 343 -29.87 -29.35 -17.75
CA ILE A 343 -30.49 -30.53 -17.20
C ILE A 343 -31.70 -30.06 -16.40
N PRO A 344 -32.62 -31.00 -16.06
CA PRO A 344 -33.87 -30.50 -15.40
C PRO A 344 -33.55 -29.76 -14.08
N ASN A 345 -34.22 -28.66 -13.83
CA ASN A 345 -34.05 -27.84 -12.59
C ASN A 345 -34.15 -28.74 -11.36
N GLU A 346 -35.06 -29.70 -11.37
CA GLU A 346 -35.28 -30.57 -10.21
C GLU A 346 -34.06 -31.43 -9.90
N GLU A 347 -33.32 -31.81 -10.95
CA GLU A 347 -32.13 -32.58 -10.77
C GLU A 347 -31.00 -31.81 -10.12
N ARG A 348 -30.96 -30.57 -10.49
CA ARG A 348 -29.96 -29.66 -9.96
C ARG A 348 -30.17 -29.49 -8.43
N ILE A 349 -31.42 -29.16 -8.10
CA ILE A 349 -31.85 -28.88 -6.74
C ILE A 349 -31.66 -30.08 -5.85
N LYS A 350 -32.03 -31.28 -6.30
CA LYS A 350 -31.86 -32.49 -5.51
C LYS A 350 -30.45 -32.90 -5.23
N ALA A 351 -29.59 -32.91 -6.24
CA ALA A 351 -28.19 -33.30 -5.95
C ALA A 351 -27.58 -32.45 -4.86
N ALA A 352 -27.85 -31.14 -4.98
CA ALA A 352 -27.30 -30.12 -4.08
C ALA A 352 -27.80 -30.36 -2.72
N TYR A 353 -29.08 -30.71 -2.64
CA TYR A 353 -29.70 -31.11 -1.37
C TYR A 353 -29.05 -32.27 -0.61
N VAL A 354 -28.85 -33.40 -1.27
CA VAL A 354 -28.12 -34.47 -0.72
C VAL A 354 -26.73 -34.07 -0.29
N VAL A 355 -26.00 -33.34 -1.13
CA VAL A 355 -24.63 -33.00 -0.76
C VAL A 355 -24.56 -32.09 0.46
N LEU A 356 -25.25 -30.95 0.43
CA LEU A 356 -25.26 -30.04 1.57
C LEU A 356 -25.80 -30.67 2.92
N ASN A 357 -26.77 -31.59 2.88
CA ASN A 357 -27.20 -32.29 4.13
C ASN A 357 -26.13 -33.21 4.65
N ALA A 358 -25.49 -33.96 3.75
CA ALA A 358 -24.43 -34.87 4.16
C ALA A 358 -23.15 -34.18 4.71
N ILE A 359 -22.93 -32.89 4.43
CA ILE A 359 -21.82 -32.17 5.09
C ILE A 359 -22.47 -31.65 6.41
N LYS A 360 -22.56 -32.58 7.37
CA LYS A 360 -23.40 -32.49 8.58
C LYS A 360 -22.51 -32.40 9.82
N THR B 4 13.89 -36.45 43.25
CA THR B 4 13.93 -35.91 41.80
C THR B 4 13.92 -34.38 41.77
N PRO B 5 14.92 -33.74 41.14
CA PRO B 5 14.94 -32.27 41.20
C PRO B 5 13.75 -31.53 40.53
N LYS B 6 13.34 -30.41 41.11
CA LYS B 6 12.11 -29.74 40.63
C LYS B 6 12.10 -29.48 39.11
N ASP B 7 13.21 -28.97 38.60
CA ASP B 7 13.31 -28.75 37.19
C ASP B 7 13.02 -30.00 36.33
N GLN B 8 13.41 -31.19 36.81
CA GLN B 8 13.19 -32.46 36.14
C GLN B 8 11.75 -32.89 36.25
N GLU B 9 11.10 -32.57 37.36
CA GLU B 9 9.72 -32.91 37.56
C GLU B 9 8.84 -32.11 36.57
N ILE B 10 9.16 -30.85 36.39
CA ILE B 10 8.37 -29.94 35.51
C ILE B 10 8.60 -30.39 34.08
N LYS B 11 9.85 -30.69 33.76
CA LYS B 11 10.17 -31.17 32.42
C LYS B 11 9.35 -32.42 32.06
N LYS B 12 9.24 -33.41 32.98
CA LYS B 12 8.50 -34.64 32.72
C LYS B 12 7.02 -34.28 32.46
N LEU B 13 6.48 -33.36 33.26
CA LEU B 13 5.07 -32.96 33.16
C LEU B 13 4.84 -32.33 31.81
N VAL B 14 5.75 -31.46 31.37
CA VAL B 14 5.64 -30.83 30.06
C VAL B 14 5.81 -31.83 28.90
N ASP B 15 6.73 -32.80 29.07
CA ASP B 15 6.88 -33.90 28.09
C ASP B 15 5.60 -34.74 27.97
N GLN B 16 4.95 -35.00 29.07
CA GLN B 16 3.71 -35.80 29.08
C GLN B 16 2.54 -35.08 28.43
N ASN B 17 2.53 -33.75 28.50
CA ASN B 17 1.28 -33.02 28.18
C ASN B 17 1.36 -32.08 27.00
N PHE B 18 2.49 -31.41 26.80
CA PHE B 18 2.70 -30.58 25.65
C PHE B 18 3.41 -31.28 24.48
N LYS B 19 4.41 -32.10 24.77
CA LYS B 19 5.26 -32.69 23.74
C LYS B 19 4.49 -33.55 22.74
N PRO B 20 3.53 -34.38 23.18
CA PRO B 20 2.72 -35.15 22.21
C PRO B 20 1.88 -34.31 21.23
N LEU B 21 1.59 -33.04 21.54
CA LEU B 21 0.87 -32.13 20.63
C LEU B 21 1.69 -31.83 19.35
N LEU B 22 3.05 -31.96 19.41
CA LEU B 22 3.94 -31.71 18.25
C LEU B 22 3.68 -32.71 17.16
N GLU B 23 3.74 -34.00 17.49
CA GLU B 23 3.44 -35.04 16.51
C GLU B 23 1.95 -34.99 16.13
N LYS B 24 1.05 -34.81 17.09
CA LYS B 24 -0.38 -34.84 16.77
C LYS B 24 -0.80 -33.79 15.72
N TYR B 25 -0.39 -32.55 15.92
CA TYR B 25 -0.73 -31.43 15.03
C TYR B 25 0.37 -31.04 13.98
N ASP B 26 1.47 -31.80 13.91
CA ASP B 26 2.64 -31.59 13.03
C ASP B 26 3.19 -30.18 13.23
N VAL B 27 3.48 -29.82 14.47
CA VAL B 27 3.89 -28.42 14.85
C VAL B 27 5.41 -28.42 14.82
N PRO B 28 6.07 -27.54 14.01
CA PRO B 28 7.55 -27.69 13.92
C PRO B 28 8.33 -27.34 15.20
N GLY B 29 7.87 -26.32 15.93
CA GLY B 29 8.57 -25.85 17.14
C GLY B 29 7.64 -25.31 18.27
N MET B 30 8.19 -25.34 19.46
CA MET B 30 7.40 -24.99 20.62
C MET B 30 8.32 -24.60 21.76
N ALA B 31 7.86 -23.61 22.56
CA ALA B 31 8.55 -23.19 23.82
C ALA B 31 7.49 -23.14 24.92
N VAL B 32 7.76 -23.85 26.03
CA VAL B 32 6.88 -23.91 27.22
C VAL B 32 7.72 -23.46 28.39
N GLY B 33 7.22 -22.44 29.08
CA GLY B 33 7.85 -21.98 30.29
C GLY B 33 6.89 -22.05 31.45
N VAL B 34 7.46 -22.33 32.61
CA VAL B 34 6.73 -22.28 33.88
C VAL B 34 7.48 -21.42 34.84
N ILE B 35 6.72 -20.64 35.58
CA ILE B 35 7.30 -19.87 36.70
C ILE B 35 6.61 -20.28 37.98
N GLN B 36 7.40 -20.60 38.99
CA GLN B 36 6.85 -20.90 40.30
C GLN B 36 7.77 -20.25 41.37
N ASN B 37 7.19 -19.33 42.14
CA ASN B 37 7.88 -18.65 43.24
C ASN B 37 9.09 -17.95 42.75
N ASN B 38 9.00 -17.18 41.67
CA ASN B 38 10.21 -16.54 41.09
C ASN B 38 11.32 -17.51 40.57
N LYS B 39 11.07 -18.81 40.52
CA LYS B 39 11.95 -19.69 39.76
C LYS B 39 11.29 -19.98 38.42
N LYS B 40 12.11 -19.92 37.42
CA LYS B 40 11.67 -20.04 36.04
C LYS B 40 12.23 -21.30 35.42
N TYR B 41 11.39 -22.00 34.63
CA TYR B 41 11.77 -23.21 33.94
C TYR B 41 11.43 -23.03 32.43
N GLU B 42 12.43 -23.25 31.57
CA GLU B 42 12.28 -23.06 30.13
C GLU B 42 12.50 -24.41 29.36
N MET B 43 11.59 -24.70 28.42
CA MET B 43 11.59 -25.96 27.73
C MET B 43 11.35 -25.71 26.31
N TYR B 44 12.22 -26.22 25.45
CA TYR B 44 12.17 -25.88 24.05
C TYR B 44 12.20 -27.17 23.19
N TYR B 45 11.44 -27.14 22.11
CA TYR B 45 11.24 -28.33 21.26
C TYR B 45 11.25 -27.95 19.82
N GLY B 46 11.91 -28.79 19.01
CA GLY B 46 11.83 -28.60 17.58
C GLY B 46 12.50 -27.42 16.95
N LEU B 47 11.93 -26.93 15.86
CA LEU B 47 12.62 -25.95 15.00
C LEU B 47 11.88 -24.62 14.84
N GLN B 48 12.60 -23.53 14.99
CA GLN B 48 12.05 -22.21 14.59
C GLN B 48 11.94 -21.97 13.11
N SER B 49 12.85 -22.60 12.35
CA SER B 49 12.76 -22.63 10.92
C SER B 49 13.13 -24.02 10.47
N VAL B 50 12.15 -24.63 9.82
CA VAL B 50 12.33 -25.94 9.23
C VAL B 50 13.43 -25.92 8.16
N GLN B 51 13.35 -25.01 7.20
CA GLN B 51 14.25 -25.01 6.01
C GLN B 51 15.69 -24.67 6.41
N ASP B 52 15.88 -23.92 7.48
CA ASP B 52 17.19 -23.49 7.99
C ASP B 52 17.76 -24.42 9.03
N LYS B 53 16.99 -25.43 9.45
CA LYS B 53 17.40 -26.36 10.53
C LYS B 53 17.78 -25.66 11.82
N LYS B 54 17.06 -24.59 12.12
CA LYS B 54 17.42 -23.76 13.26
C LYS B 54 16.56 -24.12 14.47
N ALA B 55 17.19 -24.48 15.61
CA ALA B 55 16.43 -24.98 16.80
C ALA B 55 15.75 -23.84 17.50
N VAL B 56 14.57 -24.15 18.05
CA VAL B 56 13.91 -23.26 18.97
C VAL B 56 14.74 -23.16 20.25
N ASN B 57 14.95 -21.92 20.68
CA ASN B 57 15.80 -21.64 21.83
C ASN B 57 15.34 -20.39 22.56
N SER B 58 16.05 -20.09 23.64
CA SER B 58 15.72 -18.92 24.46
C SER B 58 15.73 -17.64 23.70
N ASN B 59 16.44 -17.53 22.56
CA ASN B 59 16.37 -16.34 21.68
C ASN B 59 15.24 -16.32 20.62
N THR B 60 14.52 -17.42 20.46
CA THR B 60 13.54 -17.43 19.42
C THR B 60 12.39 -16.44 19.61
N ILE B 61 12.10 -15.66 18.59
CA ILE B 61 10.99 -14.70 18.61
C ILE B 61 9.73 -15.27 17.93
N PHE B 62 8.62 -15.30 18.69
CA PHE B 62 7.30 -15.84 18.23
C PHE B 62 6.31 -14.68 18.13
N GLU B 63 5.37 -14.77 17.19
CA GLU B 63 4.22 -13.88 17.13
C GLU B 63 3.23 -14.25 18.23
N LEU B 64 2.87 -13.26 19.04
CA LEU B 64 1.88 -13.55 20.10
C LEU B 64 0.43 -13.51 19.69
N GLY B 65 0.09 -13.02 18.50
CA GLY B 65 -1.28 -12.76 18.16
C GLY B 65 -2.05 -11.99 19.23
N SER B 66 -3.24 -12.45 19.59
CA SER B 66 -4.12 -11.71 20.50
C SER B 66 -3.60 -11.59 21.93
N VAL B 67 -2.55 -12.33 22.31
CA VAL B 67 -1.88 -12.07 23.59
C VAL B 67 -1.30 -10.66 23.57
N SER B 68 -1.14 -10.07 22.39
CA SER B 68 -0.73 -8.66 22.23
C SER B 68 -1.66 -7.69 22.98
N LYS B 69 -2.95 -8.09 23.09
CA LYS B 69 -3.98 -7.34 23.79
C LYS B 69 -3.65 -7.11 25.24
N LEU B 70 -2.82 -7.98 25.83
CA LEU B 70 -2.44 -7.83 27.21
C LEU B 70 -1.50 -6.66 27.41
N PHE B 71 -0.66 -6.40 26.40
CA PHE B 71 0.19 -5.24 26.41
C PHE B 71 -0.57 -3.98 26.12
N THR B 72 -1.60 -4.02 25.23
CA THR B 72 -2.42 -2.85 25.02
C THR B 72 -3.18 -2.46 26.28
N ALA B 73 -3.69 -3.48 27.00
CA ALA B 73 -4.37 -3.24 28.23
C ALA B 73 -3.43 -2.62 29.26
N THR B 74 -2.22 -3.13 29.33
CA THR B 74 -1.21 -2.65 30.31
C THR B 74 -0.87 -1.19 30.05
N ALA B 75 -0.72 -0.86 28.78
CA ALA B 75 -0.49 0.51 28.34
C ALA B 75 -1.67 1.43 28.71
N GLY B 76 -2.89 0.94 28.57
CA GLY B 76 -4.04 1.72 29.02
C GLY B 76 -4.10 1.94 30.54
N GLY B 77 -3.82 0.91 31.31
CA GLY B 77 -3.63 1.05 32.71
C GLY B 77 -2.58 2.03 33.15
N TYR B 78 -1.45 2.03 32.45
CA TYR B 78 -0.39 2.97 32.66
C TYR B 78 -0.86 4.40 32.41
N ALA B 79 -1.43 4.68 31.25
CA ALA B 79 -1.96 6.03 30.90
C ALA B 79 -2.99 6.55 31.94
N LYS B 80 -3.90 5.68 32.34
CA LYS B 80 -4.98 6.04 33.27
C LYS B 80 -4.40 6.43 34.59
N ASN B 81 -3.54 5.56 35.11
CA ASN B 81 -2.99 5.79 36.42
C ASN B 81 -2.01 7.00 36.46
N LYS B 82 -1.45 7.38 35.31
CA LYS B 82 -0.76 8.69 35.18
C LYS B 82 -1.65 9.94 34.90
N GLY B 83 -2.97 9.78 34.93
CA GLY B 83 -3.88 10.90 34.67
C GLY B 83 -3.97 11.34 33.22
N LYS B 84 -3.48 10.53 32.28
CA LYS B 84 -3.46 10.89 30.86
C LYS B 84 -4.77 10.62 30.14
N ILE B 85 -5.51 9.63 30.63
CA ILE B 85 -6.87 9.28 30.21
C ILE B 85 -7.70 8.92 31.41
N SER B 86 -9.02 9.00 31.23
CA SER B 86 -9.98 8.37 32.14
C SER B 86 -10.68 7.30 31.31
N PHE B 87 -11.07 6.18 31.91
CA PHE B 87 -11.87 5.16 31.18
C PHE B 87 -13.34 5.59 30.88
N ASP B 88 -13.83 6.67 31.51
CA ASP B 88 -15.13 7.30 31.16
C ASP B 88 -15.06 8.28 29.95
N ASP B 89 -13.84 8.62 29.48
CA ASP B 89 -13.64 9.45 28.31
C ASP B 89 -14.09 8.70 27.08
N THR B 90 -14.37 9.47 26.03
CA THR B 90 -14.72 8.95 24.71
C THR B 90 -13.60 9.26 23.70
N PRO B 91 -13.55 8.57 22.55
CA PRO B 91 -12.34 8.66 21.72
C PRO B 91 -12.11 10.04 21.09
N GLY B 92 -13.16 10.82 20.92
CA GLY B 92 -13.10 12.18 20.40
C GLY B 92 -12.33 13.20 21.21
N LYS B 93 -12.24 12.97 22.50
CA LYS B 93 -11.35 13.75 23.35
C LYS B 93 -9.87 13.74 22.89
N TYR B 94 -9.40 12.66 22.26
CA TYR B 94 -7.99 12.47 21.88
C TYR B 94 -7.82 12.46 20.38
N TRP B 95 -8.66 11.71 19.66
CA TRP B 95 -8.65 11.69 18.24
C TRP B 95 -9.71 12.72 17.78
N LYS B 96 -9.26 13.96 17.63
CA LYS B 96 -10.19 15.10 17.40
C LYS B 96 -11.17 14.93 16.28
N GLU B 97 -10.73 14.27 15.22
CA GLU B 97 -11.57 14.05 14.05
C GLU B 97 -12.81 13.20 14.37
N LEU B 98 -12.82 12.48 15.53
CA LEU B 98 -13.99 11.73 15.95
C LEU B 98 -14.98 12.46 16.86
N LYS B 99 -14.64 13.65 17.32
CA LYS B 99 -15.54 14.49 18.14
C LYS B 99 -16.90 14.65 17.48
N ASN B 100 -17.97 14.45 18.26
CA ASN B 100 -19.36 14.58 17.85
C ASN B 100 -19.83 13.63 16.73
N THR B 101 -19.15 12.50 16.54
CA THR B 101 -19.61 11.42 15.65
C THR B 101 -20.22 10.34 16.56
N PRO B 102 -21.00 9.40 15.98
CA PRO B 102 -21.60 8.31 16.81
C PRO B 102 -20.65 7.49 17.69
N ILE B 103 -19.48 7.15 17.17
CA ILE B 103 -18.49 6.41 17.99
C ILE B 103 -18.02 7.16 19.20
N ASP B 104 -18.11 8.49 19.16
CA ASP B 104 -17.78 9.30 20.33
C ASP B 104 -18.80 9.15 21.44
N GLN B 105 -19.91 8.40 21.24
CA GLN B 105 -20.78 8.03 22.37
C GLN B 105 -20.31 6.78 23.19
N VAL B 106 -19.30 6.09 22.71
CA VAL B 106 -18.72 4.91 23.35
C VAL B 106 -17.47 5.29 24.20
N ASN B 107 -17.34 4.82 25.44
CA ASN B 107 -16.26 5.24 26.33
C ASN B 107 -15.03 4.31 26.12
N LEU B 108 -13.90 4.75 26.63
CA LEU B 108 -12.68 3.93 26.45
C LEU B 108 -12.76 2.49 27.00
N LEU B 109 -13.38 2.34 28.18
CA LEU B 109 -13.57 1.03 28.78
C LEU B 109 -14.39 0.07 27.96
N GLN B 110 -15.46 0.59 27.36
CA GLN B 110 -16.30 -0.16 26.43
C GLN B 110 -15.58 -0.52 25.16
N LEU B 111 -14.71 0.35 24.67
CA LEU B 111 -13.92 -0.07 23.52
C LEU B 111 -12.89 -1.18 23.90
N ALA B 112 -12.23 -1.02 25.04
CA ALA B 112 -11.15 -1.98 25.51
C ALA B 112 -11.73 -3.36 25.81
N THR B 113 -13.02 -3.39 26.17
CA THR B 113 -13.74 -4.64 26.64
C THR B 113 -14.88 -5.06 25.67
N TYR B 114 -14.81 -4.57 24.43
CA TYR B 114 -15.57 -5.07 23.33
C TYR B 114 -17.10 -4.85 23.38
N THR B 115 -17.59 -3.77 24.00
CA THR B 115 -19.03 -3.59 24.21
C THR B 115 -19.66 -2.37 23.48
N SER B 116 -19.01 -1.92 22.40
CA SER B 116 -19.58 -0.87 21.51
C SER B 116 -20.97 -1.15 20.98
N GLY B 117 -21.27 -2.44 20.79
CA GLY B 117 -22.52 -2.89 20.23
C GLY B 117 -22.56 -2.98 18.74
N ASN B 118 -21.48 -2.57 18.06
CA ASN B 118 -21.41 -2.78 16.63
C ASN B 118 -19.97 -2.77 16.06
N LEU B 119 -19.12 -3.68 16.51
CA LEU B 119 -17.76 -3.83 15.99
C LEU B 119 -17.43 -5.32 15.97
N ALA B 120 -17.10 -5.78 14.80
CA ALA B 120 -16.98 -7.14 14.50
C ALA B 120 -15.52 -7.56 14.80
N LEU B 121 -15.20 -8.83 14.59
CA LEU B 121 -13.84 -9.33 14.92
C LEU B 121 -12.74 -8.61 14.10
N GLN B 122 -12.96 -8.39 12.81
CA GLN B 122 -12.00 -7.78 11.87
C GLN B 122 -12.60 -6.53 11.19
N PHE B 123 -11.74 -5.58 10.88
CA PHE B 123 -12.07 -4.56 9.91
C PHE B 123 -12.40 -5.19 8.55
N PRO B 124 -13.16 -4.48 7.69
CA PRO B 124 -13.29 -4.96 6.33
C PRO B 124 -11.91 -5.00 5.67
N ASP B 125 -11.69 -5.96 4.81
CA ASP B 125 -10.41 -6.21 4.10
C ASP B 125 -9.76 -4.99 3.46
N GLU B 126 -10.59 -4.11 2.91
CA GLU B 126 -10.20 -2.89 2.23
C GLU B 126 -9.66 -1.85 3.18
N VAL B 127 -9.96 -1.91 4.48
CA VAL B 127 -9.37 -0.91 5.40
C VAL B 127 -7.90 -1.30 5.63
N GLN B 128 -6.98 -0.48 5.13
CA GLN B 128 -5.51 -0.66 5.39
C GLN B 128 -4.83 0.57 5.96
N THR B 129 -5.00 1.72 5.32
CA THR B 129 -4.19 2.91 5.63
C THR B 129 -4.83 3.64 6.78
N ASP B 130 -4.07 4.52 7.42
CA ASP B 130 -4.57 5.27 8.57
C ASP B 130 -5.73 6.18 8.21
N GLN B 131 -5.79 6.64 6.96
CA GLN B 131 -6.95 7.43 6.46
C GLN B 131 -8.24 6.60 6.36
N GLN B 132 -8.09 5.39 5.87
CA GLN B 132 -9.22 4.43 5.80
C GLN B 132 -9.74 4.00 7.16
N VAL B 133 -8.84 3.91 8.14
CA VAL B 133 -9.20 3.60 9.53
C VAL B 133 -10.02 4.76 10.04
N LEU B 134 -9.60 5.98 9.77
CA LEU B 134 -10.30 7.14 10.30
C LEU B 134 -11.71 7.22 9.72
N THR B 135 -11.86 7.02 8.39
CA THR B 135 -13.16 7.06 7.72
C THR B 135 -14.10 5.97 8.23
N PHE B 136 -13.55 4.77 8.41
CA PHE B 136 -14.31 3.69 9.00
C PHE B 136 -14.95 4.12 10.35
N PHE B 137 -14.17 4.73 11.24
CA PHE B 137 -14.70 5.19 12.52
C PHE B 137 -15.63 6.43 12.47
N LYS B 138 -15.34 7.38 11.57
CA LYS B 138 -16.24 8.50 11.34
C LYS B 138 -17.62 8.05 10.86
N ASP B 139 -17.64 7.01 10.03
CA ASP B 139 -18.86 6.50 9.34
C ASP B 139 -19.62 5.52 10.19
N TRP B 140 -18.99 5.05 11.28
CA TRP B 140 -19.60 4.06 12.16
C TRP B 140 -20.85 4.60 12.76
N LYS B 141 -21.82 3.70 12.87
CA LYS B 141 -23.09 3.96 13.53
C LYS B 141 -23.43 2.83 14.51
N PRO B 142 -24.13 3.18 15.59
CA PRO B 142 -24.53 2.16 16.60
C PRO B 142 -25.48 1.08 16.10
N LYS B 143 -25.46 -0.08 16.76
CA LYS B 143 -26.43 -1.15 16.54
C LYS B 143 -27.05 -1.60 17.89
N ASN B 144 -26.40 -2.50 18.62
CA ASN B 144 -26.90 -2.87 19.94
C ASN B 144 -26.63 -1.77 20.97
N PRO B 145 -27.44 -1.74 22.04
CA PRO B 145 -27.29 -0.79 23.10
C PRO B 145 -25.85 -0.78 23.61
N ILE B 146 -25.26 0.40 23.65
CA ILE B 146 -23.87 0.54 24.00
C ILE B 146 -23.61 0.03 25.41
N GLY B 147 -22.55 -0.81 25.54
CA GLY B 147 -22.17 -1.36 26.82
C GLY B 147 -22.80 -2.66 27.27
N GLU B 148 -23.83 -3.13 26.56
CA GLU B 148 -24.60 -4.29 27.01
C GLU B 148 -24.18 -5.63 26.35
N TYR B 149 -23.53 -5.60 25.18
CA TYR B 149 -23.19 -6.81 24.41
C TYR B 149 -21.70 -6.88 24.07
N ARG B 150 -21.10 -8.00 24.43
CA ARG B 150 -19.73 -8.30 24.11
C ARG B 150 -19.56 -9.00 22.78
N GLN B 151 -18.81 -8.38 21.86
CA GLN B 151 -18.36 -9.04 20.67
C GLN B 151 -16.87 -8.83 20.51
N TYR B 152 -16.11 -9.89 20.66
CA TYR B 152 -14.65 -9.82 20.64
C TYR B 152 -14.20 -9.21 19.33
N SER B 153 -13.32 -8.20 19.43
CA SER B 153 -13.09 -7.31 18.27
C SER B 153 -11.73 -6.66 18.25
N ASN B 154 -11.01 -6.84 17.14
CA ASN B 154 -9.72 -6.14 16.90
C ASN B 154 -9.91 -4.66 16.69
N PRO B 155 -10.91 -4.22 15.91
CA PRO B 155 -11.14 -2.78 15.79
C PRO B 155 -11.39 -2.07 17.10
N SER B 156 -12.18 -2.68 18.00
CA SER B 156 -12.58 -2.10 19.24
C SER B 156 -11.37 -1.86 20.13
N ILE B 157 -10.61 -2.90 20.39
CA ILE B 157 -9.42 -2.73 21.24
C ILE B 157 -8.28 -1.96 20.53
N GLY B 158 -8.21 -2.05 19.20
CA GLY B 158 -7.33 -1.25 18.33
C GLY B 158 -7.53 0.25 18.46
N LEU B 159 -8.77 0.69 18.50
CA LEU B 159 -9.11 2.10 18.67
C LEU B 159 -8.73 2.55 20.07
N PHE B 160 -9.03 1.74 21.10
CA PHE B 160 -8.51 1.98 22.43
C PHE B 160 -7.00 2.18 22.42
N GLY B 161 -6.25 1.33 21.74
CA GLY B 161 -4.79 1.44 21.77
C GLY B 161 -4.31 2.74 21.12
N LYS B 162 -4.90 3.05 19.97
CA LYS B 162 -4.65 4.31 19.30
C LYS B 162 -4.90 5.51 20.20
N VAL B 163 -6.03 5.52 20.91
CA VAL B 163 -6.31 6.61 21.86
C VAL B 163 -5.30 6.69 22.99
N VAL B 164 -4.96 5.55 23.56
CA VAL B 164 -3.95 5.51 24.61
C VAL B 164 -2.60 6.15 24.08
N ALA B 165 -2.23 5.81 22.84
CA ALA B 165 -1.02 6.36 22.18
C ALA B 165 -1.09 7.88 22.03
N LEU B 166 -2.20 8.36 21.47
CA LEU B 166 -2.39 9.82 21.36
C LEU B 166 -2.29 10.53 22.75
N SER B 167 -2.83 9.92 23.81
CA SER B 167 -2.74 10.52 25.16
C SER B 167 -1.32 10.62 25.70
N MET B 168 -0.41 9.79 25.19
CA MET B 168 0.99 9.77 25.67
C MET B 168 1.94 10.48 24.68
N ASN B 169 1.36 11.08 23.64
CA ASN B 169 2.08 11.83 22.61
C ASN B 169 3.13 11.09 21.87
N LYS B 170 2.85 9.82 21.56
CA LYS B 170 3.76 8.92 20.89
C LYS B 170 2.95 7.93 20.03
N PRO B 171 3.47 7.47 18.88
CA PRO B 171 2.74 6.38 18.23
C PRO B 171 2.78 5.11 19.12
N PHE B 172 1.77 4.24 18.94
CA PHE B 172 1.59 3.03 19.73
C PHE B 172 2.83 2.12 19.81
N ASP B 173 3.49 1.90 18.69
CA ASP B 173 4.78 1.13 18.66
C ASP B 173 5.83 1.66 19.63
N GLN B 174 5.88 2.97 19.74
CA GLN B 174 6.83 3.64 20.67
C GLN B 174 6.36 3.59 22.09
N VAL B 175 5.05 3.58 22.31
CA VAL B 175 4.51 3.44 23.64
C VAL B 175 5.03 2.11 24.24
N LEU B 176 4.95 1.02 23.47
CA LEU B 176 5.34 -0.24 23.95
C LEU B 176 6.85 -0.31 23.94
N GLU B 177 7.50 0.04 22.83
CA GLU B 177 8.98 -0.21 22.73
C GLU B 177 9.84 0.74 23.62
N LYS B 178 9.38 1.98 23.79
CA LYS B 178 10.09 2.96 24.69
C LYS B 178 9.61 3.08 26.11
N THR B 179 8.32 2.86 26.40
CA THR B 179 7.87 3.02 27.75
C THR B 179 7.46 1.71 28.42
N ILE B 180 6.54 0.92 27.84
CA ILE B 180 5.96 -0.24 28.55
C ILE B 180 6.90 -1.46 28.62
N PHE B 181 7.48 -1.89 27.51
CA PHE B 181 8.39 -3.02 27.57
C PHE B 181 9.57 -2.76 28.59
N PRO B 182 10.20 -1.60 28.47
CA PRO B 182 11.26 -1.28 29.44
C PRO B 182 10.80 -1.18 30.90
N ALA B 183 9.60 -0.69 31.16
CA ALA B 183 9.05 -0.73 32.54
C ALA B 183 8.82 -2.14 33.08
N LEU B 184 8.60 -3.12 32.19
CA LEU B 184 8.36 -4.47 32.65
C LEU B 184 9.66 -5.23 32.69
N GLY B 185 10.74 -4.63 32.24
CA GLY B 185 12.03 -5.39 32.10
C GLY B 185 12.17 -6.30 30.86
N LEU B 186 11.41 -6.03 29.79
CA LEU B 186 11.46 -6.87 28.60
C LEU B 186 12.47 -6.31 27.65
N LYS B 187 13.39 -7.16 27.26
CA LYS B 187 14.54 -6.87 26.41
C LYS B 187 14.42 -7.37 24.98
N HIS B 188 13.54 -8.34 24.73
CA HIS B 188 13.42 -8.95 23.42
C HIS B 188 11.97 -9.03 22.90
N SER B 189 11.21 -7.97 23.13
CA SER B 189 9.82 -7.87 22.74
C SER B 189 9.66 -6.70 21.85
N TYR B 190 8.90 -6.88 20.76
CA TYR B 190 8.81 -5.94 19.70
C TYR B 190 7.42 -5.84 19.11
N VAL B 191 7.12 -4.63 18.60
CA VAL B 191 6.10 -4.39 17.60
C VAL B 191 6.68 -4.62 16.19
N ASN B 192 7.87 -4.08 15.94
CA ASN B 192 8.58 -4.19 14.65
C ASN B 192 9.93 -4.81 14.95
N VAL B 193 10.17 -5.99 14.39
CA VAL B 193 11.37 -6.70 14.72
C VAL B 193 12.43 -6.07 13.80
N PRO B 194 13.54 -5.61 14.39
CA PRO B 194 14.55 -4.89 13.61
C PRO B 194 15.46 -5.88 12.91
N LYS B 195 16.12 -5.36 11.85
CA LYS B 195 16.85 -6.17 10.85
C LYS B 195 17.85 -6.99 11.58
N THR B 196 18.43 -6.39 12.60
CA THR B 196 19.40 -7.02 13.49
C THR B 196 18.94 -8.23 14.36
N GLN B 197 17.65 -8.51 14.40
CA GLN B 197 17.11 -9.68 15.15
C GLN B 197 16.29 -10.58 14.23
N MET B 198 16.30 -10.30 12.94
CA MET B 198 15.48 -11.10 12.00
C MET B 198 15.85 -12.54 12.00
N GLN B 199 17.11 -12.91 12.27
CA GLN B 199 17.52 -14.29 12.20
C GLN B 199 16.99 -15.09 13.37
N ASN B 200 16.47 -14.36 14.39
CA ASN B 200 15.82 -15.00 15.52
C ASN B 200 14.31 -15.12 15.37
N TYR B 201 13.72 -14.44 14.41
CA TYR B 201 12.28 -14.47 14.16
C TYR B 201 11.87 -15.80 13.46
N ALA B 202 11.17 -16.64 14.23
CA ALA B 202 10.71 -17.91 13.72
C ALA B 202 9.86 -17.65 12.45
N PHE B 203 9.85 -18.61 11.51
CA PHE B 203 8.72 -18.75 10.64
C PHE B 203 7.53 -19.29 11.42
N GLY B 204 6.35 -18.86 11.00
CA GLY B 204 5.07 -19.54 11.39
C GLY B 204 4.78 -20.52 10.27
N TYR B 205 3.86 -21.42 10.51
CA TYR B 205 3.57 -22.49 9.54
C TYR B 205 2.07 -22.59 9.51
N ASN B 206 1.53 -22.68 8.31
CA ASN B 206 0.07 -22.71 8.12
C ASN B 206 -0.38 -24.17 8.17
N GLN B 207 -1.64 -24.41 7.83
CA GLN B 207 -2.19 -25.74 7.90
C GLN B 207 -1.59 -26.78 6.90
N GLU B 208 -0.94 -26.34 5.83
CA GLU B 208 -0.13 -27.25 4.99
C GLU B 208 1.37 -27.20 5.33
N ASN B 209 1.73 -26.65 6.51
CA ASN B 209 3.12 -26.58 6.97
C ASN B 209 4.03 -25.74 5.99
N GLN B 210 3.41 -24.74 5.37
N GLN B 210 3.41 -24.75 5.34
CA GLN B 210 4.07 -23.76 4.50
CA GLN B 210 4.10 -23.76 4.54
C GLN B 210 4.47 -22.56 5.39
C GLN B 210 4.54 -22.66 5.51
N PRO B 211 5.75 -22.12 5.32
CA PRO B 211 6.27 -21.00 6.16
C PRO B 211 5.61 -19.69 5.82
N ILE B 212 5.10 -19.02 6.85
CA ILE B 212 4.40 -17.73 6.71
C ILE B 212 4.73 -16.85 7.95
N ARG B 213 4.54 -15.54 7.79
CA ARG B 213 4.55 -14.58 8.89
C ARG B 213 3.33 -13.64 8.78
N VAL B 214 3.05 -12.90 9.84
CA VAL B 214 1.85 -12.07 9.92
C VAL B 214 1.87 -10.97 8.85
N ASN B 215 0.71 -10.68 8.32
CA ASN B 215 0.53 -9.61 7.36
C ASN B 215 0.31 -8.31 8.09
N PRO B 216 0.84 -7.22 7.52
CA PRO B 216 0.45 -5.91 7.99
C PRO B 216 -1.06 -5.71 7.91
N GLY B 217 -1.59 -4.95 8.85
CA GLY B 217 -3.00 -4.66 8.83
C GLY B 217 -3.37 -3.45 9.67
N PRO B 218 -4.60 -2.94 9.52
CA PRO B 218 -5.02 -1.78 10.27
C PRO B 218 -5.07 -2.01 11.77
N LEU B 219 -4.43 -1.09 12.48
CA LEU B 219 -4.31 -1.17 13.94
C LEU B 219 -3.89 -2.53 14.36
N ASP B 220 -2.97 -3.13 13.58
CA ASP B 220 -2.45 -4.43 13.94
C ASP B 220 -1.73 -4.45 15.27
N ALA B 221 -0.94 -3.42 15.56
CA ALA B 221 -0.03 -3.53 16.69
C ALA B 221 -0.80 -3.70 18.01
N PRO B 222 -1.83 -2.86 18.27
CA PRO B 222 -2.53 -3.06 19.56
C PRO B 222 -3.42 -4.32 19.66
N ALA B 223 -3.85 -4.82 18.53
CA ALA B 223 -4.76 -5.99 18.52
C ALA B 223 -4.03 -7.29 18.46
N TYR B 224 -2.94 -7.39 17.67
CA TYR B 224 -2.33 -8.71 17.52
C TYR B 224 -0.89 -8.69 17.06
N GLY B 225 -0.20 -7.55 17.21
CA GLY B 225 1.07 -7.36 16.51
C GLY B 225 2.36 -7.40 17.28
N VAL B 226 2.34 -7.88 18.52
CA VAL B 226 3.56 -8.04 19.34
C VAL B 226 4.24 -9.39 19.15
N LYS B 227 5.58 -9.37 19.12
CA LYS B 227 6.47 -10.51 19.11
C LYS B 227 7.41 -10.54 20.28
N SER B 228 7.69 -11.73 20.79
CA SER B 228 8.47 -11.88 22.01
C SER B 228 9.11 -13.29 22.14
N THR B 229 9.88 -13.51 23.16
CA THR B 229 10.59 -14.77 23.42
C THR B 229 10.04 -15.42 24.60
N LEU B 230 10.37 -16.69 24.84
CA LEU B 230 9.91 -17.31 26.09
C LEU B 230 10.39 -16.59 27.41
N PRO B 231 11.70 -16.28 27.53
CA PRO B 231 12.16 -15.60 28.75
C PRO B 231 11.46 -14.27 29.05
N ASP B 232 11.20 -13.49 28.02
CA ASP B 232 10.37 -12.28 28.17
C ASP B 232 8.96 -12.56 28.63
N MET B 233 8.31 -13.52 28.01
CA MET B 233 6.95 -13.82 28.41
C MET B 233 6.88 -14.33 29.84
N LEU B 234 7.90 -15.06 30.30
CA LEU B 234 7.98 -15.45 31.69
C LEU B 234 8.16 -14.25 32.63
N SER B 235 8.95 -13.29 32.19
CA SER B 235 9.14 -12.04 32.95
C SER B 235 7.80 -11.31 33.03
N PHE B 236 7.06 -11.24 31.91
CA PHE B 236 5.71 -10.67 31.90
C PHE B 236 4.79 -11.34 32.86
N ILE B 237 4.76 -12.66 32.87
CA ILE B 237 3.92 -13.37 33.88
C ILE B 237 4.43 -13.09 35.31
N HIS B 238 5.76 -13.02 35.49
CA HIS B 238 6.31 -12.67 36.79
C HIS B 238 5.77 -11.32 37.34
N ALA B 239 5.78 -10.34 36.48
CA ALA B 239 5.25 -9.04 36.75
C ALA B 239 3.76 -9.00 37.10
N ASN B 240 2.95 -9.82 36.42
CA ASN B 240 1.57 -10.07 36.79
C ASN B 240 1.32 -10.80 38.10
N LEU B 241 2.20 -11.74 38.44
CA LEU B 241 2.20 -12.44 39.71
C LEU B 241 2.74 -11.59 40.88
N ASN B 242 3.59 -10.60 40.61
CA ASN B 242 4.29 -9.78 41.65
C ASN B 242 4.34 -8.26 41.34
N PRO B 243 3.17 -7.64 41.05
CA PRO B 243 3.16 -6.22 40.72
C PRO B 243 3.75 -5.33 41.82
N GLN B 244 3.62 -5.72 43.10
CA GLN B 244 4.29 -5.01 44.23
C GLN B 244 5.81 -4.76 44.06
N LYS B 245 6.49 -5.63 43.33
CA LYS B 245 7.95 -5.51 43.13
C LYS B 245 8.34 -4.53 42.09
N TYR B 246 7.36 -3.89 41.45
CA TYR B 246 7.64 -2.95 40.37
C TYR B 246 7.39 -1.52 40.84
N PRO B 247 7.97 -0.53 40.17
CA PRO B 247 7.70 0.89 40.43
C PRO B 247 6.20 1.22 40.28
N THR B 248 5.72 2.19 41.07
CA THR B 248 4.30 2.49 41.22
C THR B 248 3.55 2.63 39.85
N ASP B 249 4.13 3.28 38.85
CA ASP B 249 3.38 3.59 37.60
C ASP B 249 2.96 2.25 36.88
N ILE B 250 3.93 1.39 36.63
CA ILE B 250 3.69 0.13 35.98
C ILE B 250 2.99 -0.83 36.89
N GLN B 251 3.23 -0.79 38.21
CA GLN B 251 2.47 -1.61 39.18
C GLN B 251 0.96 -1.33 39.17
N ARG B 252 0.58 -0.06 39.18
CA ARG B 252 -0.83 0.32 39.13
C ARG B 252 -1.42 -0.12 37.79
N ALA B 253 -0.67 0.02 36.71
CA ALA B 253 -1.07 -0.49 35.36
C ALA B 253 -1.39 -2.00 35.36
N ILE B 254 -0.50 -2.80 35.89
CA ILE B 254 -0.73 -4.30 35.99
C ILE B 254 -1.95 -4.59 36.74
N ASN B 255 -2.06 -3.96 37.92
CA ASN B 255 -3.21 -4.16 38.76
C ASN B 255 -4.52 -3.77 38.09
N GLU B 256 -4.51 -2.68 37.30
CA GLU B 256 -5.68 -2.17 36.54
C GLU B 256 -6.15 -3.25 35.56
N THR B 257 -5.20 -3.97 34.98
CA THR B 257 -5.55 -5.07 34.04
C THR B 257 -6.20 -6.27 34.68
N HIS B 258 -6.13 -6.41 35.99
CA HIS B 258 -6.68 -7.60 36.66
C HIS B 258 -8.14 -7.38 37.16
N GLN B 259 -8.65 -6.17 37.05
CA GLN B 259 -9.97 -5.85 37.57
C GLN B 259 -11.06 -6.32 36.64
N GLY B 260 -11.83 -7.29 37.08
CA GLY B 260 -13.01 -7.69 36.33
C GLY B 260 -13.99 -6.56 36.13
N ARG B 261 -14.60 -6.50 34.97
CA ARG B 261 -15.52 -5.40 34.64
C ARG B 261 -16.96 -5.84 34.43
N TYR B 262 -17.17 -7.07 33.92
CA TYR B 262 -18.47 -7.67 33.81
C TYR B 262 -18.26 -9.14 33.65
N GLN B 263 -19.34 -9.91 33.58
CA GLN B 263 -19.28 -11.32 33.26
C GLN B 263 -20.12 -11.76 32.09
N VAL B 264 -19.65 -12.86 31.47
CA VAL B 264 -20.39 -13.71 30.58
C VAL B 264 -20.32 -15.09 31.21
N ASN B 265 -21.40 -15.39 31.92
CA ASN B 265 -21.47 -16.57 32.75
C ASN B 265 -20.27 -16.64 33.73
N THR B 266 -19.42 -17.66 33.60
CA THR B 266 -18.35 -17.87 34.55
C THR B 266 -17.09 -17.06 34.15
N MET B 267 -17.07 -16.43 32.96
CA MET B 267 -15.85 -15.69 32.56
C MET B 267 -16.02 -14.24 32.94
N TYR B 268 -15.04 -13.70 33.63
CA TYR B 268 -14.99 -12.30 33.99
C TYR B 268 -14.05 -11.61 32.99
N GLN B 269 -14.55 -10.60 32.29
CA GLN B 269 -13.79 -9.77 31.40
C GLN B 269 -13.06 -8.69 32.16
N ALA B 270 -11.72 -8.84 32.23
CA ALA B 270 -10.86 -7.78 32.74
C ALA B 270 -10.27 -7.00 31.58
N LEU B 271 -9.24 -6.22 31.80
CA LEU B 271 -8.66 -5.47 30.70
C LEU B 271 -7.66 -6.35 30.02
N GLY B 272 -7.96 -6.79 28.79
CA GLY B 272 -7.14 -7.81 28.12
C GLY B 272 -7.31 -9.24 28.62
N TRP B 273 -6.95 -9.44 29.88
CA TRP B 273 -7.11 -10.72 30.52
C TRP B 273 -8.53 -11.16 30.66
N GLU B 274 -8.68 -12.45 30.57
CA GLU B 274 -9.88 -13.09 31.08
C GLU B 274 -9.62 -13.60 32.46
N GLU B 275 -10.65 -13.57 33.31
CA GLU B 275 -10.50 -13.80 34.75
C GLU B 275 -11.54 -14.86 35.15
N PHE B 276 -11.22 -15.70 36.12
CA PHE B 276 -12.09 -16.76 36.63
C PHE B 276 -11.96 -16.88 38.15
N SER B 277 -13.05 -17.32 38.77
CA SER B 277 -13.02 -17.72 40.14
C SER B 277 -12.03 -18.86 40.28
N TYR B 278 -11.13 -18.79 41.28
CA TYR B 278 -10.16 -19.89 41.47
C TYR B 278 -10.39 -20.65 42.79
N PRO B 279 -10.35 -22.00 42.84
CA PRO B 279 -10.06 -22.91 41.68
C PRO B 279 -11.10 -22.83 40.58
N ALA B 280 -10.63 -22.97 39.33
CA ALA B 280 -11.53 -23.12 38.18
C ALA B 280 -11.53 -24.53 37.67
N THR B 281 -12.67 -25.03 37.19
CA THR B 281 -12.67 -26.32 36.52
C THR B 281 -12.11 -26.17 35.11
N LEU B 282 -11.65 -27.29 34.55
CA LEU B 282 -11.22 -27.35 33.17
C LEU B 282 -12.30 -26.86 32.22
N GLN B 283 -13.52 -27.35 32.43
CA GLN B 283 -14.63 -26.93 31.59
C GLN B 283 -14.91 -25.42 31.59
N THR B 284 -14.77 -24.76 32.75
CA THR B 284 -14.95 -23.32 32.80
C THR B 284 -13.94 -22.61 31.90
N LEU B 285 -12.68 -23.03 32.02
CA LEU B 285 -11.63 -22.48 31.15
C LEU B 285 -11.87 -22.77 29.63
N LEU B 286 -12.24 -23.96 29.30
CA LEU B 286 -12.64 -24.35 27.93
C LEU B 286 -13.85 -23.55 27.35
N ASP B 287 -14.82 -23.24 28.19
CA ASP B 287 -16.07 -22.52 27.80
C ASP B 287 -15.72 -21.05 27.36
N SER B 288 -14.73 -20.45 28.01
CA SER B 288 -14.23 -19.13 27.69
C SER B 288 -13.80 -19.01 26.24
N ASN B 289 -13.32 -20.08 25.66
CA ASN B 289 -12.75 -20.01 24.32
C ASN B 289 -13.61 -20.74 23.27
N SER B 290 -14.88 -20.96 23.62
CA SER B 290 -15.84 -21.55 22.74
C SER B 290 -16.15 -20.62 21.58
N GLU B 291 -16.63 -21.20 20.51
CA GLU B 291 -17.03 -20.43 19.37
C GLU B 291 -18.10 -19.36 19.69
N GLN B 292 -19.05 -19.67 20.56
CA GLN B 292 -20.11 -18.74 20.94
C GLN B 292 -19.57 -17.49 21.64
N ILE B 293 -18.52 -17.67 22.45
CA ILE B 293 -17.92 -16.57 23.22
C ILE B 293 -16.98 -15.78 22.29
N VAL B 294 -16.18 -16.47 21.48
CA VAL B 294 -15.16 -15.81 20.65
C VAL B 294 -15.72 -15.10 19.43
N MET B 295 -16.65 -15.73 18.76
CA MET B 295 -17.08 -15.30 17.44
C MET B 295 -18.43 -14.61 17.41
N LYS B 296 -19.24 -14.68 18.45
CA LYS B 296 -20.60 -14.15 18.39
C LYS B 296 -20.80 -13.13 19.49
N PRO B 297 -21.84 -12.30 19.37
CA PRO B 297 -22.16 -11.35 20.46
C PRO B 297 -22.80 -12.03 21.68
N ASN B 298 -22.47 -11.58 22.88
CA ASN B 298 -23.09 -12.10 24.07
C ASN B 298 -23.46 -11.00 25.00
N LYS B 299 -24.72 -10.99 25.41
CA LYS B 299 -25.18 -10.06 26.42
C LYS B 299 -24.35 -10.22 27.70
N VAL B 300 -23.89 -9.11 28.30
CA VAL B 300 -23.09 -9.23 29.50
C VAL B 300 -23.96 -9.10 30.71
N THR B 301 -23.41 -9.39 31.89
CA THR B 301 -24.11 -9.18 33.17
C THR B 301 -23.17 -8.46 34.13
N ALA B 302 -23.75 -7.75 35.08
CA ALA B 302 -23.00 -7.17 36.15
C ALA B 302 -22.35 -8.28 37.00
N ILE B 303 -21.15 -8.02 37.50
CA ILE B 303 -20.56 -8.93 38.44
C ILE B 303 -21.40 -8.81 39.75
N SER B 304 -22.01 -9.93 40.13
CA SER B 304 -22.80 -10.00 41.38
C SER B 304 -22.19 -10.93 42.44
N LYS B 305 -21.15 -11.70 42.05
CA LYS B 305 -20.31 -12.48 42.98
C LYS B 305 -18.84 -12.22 42.56
N GLU B 306 -18.14 -11.45 43.38
CA GLU B 306 -16.73 -11.16 43.25
C GLU B 306 -15.93 -12.11 44.14
N PRO B 307 -15.30 -13.16 43.55
CA PRO B 307 -14.46 -14.05 44.40
C PRO B 307 -13.21 -13.43 44.99
N SER B 308 -12.80 -13.95 46.16
CA SER B 308 -11.58 -13.50 46.82
C SER B 308 -10.36 -13.88 46.00
N VAL B 309 -10.39 -15.08 45.43
CA VAL B 309 -9.18 -15.65 44.71
C VAL B 309 -9.53 -15.94 43.22
N LYS B 310 -8.66 -15.46 42.35
CA LYS B 310 -8.84 -15.51 40.90
C LYS B 310 -7.73 -16.22 40.15
N MET B 311 -8.03 -16.64 38.91
CA MET B 311 -6.97 -16.93 37.93
C MET B 311 -7.24 -16.20 36.61
N TYR B 312 -6.22 -16.11 35.72
CA TYR B 312 -6.32 -15.30 34.52
C TYR B 312 -5.69 -16.05 33.35
N HIS B 313 -6.22 -15.92 32.16
CA HIS B 313 -5.53 -16.49 31.02
C HIS B 313 -5.84 -15.69 29.77
N LYS B 314 -5.15 -16.02 28.66
CA LYS B 314 -5.45 -15.42 27.36
C LYS B 314 -4.88 -16.31 26.29
N THR B 315 -5.66 -16.59 25.25
CA THR B 315 -5.13 -17.30 24.07
C THR B 315 -4.82 -16.27 23.02
N GLY B 316 -3.91 -16.66 22.13
CA GLY B 316 -3.64 -15.84 20.97
C GLY B 316 -3.21 -16.68 19.81
N SER B 317 -3.61 -16.24 18.64
CA SER B 317 -3.11 -16.80 17.42
C SER B 317 -2.89 -15.70 16.31
N THR B 318 -1.95 -15.98 15.44
CA THR B 318 -1.83 -15.39 14.10
C THR B 318 -1.99 -16.55 13.15
N SER B 319 -1.95 -16.26 11.84
N SER B 319 -1.92 -16.32 11.84
CA SER B 319 -2.04 -17.33 10.81
CA SER B 319 -2.09 -17.46 10.92
C SER B 319 -1.13 -18.53 11.12
C SER B 319 -1.10 -18.59 11.13
N GLY B 320 0.11 -18.23 11.51
CA GLY B 320 1.15 -19.17 11.65
C GLY B 320 1.57 -19.54 13.04
N PHE B 321 0.92 -18.99 14.07
CA PHE B 321 1.47 -19.09 15.46
C PHE B 321 0.38 -19.22 16.48
N GLY B 322 0.65 -19.97 17.54
CA GLY B 322 -0.23 -20.04 18.68
C GLY B 322 0.50 -19.65 19.97
N THR B 323 -0.31 -19.13 20.87
CA THR B 323 0.09 -18.61 22.20
C THR B 323 -0.96 -18.97 23.26
N TYR B 324 -0.50 -19.23 24.48
CA TYR B 324 -1.37 -19.28 25.63
C TYR B 324 -0.56 -18.89 26.89
N VAL B 325 -1.15 -17.99 27.69
CA VAL B 325 -0.55 -17.54 28.92
C VAL B 325 -1.62 -17.66 30.00
N VAL B 326 -1.20 -18.15 31.18
CA VAL B 326 -2.10 -18.32 32.35
C VAL B 326 -1.29 -18.09 33.60
N PHE B 327 -1.91 -17.42 34.58
CA PHE B 327 -1.29 -17.36 35.88
C PHE B 327 -2.30 -17.40 37.03
N ILE B 328 -1.80 -17.82 38.18
CA ILE B 328 -2.63 -18.10 39.37
C ILE B 328 -1.93 -17.46 40.59
N PRO B 329 -2.36 -16.26 40.99
CA PRO B 329 -1.73 -15.53 42.09
C PRO B 329 -1.61 -16.35 43.39
N LYS B 330 -2.66 -17.04 43.80
CA LYS B 330 -2.68 -17.83 45.03
C LYS B 330 -1.58 -18.90 45.15
N GLU B 331 -1.26 -19.59 44.04
CA GLU B 331 -0.26 -20.65 44.00
C GLU B 331 1.07 -20.10 43.54
N ASN B 332 1.16 -18.80 43.28
CA ASN B 332 2.36 -18.14 42.75
C ASN B 332 2.96 -18.86 41.55
N ILE B 333 2.10 -19.19 40.59
CA ILE B 333 2.54 -19.98 39.45
C ILE B 333 1.95 -19.46 38.15
N GLY B 334 2.66 -19.63 37.04
CA GLY B 334 2.07 -19.36 35.74
C GLY B 334 2.77 -20.16 34.65
N LEU B 335 2.19 -20.15 33.47
CA LEU B 335 2.71 -20.89 32.36
C LEU B 335 2.55 -20.10 31.07
N VAL B 336 3.51 -20.28 30.17
CA VAL B 336 3.48 -19.70 28.81
C VAL B 336 3.69 -20.84 27.80
N MET B 337 2.85 -20.89 26.78
CA MET B 337 3.11 -21.78 25.54
C MET B 337 3.18 -20.93 24.28
N LEU B 338 4.24 -21.10 23.48
CA LEU B 338 4.44 -20.49 22.19
C LEU B 338 4.68 -21.60 21.16
N THR B 339 3.92 -21.59 20.07
CA THR B 339 4.13 -22.48 18.92
C THR B 339 4.19 -21.68 17.68
N ASN B 340 4.94 -22.21 16.68
CA ASN B 340 4.97 -21.65 15.39
C ASN B 340 4.11 -22.48 14.43
N LYS B 341 3.03 -22.99 14.97
CA LYS B 341 1.84 -23.43 14.18
C LYS B 341 0.68 -23.40 15.17
N ARG B 342 -0.49 -22.98 14.70
CA ARG B 342 -1.70 -23.03 15.52
C ARG B 342 -2.05 -24.42 15.86
N ILE B 343 -2.50 -24.58 17.10
CA ILE B 343 -3.15 -25.81 17.60
C ILE B 343 -4.46 -25.40 18.31
N PRO B 344 -5.45 -26.28 18.32
CA PRO B 344 -6.74 -25.86 18.83
C PRO B 344 -6.62 -25.27 20.27
N ASN B 345 -7.33 -24.20 20.54
CA ASN B 345 -7.27 -23.52 21.89
C ASN B 345 -7.55 -24.55 23.00
N GLU B 346 -8.48 -25.44 22.76
CA GLU B 346 -8.81 -26.48 23.76
C GLU B 346 -7.54 -27.26 24.24
N GLU B 347 -6.67 -27.61 23.31
CA GLU B 347 -5.47 -28.43 23.63
C GLU B 347 -4.47 -27.68 24.43
N ARG B 348 -4.41 -26.37 24.18
CA ARG B 348 -3.48 -25.50 24.89
C ARG B 348 -3.96 -25.37 26.33
N ILE B 349 -5.24 -25.11 26.48
CA ILE B 349 -5.77 -24.86 27.83
C ILE B 349 -5.68 -26.15 28.68
N LYS B 350 -6.04 -27.27 28.10
CA LYS B 350 -6.03 -28.53 28.80
C LYS B 350 -4.59 -28.98 29.18
N ALA B 351 -3.67 -28.94 28.25
CA ALA B 351 -2.24 -29.23 28.64
C ALA B 351 -1.78 -28.38 29.82
N ALA B 352 -2.05 -27.07 29.74
CA ALA B 352 -1.65 -26.15 30.81
C ALA B 352 -2.32 -26.46 32.13
N TYR B 353 -3.62 -26.80 32.08
CA TYR B 353 -4.39 -27.21 33.26
C TYR B 353 -3.72 -28.45 33.95
N VAL B 354 -3.44 -29.51 33.18
CA VAL B 354 -2.89 -30.71 33.77
C VAL B 354 -1.54 -30.40 34.44
N VAL B 355 -0.68 -29.65 33.75
CA VAL B 355 0.68 -29.40 34.26
C VAL B 355 0.61 -28.57 35.54
N LEU B 356 -0.22 -27.54 35.52
CA LEU B 356 -0.23 -26.60 36.66
C LEU B 356 -0.87 -27.23 37.87
N ASN B 357 -1.82 -28.12 37.67
CA ASN B 357 -2.39 -28.80 38.80
C ASN B 357 -1.58 -29.96 39.38
N ALA B 358 -0.71 -30.55 38.58
CA ALA B 358 0.13 -31.65 39.01
C ALA B 358 1.42 -31.17 39.67
N ILE B 359 1.86 -29.94 39.45
CA ILE B 359 3.16 -29.48 39.95
C ILE B 359 3.07 -29.42 41.48
N LYS B 360 4.12 -29.89 42.15
CA LYS B 360 4.15 -29.98 43.61
C LYS B 360 4.29 -28.57 44.10
N LYS B 361 3.42 -28.18 45.02
CA LYS B 361 3.46 -26.85 45.63
C LYS B 361 4.59 -26.83 46.67
N PRO C 5 13.54 4.53 8.65
CA PRO C 5 12.19 4.92 8.16
C PRO C 5 12.01 4.79 6.63
N LYS C 6 13.10 4.90 5.84
CA LYS C 6 13.04 4.56 4.40
C LYS C 6 12.73 3.07 4.26
N ASP C 7 13.42 2.22 5.04
CA ASP C 7 13.11 0.78 5.26
C ASP C 7 11.62 0.52 5.21
N GLN C 8 10.88 1.15 6.16
CA GLN C 8 9.43 1.02 6.25
C GLN C 8 8.66 1.66 5.12
N GLU C 9 9.09 2.82 4.65
CA GLU C 9 8.38 3.45 3.54
C GLU C 9 8.41 2.56 2.28
N ILE C 10 9.56 1.94 2.01
CA ILE C 10 9.76 1.20 0.77
C ILE C 10 9.02 -0.14 0.84
N LYS C 11 9.18 -0.81 1.97
CA LYS C 11 8.42 -2.05 2.26
C LYS C 11 6.92 -1.84 2.09
N LYS C 12 6.37 -0.76 2.65
CA LYS C 12 4.94 -0.44 2.43
C LYS C 12 4.61 -0.26 0.95
N LEU C 13 5.41 0.50 0.18
CA LEU C 13 5.09 0.70 -1.26
C LEU C 13 5.10 -0.61 -2.05
N VAL C 14 6.07 -1.45 -1.74
CA VAL C 14 6.25 -2.74 -2.46
C VAL C 14 5.11 -3.65 -2.06
N ASP C 15 4.79 -3.68 -0.76
CA ASP C 15 3.60 -4.39 -0.29
C ASP C 15 2.34 -3.97 -1.01
N GLN C 16 2.21 -2.67 -1.33
CA GLN C 16 0.98 -2.11 -1.87
C GLN C 16 0.83 -2.40 -3.34
N ASN C 17 1.95 -2.41 -4.09
CA ASN C 17 1.96 -2.54 -5.52
C ASN C 17 2.37 -3.92 -6.11
N PHE C 18 3.23 -4.63 -5.38
CA PHE C 18 3.76 -5.92 -5.88
C PHE C 18 2.99 -7.09 -5.21
N LYS C 19 2.87 -7.06 -3.88
CA LYS C 19 2.19 -8.15 -3.12
C LYS C 19 0.88 -8.62 -3.69
N PRO C 20 -0.03 -7.69 -4.06
CA PRO C 20 -1.30 -8.14 -4.61
C PRO C 20 -1.19 -8.96 -5.87
N LEU C 21 -0.06 -8.86 -6.60
CA LEU C 21 0.08 -9.63 -7.83
C LEU C 21 0.19 -11.15 -7.56
N LEU C 22 0.64 -11.53 -6.37
CA LEU C 22 0.72 -12.95 -5.99
C LEU C 22 -0.65 -13.61 -5.91
N GLU C 23 -1.60 -12.98 -5.20
CA GLU C 23 -3.02 -13.42 -5.23
C GLU C 23 -3.59 -13.39 -6.63
N LYS C 24 -3.31 -12.33 -7.38
CA LYS C 24 -3.95 -12.09 -8.66
C LYS C 24 -3.60 -13.12 -9.72
N TYR C 25 -2.33 -13.49 -9.82
CA TYR C 25 -1.85 -14.50 -10.79
C TYR C 25 -1.43 -15.86 -10.17
N ASP C 26 -1.71 -16.04 -8.90
CA ASP C 26 -1.39 -17.29 -8.19
C ASP C 26 0.11 -17.65 -8.34
N VAL C 27 0.94 -16.75 -7.88
CA VAL C 27 2.38 -16.80 -7.98
C VAL C 27 2.86 -17.31 -6.64
N PRO C 28 3.62 -18.41 -6.66
CA PRO C 28 4.00 -18.95 -5.38
C PRO C 28 4.97 -18.06 -4.60
N GLY C 29 5.98 -17.55 -5.30
CA GLY C 29 7.04 -16.79 -4.68
C GLY C 29 7.49 -15.56 -5.50
N MET C 30 8.01 -14.58 -4.75
CA MET C 30 8.48 -13.29 -5.37
C MET C 30 9.57 -12.68 -4.49
N ALA C 31 10.60 -12.11 -5.13
CA ALA C 31 11.56 -11.25 -4.43
C ALA C 31 11.61 -9.88 -5.18
N VAL C 32 11.49 -8.80 -4.44
CA VAL C 32 11.52 -7.44 -5.02
C VAL C 32 12.57 -6.65 -4.24
N GLY C 33 13.47 -6.00 -4.99
CA GLY C 33 14.57 -5.26 -4.45
C GLY C 33 14.54 -3.82 -5.02
N VAL C 34 14.75 -2.87 -4.11
CA VAL C 34 15.08 -1.47 -4.45
C VAL C 34 16.49 -1.10 -4.00
N ILE C 35 17.22 -0.40 -4.88
CA ILE C 35 18.45 0.28 -4.50
C ILE C 35 18.24 1.78 -4.74
N GLN C 36 18.46 2.57 -3.70
CA GLN C 36 18.36 4.03 -3.76
C GLN C 36 19.53 4.64 -2.95
N ASN C 37 20.37 5.46 -3.60
CA ASN C 37 21.52 6.11 -2.92
C ASN C 37 22.42 5.12 -2.21
N ASN C 38 22.78 4.06 -2.93
CA ASN C 38 23.62 2.97 -2.44
C ASN C 38 23.09 2.19 -1.21
N LYS C 39 21.80 2.30 -0.90
CA LYS C 39 21.18 1.55 0.19
C LYS C 39 20.24 0.51 -0.45
N LYS C 40 20.35 -0.73 -0.05
CA LYS C 40 19.49 -1.78 -0.65
C LYS C 40 18.34 -2.17 0.29
N TYR C 41 17.17 -2.48 -0.27
CA TYR C 41 15.95 -2.85 0.44
C TYR C 41 15.41 -4.13 -0.25
N GLU C 42 15.27 -5.21 0.53
CA GLU C 42 14.86 -6.56 0.02
C GLU C 42 13.57 -6.97 0.66
N MET C 43 12.60 -7.32 -0.17
CA MET C 43 11.27 -7.79 0.21
C MET C 43 11.11 -9.21 -0.40
N TYR C 44 10.78 -10.20 0.46
CA TYR C 44 10.58 -11.61 -0.02
C TYR C 44 9.19 -12.05 0.34
N TYR C 45 8.50 -12.60 -0.64
CA TYR C 45 7.11 -13.11 -0.47
C TYR C 45 7.02 -14.60 -0.87
N GLY C 46 6.25 -15.33 -0.07
CA GLY C 46 5.82 -16.65 -0.42
C GLY C 46 6.95 -17.67 -0.58
N LEU C 47 6.75 -18.56 -1.55
CA LEU C 47 7.48 -19.85 -1.62
C LEU C 47 8.37 -20.07 -2.85
N GLN C 48 9.62 -20.42 -2.60
CA GLN C 48 10.62 -20.89 -3.51
C GLN C 48 10.24 -22.25 -4.13
N SER C 49 9.71 -23.13 -3.28
CA SER C 49 9.29 -24.51 -3.69
C SER C 49 8.08 -24.87 -2.93
N VAL C 50 7.01 -25.14 -3.65
CA VAL C 50 5.78 -25.60 -3.02
C VAL C 50 5.92 -27.04 -2.42
N GLN C 51 6.50 -27.95 -3.17
CA GLN C 51 6.70 -29.33 -2.69
C GLN C 51 7.57 -29.39 -1.48
N ASP C 52 8.67 -28.65 -1.44
CA ASP C 52 9.58 -28.68 -0.33
C ASP C 52 9.23 -27.69 0.81
N LYS C 53 8.21 -26.85 0.60
CA LYS C 53 7.71 -25.92 1.64
C LYS C 53 8.82 -24.92 2.07
N LYS C 54 9.59 -24.44 1.09
CA LYS C 54 10.70 -23.50 1.35
C LYS C 54 10.26 -22.11 1.04
N ALA C 55 10.47 -21.19 1.99
CA ALA C 55 10.17 -19.78 1.79
C ALA C 55 11.23 -19.11 0.87
N VAL C 56 10.80 -18.23 -0.01
CA VAL C 56 11.74 -17.29 -0.70
C VAL C 56 12.51 -16.49 0.33
N ASN C 57 13.79 -16.45 0.16
CA ASN C 57 14.70 -15.71 1.05
C ASN C 57 15.88 -15.11 0.22
N SER C 58 16.83 -14.53 0.91
CA SER C 58 17.98 -13.91 0.27
C SER C 58 18.91 -14.84 -0.44
N ASN C 59 18.87 -16.16 -0.14
CA ASN C 59 19.65 -17.13 -0.93
C ASN C 59 18.93 -17.73 -2.10
N THR C 60 17.64 -17.39 -2.30
CA THR C 60 16.85 -18.10 -3.29
C THR C 60 17.35 -17.72 -4.67
N ILE C 61 17.65 -18.72 -5.49
CA ILE C 61 18.02 -18.57 -6.92
C ILE C 61 16.84 -18.63 -7.89
N PHE C 62 16.74 -17.61 -8.77
CA PHE C 62 15.65 -17.51 -9.71
C PHE C 62 16.23 -17.55 -11.13
N GLU C 63 15.47 -18.09 -12.08
CA GLU C 63 15.80 -18.04 -13.51
C GLU C 63 15.54 -16.64 -14.10
N LEU C 64 16.57 -15.97 -14.63
CA LEU C 64 16.43 -14.58 -15.15
C LEU C 64 15.83 -14.48 -16.57
N GLY C 65 15.85 -15.58 -17.35
CA GLY C 65 15.27 -15.56 -18.70
C GLY C 65 16.02 -14.54 -19.60
N SER C 66 15.30 -13.79 -20.43
CA SER C 66 16.00 -12.81 -21.33
C SER C 66 16.79 -11.71 -20.62
N VAL C 67 16.60 -11.53 -19.31
CA VAL C 67 17.50 -10.67 -18.55
C VAL C 67 18.95 -11.16 -18.57
N SER C 68 19.15 -12.42 -18.96
CA SER C 68 20.45 -13.00 -19.15
C SER C 68 21.20 -12.28 -20.29
N LYS C 69 20.43 -11.83 -21.28
CA LYS C 69 20.96 -11.06 -22.44
C LYS C 69 21.72 -9.88 -21.96
N LEU C 70 21.38 -9.33 -20.79
CA LEU C 70 22.21 -8.26 -20.18
C LEU C 70 23.63 -8.64 -19.76
N PHE C 71 23.80 -9.87 -19.28
CA PHE C 71 25.14 -10.36 -18.95
C PHE C 71 25.86 -10.76 -20.28
N THR C 72 25.13 -11.27 -21.28
CA THR C 72 25.73 -11.55 -22.60
C THR C 72 26.30 -10.26 -23.19
N ALA C 73 25.54 -9.17 -23.07
CA ALA C 73 25.95 -7.83 -23.49
C ALA C 73 27.19 -7.32 -22.77
N THR C 74 27.19 -7.28 -21.42
CA THR C 74 28.34 -6.93 -20.56
C THR C 74 29.60 -7.76 -20.88
N ALA C 75 29.46 -9.07 -21.18
CA ALA C 75 30.58 -9.85 -21.69
C ALA C 75 31.06 -9.34 -23.11
N GLY C 76 30.12 -9.02 -24.00
CA GLY C 76 30.45 -8.33 -25.28
C GLY C 76 31.37 -7.14 -25.04
N GLY C 77 30.90 -6.18 -24.24
CA GLY C 77 31.63 -4.98 -23.85
C GLY C 77 32.93 -5.09 -23.08
N TYR C 78 33.12 -6.19 -22.35
CA TYR C 78 34.37 -6.45 -21.63
C TYR C 78 35.47 -6.97 -22.59
N ALA C 79 35.06 -7.85 -23.50
CA ALA C 79 35.89 -8.44 -24.53
C ALA C 79 36.28 -7.42 -25.61
N LYS C 80 35.40 -6.48 -25.91
CA LYS C 80 35.70 -5.40 -26.84
C LYS C 80 36.66 -4.41 -26.21
N ASN C 81 36.41 -3.99 -24.98
CA ASN C 81 37.38 -3.11 -24.29
C ASN C 81 38.76 -3.74 -23.96
N LYS C 82 38.88 -5.06 -24.06
CA LYS C 82 40.19 -5.72 -24.00
C LYS C 82 40.74 -6.10 -25.38
N GLY C 83 39.97 -5.86 -26.44
CA GLY C 83 40.45 -6.03 -27.80
C GLY C 83 40.39 -7.45 -28.32
N LYS C 84 39.66 -8.32 -27.61
CA LYS C 84 39.47 -9.70 -28.04
C LYS C 84 38.55 -9.75 -29.25
N ILE C 85 37.72 -8.71 -29.40
CA ILE C 85 36.87 -8.53 -30.56
C ILE C 85 36.78 -7.04 -30.85
N SER C 86 36.34 -6.72 -32.07
CA SER C 86 35.82 -5.39 -32.39
C SER C 86 34.41 -5.63 -32.87
N PHE C 87 33.55 -4.65 -32.67
CA PHE C 87 32.14 -4.78 -33.06
C PHE C 87 31.88 -4.82 -34.56
N ASP C 88 32.86 -4.40 -35.37
CA ASP C 88 32.74 -4.58 -36.83
C ASP C 88 33.16 -5.95 -37.35
N ASP C 89 33.78 -6.80 -36.51
CA ASP C 89 34.13 -8.19 -36.88
C ASP C 89 32.91 -8.93 -37.37
N THR C 90 33.15 -10.08 -37.93
CA THR C 90 32.10 -10.98 -38.33
C THR C 90 32.43 -12.32 -37.61
N PRO C 91 31.43 -13.20 -37.48
CA PRO C 91 31.57 -14.40 -36.61
C PRO C 91 32.49 -15.49 -37.16
N GLY C 92 32.52 -15.64 -38.49
CA GLY C 92 33.50 -16.45 -39.18
C GLY C 92 34.95 -16.12 -38.90
N LYS C 93 35.23 -14.92 -38.39
CA LYS C 93 36.56 -14.62 -37.84
C LYS C 93 36.94 -15.46 -36.62
N TYR C 94 35.93 -15.84 -35.83
CA TYR C 94 36.15 -16.61 -34.61
C TYR C 94 35.69 -18.05 -34.78
N TRP C 95 34.51 -18.25 -35.34
CA TRP C 95 34.02 -19.60 -35.64
C TRP C 95 34.49 -19.97 -37.07
N LYS C 96 35.66 -20.61 -37.16
CA LYS C 96 36.33 -20.92 -38.45
C LYS C 96 35.34 -21.38 -39.51
N GLU C 97 34.45 -22.27 -39.12
CA GLU C 97 33.63 -23.04 -40.06
C GLU C 97 32.42 -22.24 -40.54
N LEU C 98 32.25 -21.03 -40.00
CA LEU C 98 31.36 -20.01 -40.54
C LEU C 98 32.08 -19.00 -41.48
N LYS C 99 33.41 -19.09 -41.62
CA LYS C 99 34.14 -18.32 -42.65
C LYS C 99 33.75 -18.80 -44.05
N ASN C 100 33.40 -17.83 -44.94
CA ASN C 100 32.90 -17.99 -46.35
C ASN C 100 31.36 -18.10 -46.49
N THR C 101 30.68 -17.94 -45.37
CA THR C 101 29.25 -18.14 -45.31
C THR C 101 28.55 -16.84 -45.53
N PRO C 102 27.30 -16.87 -46.01
CA PRO C 102 26.41 -15.74 -46.03
C PRO C 102 26.12 -15.05 -44.68
N ILE C 103 26.11 -15.83 -43.58
CA ILE C 103 26.07 -15.26 -42.21
C ILE C 103 27.31 -14.44 -41.87
N ASP C 104 28.47 -14.78 -42.45
CA ASP C 104 29.72 -13.98 -42.25
C ASP C 104 29.66 -12.53 -42.86
N GLN C 105 28.61 -12.21 -43.62
CA GLN C 105 28.31 -10.82 -44.00
C GLN C 105 27.92 -9.96 -42.78
N VAL C 106 27.19 -10.58 -41.85
CA VAL C 106 26.59 -9.87 -40.71
C VAL C 106 27.63 -9.64 -39.62
N ASN C 107 27.64 -8.42 -39.11
CA ASN C 107 28.61 -8.01 -38.11
C ASN C 107 28.09 -8.33 -36.67
N LEU C 108 29.01 -8.23 -35.72
CA LEU C 108 28.78 -8.58 -34.31
C LEU C 108 27.76 -7.67 -33.64
N LEU C 109 27.88 -6.34 -33.85
CA LEU C 109 26.92 -5.39 -33.29
C LEU C 109 25.52 -5.62 -33.86
N GLN C 110 25.42 -6.09 -35.10
CA GLN C 110 24.10 -6.35 -35.76
C GLN C 110 23.35 -7.59 -35.19
N LEU C 111 24.17 -8.57 -34.84
CA LEU C 111 23.72 -9.82 -34.23
C LEU C 111 23.20 -9.53 -32.84
N ALA C 112 24.08 -8.95 -32.03
CA ALA C 112 23.76 -8.54 -30.64
C ALA C 112 22.54 -7.64 -30.55
N THR C 113 22.18 -6.96 -31.67
CA THR C 113 21.04 -6.04 -31.68
C THR C 113 19.92 -6.41 -32.63
N TYR C 114 19.96 -7.68 -33.07
CA TYR C 114 18.77 -8.29 -33.64
C TYR C 114 18.39 -7.73 -35.05
N THR C 115 19.42 -7.32 -35.79
CA THR C 115 19.26 -6.57 -37.08
C THR C 115 19.71 -7.33 -38.34
N SER C 116 19.93 -8.64 -38.22
CA SER C 116 20.52 -9.47 -39.28
C SER C 116 19.66 -9.55 -40.55
N GLY C 117 18.35 -9.37 -40.38
CA GLY C 117 17.38 -9.38 -41.44
C GLY C 117 16.60 -10.66 -41.59
N ASN C 118 17.02 -11.75 -40.92
CA ASN C 118 16.44 -13.07 -41.17
C ASN C 118 16.58 -14.03 -39.94
N LEU C 119 16.29 -13.57 -38.73
CA LEU C 119 16.36 -14.45 -37.55
C LEU C 119 15.17 -14.29 -36.70
N ALA C 120 14.47 -15.40 -36.48
CA ALA C 120 13.23 -15.44 -35.70
C ALA C 120 13.51 -15.37 -34.17
N LEU C 121 12.46 -15.21 -33.35
CA LEU C 121 12.58 -15.25 -31.85
C LEU C 121 13.35 -16.52 -31.36
N GLN C 122 12.92 -17.67 -31.86
CA GLN C 122 13.47 -19.00 -31.49
C GLN C 122 14.05 -19.70 -32.72
N PHE C 123 15.10 -20.51 -32.51
CA PHE C 123 15.58 -21.49 -33.50
C PHE C 123 14.41 -22.39 -33.90
N PRO C 124 14.43 -22.97 -35.12
CA PRO C 124 13.34 -23.94 -35.40
C PRO C 124 13.38 -25.15 -34.45
N ASP C 125 12.21 -25.69 -34.14
CA ASP C 125 12.07 -26.81 -33.18
C ASP C 125 13.09 -27.97 -33.31
N GLU C 126 13.49 -28.32 -34.53
CA GLU C 126 14.46 -29.39 -34.80
C GLU C 126 15.92 -29.09 -34.38
N VAL C 127 16.28 -27.82 -34.31
CA VAL C 127 17.68 -27.43 -34.03
C VAL C 127 17.97 -27.57 -32.51
N GLN C 128 18.91 -28.43 -32.15
CA GLN C 128 19.08 -28.91 -30.75
C GLN C 128 20.53 -29.18 -30.35
N THR C 129 21.18 -30.08 -31.07
CA THR C 129 22.60 -30.39 -30.87
C THR C 129 23.49 -29.29 -31.44
N ASP C 130 24.75 -29.28 -31.01
CA ASP C 130 25.75 -28.31 -31.49
C ASP C 130 26.02 -28.36 -32.99
N GLN C 131 26.00 -29.57 -33.56
CA GLN C 131 26.14 -29.76 -35.00
C GLN C 131 24.96 -29.15 -35.73
N GLN C 132 23.74 -29.31 -35.18
CA GLN C 132 22.54 -28.72 -35.79
C GLN C 132 22.54 -27.19 -35.74
N VAL C 133 23.15 -26.59 -34.71
CA VAL C 133 23.28 -25.15 -34.66
C VAL C 133 24.21 -24.70 -35.79
N LEU C 134 25.35 -25.40 -35.96
CA LEU C 134 26.31 -25.16 -37.06
C LEU C 134 25.60 -25.23 -38.41
N THR C 135 25.07 -26.39 -38.75
CA THR C 135 24.30 -26.60 -39.98
C THR C 135 23.20 -25.54 -40.23
N PHE C 136 22.59 -25.00 -39.17
CA PHE C 136 21.61 -23.92 -39.34
C PHE C 136 22.25 -22.57 -39.79
N PHE C 137 23.38 -22.23 -39.16
CA PHE C 137 24.12 -21.04 -39.49
C PHE C 137 24.95 -21.17 -40.77
N LYS C 138 25.34 -22.39 -41.15
CA LYS C 138 25.93 -22.63 -42.48
C LYS C 138 24.89 -22.51 -43.60
N ASP C 139 23.72 -23.12 -43.44
CA ASP C 139 22.64 -23.00 -44.45
C ASP C 139 21.87 -21.63 -44.40
N TRP C 140 22.33 -20.66 -43.59
CA TRP C 140 21.64 -19.37 -43.42
C TRP C 140 22.00 -18.44 -44.55
N LYS C 141 20.97 -17.98 -45.23
CA LYS C 141 21.07 -16.99 -46.31
C LYS C 141 20.43 -15.65 -45.90
N PRO C 142 21.09 -14.50 -46.23
CA PRO C 142 20.53 -13.17 -45.95
C PRO C 142 19.20 -12.96 -46.57
N LYS C 143 18.48 -11.97 -46.06
CA LYS C 143 17.14 -11.72 -46.56
C LYS C 143 16.85 -10.21 -46.51
N ASN C 144 15.93 -9.75 -45.64
CA ASN C 144 15.64 -8.33 -45.56
C ASN C 144 16.96 -7.60 -45.57
N PRO C 145 17.00 -6.42 -46.25
CA PRO C 145 18.22 -5.59 -46.27
C PRO C 145 18.86 -5.64 -44.88
N ILE C 146 20.15 -5.95 -44.83
CA ILE C 146 20.76 -6.26 -43.54
C ILE C 146 21.02 -4.97 -42.80
N GLY C 147 21.05 -5.06 -41.47
CA GLY C 147 21.37 -3.91 -40.64
C GLY C 147 20.23 -2.95 -40.40
N GLU C 148 19.13 -3.14 -41.13
CA GLU C 148 18.02 -2.18 -41.26
C GLU C 148 16.76 -2.57 -40.45
N TYR C 149 16.62 -3.87 -40.16
CA TYR C 149 15.44 -4.36 -39.45
C TYR C 149 15.81 -4.93 -38.04
N ARG C 150 15.17 -4.45 -36.97
CA ARG C 150 15.28 -5.09 -35.65
C ARG C 150 14.23 -6.18 -35.55
N GLN C 151 14.65 -7.44 -35.36
CA GLN C 151 13.72 -8.51 -35.00
C GLN C 151 14.30 -9.27 -33.80
N TYR C 152 13.59 -9.21 -32.67
CA TYR C 152 14.15 -9.70 -31.38
C TYR C 152 14.34 -11.20 -31.53
N SER C 153 15.57 -11.68 -31.30
CA SER C 153 15.94 -13.05 -31.61
C SER C 153 16.95 -13.64 -30.59
N ASN C 154 16.61 -14.82 -30.06
CA ASN C 154 17.54 -15.61 -29.26
C ASN C 154 18.72 -16.11 -30.08
N PRO C 155 18.47 -16.78 -31.23
CA PRO C 155 19.66 -17.20 -32.01
C PRO C 155 20.63 -16.03 -32.37
N SER C 156 20.08 -14.83 -32.57
CA SER C 156 20.92 -13.68 -32.92
C SER C 156 21.94 -13.38 -31.84
N ILE C 157 21.48 -13.00 -30.65
CA ILE C 157 22.42 -12.70 -29.56
C ILE C 157 23.13 -13.96 -29.05
N GLY C 158 22.54 -15.14 -29.28
CA GLY C 158 23.22 -16.40 -28.99
C GLY C 158 24.51 -16.54 -29.78
N LEU C 159 24.42 -16.34 -31.09
CA LEU C 159 25.63 -16.40 -31.92
C LEU C 159 26.66 -15.40 -31.45
N PHE C 160 26.23 -14.18 -31.12
CA PHE C 160 27.12 -13.13 -30.61
C PHE C 160 27.82 -13.61 -29.34
N GLY C 161 27.03 -14.10 -28.39
CA GLY C 161 27.63 -14.67 -27.16
C GLY C 161 28.65 -15.77 -27.44
N LYS C 162 28.20 -16.77 -28.19
CA LYS C 162 29.03 -17.92 -28.63
C LYS C 162 30.35 -17.44 -29.27
N VAL C 163 30.22 -16.45 -30.16
CA VAL C 163 31.41 -15.76 -30.72
C VAL C 163 32.28 -15.10 -29.65
N VAL C 164 31.66 -14.39 -28.71
CA VAL C 164 32.42 -13.72 -27.63
C VAL C 164 33.24 -14.72 -26.78
N ALA C 165 32.65 -15.91 -26.53
CA ALA C 165 33.40 -16.99 -25.78
C ALA C 165 34.56 -17.59 -26.63
N LEU C 166 34.31 -17.86 -27.91
CA LEU C 166 35.40 -18.34 -28.85
C LEU C 166 36.52 -17.35 -28.79
N SER C 167 36.14 -16.09 -29.05
CA SER C 167 37.00 -14.91 -28.86
C SER C 167 37.87 -14.87 -27.63
N MET C 168 37.34 -15.29 -26.48
CA MET C 168 38.10 -15.27 -25.20
C MET C 168 38.66 -16.64 -24.85
N ASN C 169 38.37 -17.66 -25.67
CA ASN C 169 38.97 -18.98 -25.61
C ASN C 169 38.38 -19.89 -24.51
N LYS C 170 37.09 -19.73 -24.23
CA LYS C 170 36.47 -20.31 -23.03
C LYS C 170 35.05 -20.60 -23.35
N PRO C 171 34.52 -21.70 -22.80
CA PRO C 171 33.07 -21.88 -22.95
C PRO C 171 32.32 -20.63 -22.45
N PHE C 172 31.14 -20.36 -22.99
CA PHE C 172 30.39 -19.17 -22.56
C PHE C 172 30.11 -19.20 -21.05
N ASP C 173 29.66 -20.35 -20.54
CA ASP C 173 29.44 -20.54 -19.10
C ASP C 173 30.61 -20.09 -18.21
N GLN C 174 31.83 -20.38 -18.64
CA GLN C 174 33.06 -19.93 -17.91
C GLN C 174 33.38 -18.43 -18.01
N VAL C 175 33.06 -17.83 -19.16
CA VAL C 175 33.22 -16.38 -19.34
C VAL C 175 32.40 -15.65 -18.26
N LEU C 176 31.17 -16.12 -18.02
CA LEU C 176 30.38 -15.51 -16.95
C LEU C 176 30.90 -15.95 -15.55
N GLU C 177 31.05 -17.26 -15.33
CA GLU C 177 31.32 -17.80 -13.98
C GLU C 177 32.76 -17.50 -13.46
N LYS C 178 33.72 -17.46 -14.37
CA LYS C 178 35.12 -17.19 -14.01
C LYS C 178 35.54 -15.72 -14.20
N THR C 179 34.95 -14.99 -15.16
CA THR C 179 35.37 -13.59 -15.40
C THR C 179 34.35 -12.48 -15.08
N ILE C 180 33.15 -12.56 -15.63
CA ILE C 180 32.20 -11.42 -15.50
C ILE C 180 31.49 -11.30 -14.13
N PHE C 181 30.82 -12.36 -13.70
CA PHE C 181 30.26 -12.40 -12.32
C PHE C 181 31.29 -12.01 -11.24
N PRO C 182 32.52 -12.62 -11.27
CA PRO C 182 33.47 -12.23 -10.24
C PRO C 182 33.93 -10.77 -10.35
N ALA C 183 34.13 -10.31 -11.58
CA ALA C 183 34.40 -8.90 -11.82
C ALA C 183 33.28 -8.00 -11.27
N LEU C 184 32.03 -8.45 -11.38
CA LEU C 184 30.90 -7.69 -10.80
C LEU C 184 30.74 -7.93 -9.30
N GLY C 185 31.51 -8.85 -8.70
CA GLY C 185 31.39 -9.16 -7.27
C GLY C 185 30.14 -9.96 -6.89
N LEU C 186 29.59 -10.70 -7.86
CA LEU C 186 28.39 -11.51 -7.73
C LEU C 186 28.77 -12.97 -7.35
N LYS C 187 28.39 -13.40 -6.15
CA LYS C 187 28.75 -14.73 -5.60
C LYS C 187 27.76 -15.87 -5.80
N HIS C 188 26.52 -15.54 -6.15
CA HIS C 188 25.46 -16.51 -6.22
C HIS C 188 24.71 -16.39 -7.54
N SER C 189 25.50 -16.25 -8.61
CA SER C 189 25.00 -16.12 -9.93
C SER C 189 25.63 -17.16 -10.84
N TYR C 190 24.83 -17.79 -11.70
CA TYR C 190 25.21 -19.07 -12.34
C TYR C 190 24.63 -19.20 -13.72
N VAL C 191 25.36 -19.80 -14.63
CA VAL C 191 24.78 -20.47 -15.83
C VAL C 191 24.29 -21.92 -15.50
N ASN C 192 25.14 -22.67 -14.83
CA ASN C 192 24.81 -24.01 -14.29
C ASN C 192 24.83 -23.97 -12.76
N VAL C 193 23.68 -24.19 -12.14
CA VAL C 193 23.60 -24.15 -10.70
C VAL C 193 24.29 -25.42 -10.18
N PRO C 194 25.27 -25.28 -9.27
CA PRO C 194 25.97 -26.49 -8.82
C PRO C 194 25.23 -27.22 -7.70
N LYS C 195 25.74 -28.45 -7.37
CA LYS C 195 25.11 -29.36 -6.36
C LYS C 195 24.87 -28.67 -5.05
N THR C 196 25.90 -28.00 -4.59
CA THR C 196 25.85 -27.27 -3.36
C THR C 196 24.83 -26.09 -3.31
N GLN C 197 24.26 -25.67 -4.45
CA GLN C 197 23.18 -24.63 -4.42
C GLN C 197 21.84 -25.08 -4.88
N MET C 198 21.67 -26.37 -5.16
CA MET C 198 20.41 -26.86 -5.67
C MET C 198 19.29 -26.69 -4.62
N GLN C 199 19.60 -26.78 -3.34
CA GLN C 199 18.60 -26.51 -2.29
C GLN C 199 18.11 -25.03 -2.26
N ASN C 200 18.84 -24.11 -2.89
CA ASN C 200 18.45 -22.69 -3.00
C ASN C 200 17.79 -22.30 -4.33
N TYR C 201 17.73 -23.25 -5.26
CA TYR C 201 17.23 -22.97 -6.62
C TYR C 201 15.75 -23.18 -6.62
N ALA C 202 14.98 -22.09 -6.74
CA ALA C 202 13.56 -22.18 -6.93
C ALA C 202 13.12 -23.07 -8.11
N PHE C 203 11.99 -23.73 -7.95
CA PHE C 203 11.23 -24.22 -9.05
C PHE C 203 10.45 -23.06 -9.64
N GLY C 204 10.36 -23.08 -11.00
CA GLY C 204 9.33 -22.34 -11.72
C GLY C 204 8.00 -23.05 -11.69
N TYR C 205 6.94 -22.30 -11.98
CA TYR C 205 5.56 -22.84 -12.00
C TYR C 205 4.90 -22.36 -13.31
N ASN C 206 4.29 -23.30 -14.01
CA ASN C 206 3.59 -23.08 -15.29
C ASN C 206 2.14 -22.62 -15.00
N GLN C 207 1.28 -22.56 -16.02
CA GLN C 207 0.00 -21.87 -15.84
C GLN C 207 -0.92 -22.76 -15.05
N GLU C 208 -0.55 -24.03 -14.89
CA GLU C 208 -1.25 -24.97 -14.02
C GLU C 208 -0.73 -25.01 -12.57
N ASN C 209 0.17 -24.10 -12.16
CA ASN C 209 0.93 -24.19 -10.90
C ASN C 209 1.60 -25.55 -10.64
N GLN C 210 2.26 -26.08 -11.68
CA GLN C 210 3.07 -27.29 -11.64
C GLN C 210 4.51 -26.91 -11.85
N PRO C 211 5.45 -27.59 -11.15
CA PRO C 211 6.84 -27.22 -11.16
C PRO C 211 7.54 -27.49 -12.47
N ILE C 212 8.39 -26.56 -12.86
CA ILE C 212 9.10 -26.63 -14.12
C ILE C 212 10.40 -25.91 -14.02
N ARG C 213 11.43 -26.39 -14.68
CA ARG C 213 12.72 -25.70 -14.73
C ARG C 213 13.11 -25.56 -16.23
N VAL C 214 14.00 -24.61 -16.53
CA VAL C 214 14.38 -24.24 -17.92
C VAL C 214 15.02 -25.47 -18.55
N ASN C 215 14.59 -25.82 -19.74
CA ASN C 215 15.11 -26.89 -20.53
C ASN C 215 16.37 -26.52 -21.27
N PRO C 216 17.32 -27.47 -21.35
CA PRO C 216 18.53 -27.19 -22.13
C PRO C 216 18.10 -26.89 -23.56
N GLY C 217 18.73 -25.89 -24.16
CA GLY C 217 18.44 -25.46 -25.52
C GLY C 217 19.69 -25.13 -26.30
N PRO C 218 19.59 -25.03 -27.64
CA PRO C 218 20.77 -24.59 -28.42
C PRO C 218 21.10 -23.08 -28.21
N LEU C 219 22.35 -22.82 -27.87
CA LEU C 219 22.79 -21.49 -27.43
C LEU C 219 21.92 -20.87 -26.33
N ASP C 220 21.42 -21.73 -25.44
CA ASP C 220 20.54 -21.32 -24.34
C ASP C 220 21.20 -20.30 -23.40
N ALA C 221 22.47 -20.52 -23.04
CA ALA C 221 23.10 -19.74 -22.01
C ALA C 221 23.17 -18.23 -22.32
N PRO C 222 23.64 -17.86 -23.51
CA PRO C 222 23.78 -16.38 -23.72
C PRO C 222 22.43 -15.68 -23.94
N ALA C 223 21.41 -16.45 -24.34
CA ALA C 223 20.06 -15.95 -24.61
C ALA C 223 19.10 -15.86 -23.40
N TYR C 224 19.08 -16.89 -22.56
CA TYR C 224 18.13 -16.92 -21.46
C TYR C 224 18.59 -17.78 -20.24
N GLY C 225 19.90 -18.06 -20.11
CA GLY C 225 20.41 -19.16 -19.28
C GLY C 225 21.02 -18.84 -17.92
N VAL C 226 20.88 -17.60 -17.47
CA VAL C 226 21.50 -17.17 -16.21
C VAL C 226 20.47 -17.30 -15.08
N LYS C 227 21.00 -17.62 -13.91
CA LYS C 227 20.22 -17.72 -12.67
C LYS C 227 20.95 -16.96 -11.58
N SER C 228 20.19 -16.27 -10.76
CA SER C 228 20.76 -15.37 -9.77
C SER C 228 19.80 -15.10 -8.57
N THR C 229 20.31 -14.47 -7.54
CA THR C 229 19.54 -14.17 -6.34
C THR C 229 19.21 -12.65 -6.38
N LEU C 230 18.30 -12.23 -5.51
CA LEU C 230 17.97 -10.81 -5.35
C LEU C 230 19.19 -9.96 -4.92
N PRO C 231 19.97 -10.42 -3.89
CA PRO C 231 21.09 -9.58 -3.51
C PRO C 231 22.08 -9.42 -4.66
N ASP C 232 22.28 -10.47 -5.45
CA ASP C 232 23.17 -10.32 -6.61
C ASP C 232 22.61 -9.37 -7.67
N MET C 233 21.33 -9.46 -7.96
CA MET C 233 20.75 -8.60 -8.96
C MET C 233 20.77 -7.17 -8.51
N LEU C 234 20.60 -6.90 -7.20
CA LEU C 234 20.82 -5.52 -6.69
C LEU C 234 22.27 -5.02 -6.80
N SER C 235 23.23 -5.90 -6.65
CA SER C 235 24.60 -5.51 -6.90
C SER C 235 24.81 -5.25 -8.38
N PHE C 236 24.22 -6.06 -9.29
CA PHE C 236 24.31 -5.80 -10.69
C PHE C 236 23.70 -4.43 -11.03
N ILE C 237 22.56 -4.10 -10.43
CA ILE C 237 22.02 -2.76 -10.57
C ILE C 237 22.93 -1.69 -9.99
N HIS C 238 23.49 -1.90 -8.81
CA HIS C 238 24.44 -0.94 -8.25
C HIS C 238 25.63 -0.63 -9.21
N ALA C 239 26.19 -1.66 -9.86
CA ALA C 239 27.30 -1.49 -10.84
C ALA C 239 26.88 -0.70 -12.08
N ASN C 240 25.69 -0.99 -12.62
CA ASN C 240 25.10 -0.19 -13.71
C ASN C 240 24.87 1.29 -13.26
N LEU C 241 24.47 1.53 -12.01
CA LEU C 241 24.31 2.90 -11.53
C LEU C 241 25.64 3.64 -11.14
N ASN C 242 26.72 2.89 -10.90
CA ASN C 242 27.98 3.47 -10.36
C ASN C 242 29.17 2.74 -10.94
N PRO C 243 29.29 2.70 -12.26
CA PRO C 243 30.41 2.01 -12.90
C PRO C 243 31.79 2.55 -12.54
N GLN C 244 31.85 3.84 -12.18
CA GLN C 244 33.10 4.48 -11.78
C GLN C 244 33.76 3.90 -10.51
N LYS C 245 32.98 3.24 -9.68
CA LYS C 245 33.49 2.66 -8.44
C LYS C 245 34.10 1.28 -8.66
N TYR C 246 34.07 0.78 -9.92
CA TYR C 246 34.56 -0.56 -10.28
C TYR C 246 35.84 -0.45 -11.08
N PRO C 247 36.66 -1.52 -11.09
CA PRO C 247 37.83 -1.48 -11.96
C PRO C 247 37.51 -1.25 -13.46
N THR C 248 38.41 -0.47 -14.07
CA THR C 248 38.49 -0.19 -15.50
C THR C 248 37.92 -1.20 -16.49
N ASP C 249 38.43 -2.42 -16.44
CA ASP C 249 38.00 -3.43 -17.36
C ASP C 249 36.48 -3.68 -17.29
N ILE C 250 35.90 -3.68 -16.10
CA ILE C 250 34.46 -3.98 -16.00
C ILE C 250 33.65 -2.70 -16.11
N GLN C 251 34.16 -1.62 -15.50
CA GLN C 251 33.63 -0.27 -15.74
C GLN C 251 33.29 0.06 -17.21
N ARG C 252 34.26 -0.16 -18.11
CA ARG C 252 34.03 0.16 -19.54
C ARG C 252 33.06 -0.83 -20.16
N ALA C 253 33.12 -2.09 -19.70
CA ALA C 253 32.16 -3.09 -20.12
C ALA C 253 30.72 -2.63 -19.90
N ILE C 254 30.44 -2.23 -18.66
CA ILE C 254 29.11 -1.74 -18.27
C ILE C 254 28.71 -0.53 -19.18
N ASN C 255 29.59 0.48 -19.26
CA ASN C 255 29.30 1.72 -20.09
C ASN C 255 29.04 1.38 -21.55
N GLU C 256 29.79 0.44 -22.06
CA GLU C 256 29.51 -0.08 -23.37
C GLU C 256 28.03 -0.53 -23.57
N THR C 257 27.42 -1.16 -22.55
CA THR C 257 26.01 -1.61 -22.65
C THR C 257 25.00 -0.47 -22.50
N HIS C 258 25.41 0.70 -22.01
CA HIS C 258 24.47 1.85 -21.90
C HIS C 258 24.33 2.75 -23.16
N GLN C 259 25.19 2.61 -24.16
CA GLN C 259 25.08 3.50 -25.31
C GLN C 259 24.09 3.01 -26.35
N GLY C 260 23.24 3.93 -26.80
CA GLY C 260 22.27 3.64 -27.88
C GLY C 260 22.96 3.28 -29.19
N ARG C 261 22.30 2.45 -29.96
CA ARG C 261 22.76 2.06 -31.28
C ARG C 261 21.79 2.44 -32.39
N TYR C 262 20.51 2.61 -32.05
CA TYR C 262 19.48 2.96 -33.00
C TYR C 262 18.19 3.13 -32.23
N GLN C 263 17.19 3.62 -32.94
CA GLN C 263 15.93 3.98 -32.38
C GLN C 263 14.84 3.20 -33.08
N VAL C 264 13.83 2.80 -32.30
CA VAL C 264 12.58 2.30 -32.82
C VAL C 264 11.51 3.01 -31.98
N ASN C 265 10.83 3.99 -32.61
CA ASN C 265 9.93 4.92 -31.94
C ASN C 265 10.60 5.57 -30.74
N THR C 266 9.95 5.53 -29.57
CA THR C 266 10.42 6.15 -28.34
C THR C 266 11.48 5.31 -27.59
N MET C 267 11.94 4.20 -28.22
CA MET C 267 12.91 3.29 -27.59
C MET C 267 14.21 3.19 -28.37
N TYR C 268 15.30 3.25 -27.62
CA TYR C 268 16.66 3.16 -28.13
C TYR C 268 17.24 1.80 -27.76
N GLN C 269 17.71 1.04 -28.73
CA GLN C 269 18.26 -0.28 -28.44
C GLN C 269 19.69 -0.14 -28.02
N ALA C 270 19.99 -0.32 -26.74
CA ALA C 270 21.41 -0.46 -26.34
C ALA C 270 21.90 -1.93 -26.44
N LEU C 271 23.08 -2.22 -25.92
CA LEU C 271 23.62 -3.61 -25.87
C LEU C 271 22.85 -4.29 -24.71
N GLY C 272 21.96 -5.24 -25.05
CA GLY C 272 21.10 -5.88 -24.07
C GLY C 272 19.97 -5.04 -23.53
N TRP C 273 20.33 -3.94 -22.87
CA TRP C 273 19.34 -3.00 -22.29
C TRP C 273 18.55 -2.30 -23.35
N GLU C 274 17.30 -1.99 -23.01
CA GLU C 274 16.48 -1.04 -23.74
C GLU C 274 16.59 0.30 -23.02
N GLU C 275 16.64 1.38 -23.81
CA GLU C 275 16.93 2.74 -23.31
C GLU C 275 15.80 3.68 -23.71
N PHE C 276 15.46 4.60 -22.81
CA PHE C 276 14.36 5.58 -23.00
C PHE C 276 14.86 6.93 -22.50
N SER C 277 14.31 8.02 -23.04
CA SER C 277 14.54 9.34 -22.46
C SER C 277 13.78 9.44 -21.15
N TYR C 278 14.43 10.01 -20.15
CA TYR C 278 13.84 10.17 -18.83
C TYR C 278 13.59 11.64 -18.60
N PRO C 279 12.44 12.05 -18.05
CA PRO C 279 11.37 11.16 -17.57
C PRO C 279 10.73 10.37 -18.70
N ALA C 280 10.50 9.06 -18.50
CA ALA C 280 9.70 8.27 -19.44
C ALA C 280 8.33 8.13 -18.83
N THR C 281 7.30 8.21 -19.67
CA THR C 281 5.91 7.94 -19.24
C THR C 281 5.65 6.43 -19.14
N LEU C 282 4.75 6.04 -18.24
CA LEU C 282 4.29 4.62 -18.16
C LEU C 282 4.00 4.08 -19.56
N GLN C 283 3.25 4.83 -20.36
CA GLN C 283 2.87 4.34 -21.67
C GLN C 283 4.06 4.10 -22.62
N THR C 284 5.11 4.92 -22.56
CA THR C 284 6.35 4.68 -23.31
C THR C 284 7.02 3.31 -22.95
N LEU C 285 7.14 3.07 -21.66
CA LEU C 285 7.75 1.84 -21.15
C LEU C 285 6.85 0.64 -21.48
N LEU C 286 5.53 0.77 -21.34
CA LEU C 286 4.60 -0.29 -21.78
C LEU C 286 4.68 -0.58 -23.29
N ASP C 287 4.89 0.48 -24.10
CA ASP C 287 4.99 0.31 -25.56
C ASP C 287 6.24 -0.46 -25.97
N SER C 288 7.31 -0.39 -25.19
CA SER C 288 8.53 -1.16 -25.50
C SER C 288 8.36 -2.71 -25.51
N ASN C 289 7.25 -3.20 -24.95
CA ASN C 289 6.95 -4.62 -24.83
C ASN C 289 5.56 -4.95 -25.47
N SER C 290 5.24 -4.30 -26.59
CA SER C 290 4.05 -4.63 -27.38
C SER C 290 4.34 -5.79 -28.35
N GLU C 291 3.28 -6.47 -28.78
CA GLU C 291 3.38 -7.52 -29.82
C GLU C 291 4.22 -7.10 -31.03
N GLN C 292 4.00 -5.85 -31.46
CA GLN C 292 4.67 -5.25 -32.63
C GLN C 292 6.22 -5.08 -32.46
N ILE C 293 6.67 -4.58 -31.30
CA ILE C 293 8.14 -4.45 -31.07
C ILE C 293 8.83 -5.81 -30.83
N VAL C 294 8.12 -6.69 -30.12
CA VAL C 294 8.70 -7.93 -29.61
C VAL C 294 8.66 -9.04 -30.67
N MET C 295 7.46 -9.34 -31.17
CA MET C 295 7.24 -10.51 -32.03
C MET C 295 7.47 -10.27 -33.53
N LYS C 296 7.21 -9.04 -34.01
CA LYS C 296 7.25 -8.73 -35.45
C LYS C 296 8.56 -8.00 -35.82
N PRO C 297 8.93 -7.93 -37.12
CA PRO C 297 10.08 -7.10 -37.58
C PRO C 297 9.75 -5.59 -37.75
N ASN C 298 10.75 -4.74 -37.51
CA ASN C 298 10.58 -3.28 -37.41
C ASN C 298 11.79 -2.48 -37.89
N LYS C 299 11.56 -1.65 -38.92
CA LYS C 299 12.60 -0.84 -39.57
C LYS C 299 13.23 0.14 -38.55
N VAL C 300 14.55 0.30 -38.60
CA VAL C 300 15.33 1.08 -37.62
C VAL C 300 15.81 2.47 -38.12
N THR C 301 16.13 3.35 -37.16
CA THR C 301 16.51 4.75 -37.36
C THR C 301 17.84 5.03 -36.64
N ALA C 302 18.84 5.59 -37.34
CA ALA C 302 20.10 5.95 -36.67
C ALA C 302 19.84 7.14 -35.75
N ILE C 303 20.63 7.21 -34.69
CA ILE C 303 20.41 8.19 -33.64
C ILE C 303 20.93 9.55 -34.09
N SER C 304 20.11 10.57 -33.95
CA SER C 304 20.54 11.95 -34.13
C SER C 304 21.38 12.38 -32.92
N LYS C 305 20.73 12.84 -31.86
CA LYS C 305 21.38 13.06 -30.58
C LYS C 305 21.01 11.90 -29.63
N GLU C 306 21.95 11.48 -28.80
CA GLU C 306 21.66 10.64 -27.63
C GLU C 306 20.83 11.50 -26.65
N PRO C 307 19.77 10.94 -26.01
CA PRO C 307 19.07 11.71 -24.98
C PRO C 307 20.01 12.20 -23.89
N SER C 308 19.73 13.40 -23.41
CA SER C 308 20.54 14.05 -22.36
C SER C 308 20.55 13.19 -21.10
N VAL C 309 19.34 12.81 -20.69
CA VAL C 309 19.08 12.05 -19.47
C VAL C 309 18.35 10.76 -19.87
N LYS C 310 18.78 9.63 -19.29
CA LYS C 310 18.37 8.30 -19.77
C LYS C 310 17.79 7.41 -18.62
N MET C 311 16.97 6.42 -18.98
CA MET C 311 16.64 5.31 -18.06
C MET C 311 16.71 4.08 -18.91
N TYR C 312 16.77 2.92 -18.25
CA TYR C 312 16.92 1.66 -19.00
C TYR C 312 16.10 0.58 -18.29
N HIS C 313 15.62 -0.40 -19.02
CA HIS C 313 14.98 -1.53 -18.43
C HIS C 313 15.19 -2.80 -19.31
N LYS C 314 14.63 -3.89 -18.82
CA LYS C 314 14.68 -5.18 -19.51
C LYS C 314 13.75 -6.11 -18.78
N THR C 315 12.97 -6.87 -19.56
CA THR C 315 12.09 -7.86 -19.03
C THR C 315 12.63 -9.24 -19.46
N GLY C 316 12.24 -10.27 -18.72
CA GLY C 316 12.71 -11.63 -19.04
C GLY C 316 11.77 -12.66 -18.45
N SER C 317 11.64 -13.75 -19.21
CA SER C 317 10.80 -14.84 -18.82
C SER C 317 11.45 -16.12 -19.27
N THR C 318 11.33 -17.15 -18.45
CA THR C 318 11.44 -18.57 -18.89
C THR C 318 10.05 -19.11 -18.76
N SER C 319 9.83 -20.40 -19.02
CA SER C 319 8.46 -20.92 -18.89
C SER C 319 7.90 -20.81 -17.46
N GLY C 320 8.74 -20.78 -16.43
CA GLY C 320 8.27 -20.74 -15.05
C GLY C 320 8.62 -19.53 -14.23
N PHE C 321 9.33 -18.58 -14.84
CA PHE C 321 9.86 -17.42 -14.07
C PHE C 321 9.59 -16.12 -14.83
N GLY C 322 9.41 -15.03 -14.08
CA GLY C 322 9.44 -13.64 -14.63
C GLY C 322 10.39 -12.72 -13.92
N THR C 323 10.98 -11.80 -14.68
CA THR C 323 12.02 -10.92 -14.17
C THR C 323 11.76 -9.51 -14.81
N TYR C 324 12.04 -8.46 -14.05
CA TYR C 324 12.05 -7.11 -14.54
C TYR C 324 13.10 -6.39 -13.75
N VAL C 325 13.89 -5.62 -14.50
CA VAL C 325 14.99 -4.94 -13.96
C VAL C 325 14.93 -3.50 -14.60
N VAL C 326 15.19 -2.47 -13.78
CA VAL C 326 15.02 -1.08 -14.19
C VAL C 326 15.95 -0.16 -13.41
N PHE C 327 16.67 0.75 -14.07
CA PHE C 327 17.40 1.78 -13.30
C PHE C 327 17.36 3.18 -14.00
N ILE C 328 17.52 4.20 -13.17
CA ILE C 328 17.44 5.59 -13.59
C ILE C 328 18.65 6.32 -13.02
N PRO C 329 19.71 6.45 -13.83
CA PRO C 329 20.98 6.93 -13.26
C PRO C 329 20.86 8.29 -12.51
N LYS C 330 20.12 9.24 -13.12
CA LYS C 330 19.86 10.57 -12.53
C LYS C 330 19.37 10.52 -11.09
N GLU C 331 18.37 9.69 -10.85
CA GLU C 331 17.81 9.54 -9.52
C GLU C 331 18.57 8.53 -8.59
N ASN C 332 19.68 7.95 -9.07
CA ASN C 332 20.51 6.92 -8.38
C ASN C 332 19.61 5.84 -7.69
N ILE C 333 18.63 5.36 -8.47
CA ILE C 333 17.62 4.37 -8.02
C ILE C 333 17.46 3.23 -9.03
N GLY C 334 17.17 2.01 -8.55
CA GLY C 334 16.80 0.92 -9.47
C GLY C 334 15.92 -0.11 -8.78
N LEU C 335 15.29 -0.99 -9.56
CA LEU C 335 14.38 -1.98 -8.99
C LEU C 335 14.60 -3.34 -9.63
N VAL C 336 14.54 -4.39 -8.80
CA VAL C 336 14.55 -5.77 -9.33
C VAL C 336 13.29 -6.51 -8.86
N MET C 337 12.57 -7.16 -9.78
CA MET C 337 11.46 -8.08 -9.46
C MET C 337 11.78 -9.47 -10.06
N LEU C 338 11.69 -10.49 -9.20
CA LEU C 338 11.88 -11.93 -9.53
C LEU C 338 10.64 -12.72 -9.06
N THR C 339 10.00 -13.41 -9.97
CA THR C 339 8.88 -14.30 -9.61
C THR C 339 9.18 -15.72 -10.14
N ASN C 340 8.72 -16.71 -9.43
CA ASN C 340 8.73 -18.09 -9.96
C ASN C 340 7.39 -18.51 -10.59
N LYS C 341 6.64 -17.53 -11.15
CA LYS C 341 5.60 -17.81 -12.12
C LYS C 341 5.58 -16.61 -13.07
N ARG C 342 5.45 -16.83 -14.37
CA ARG C 342 5.29 -15.71 -15.30
C ARG C 342 4.10 -14.86 -14.87
N ILE C 343 4.27 -13.53 -14.81
CA ILE C 343 3.13 -12.60 -14.84
C ILE C 343 3.19 -11.67 -16.05
N PRO C 344 2.05 -11.10 -16.49
CA PRO C 344 2.13 -10.24 -17.68
C PRO C 344 3.20 -9.12 -17.56
N ASN C 345 3.98 -8.92 -18.62
CA ASN C 345 4.99 -7.84 -18.62
C ASN C 345 4.45 -6.46 -18.24
N GLU C 346 3.23 -6.16 -18.70
CA GLU C 346 2.51 -4.91 -18.36
C GLU C 346 2.51 -4.67 -16.89
N GLU C 347 2.16 -5.71 -16.11
CA GLU C 347 2.06 -5.57 -14.65
C GLU C 347 3.39 -5.33 -13.97
N ARG C 348 4.47 -5.89 -14.55
CA ARG C 348 5.78 -5.75 -13.91
C ARG C 348 6.21 -4.26 -14.02
N ILE C 349 6.11 -3.76 -15.24
CA ILE C 349 6.46 -2.32 -15.57
C ILE C 349 5.60 -1.31 -14.74
N LYS C 350 4.29 -1.45 -14.76
CA LYS C 350 3.38 -0.57 -13.98
C LYS C 350 3.65 -0.61 -12.48
N ALA C 351 3.80 -1.81 -11.93
CA ALA C 351 4.11 -1.92 -10.51
C ALA C 351 5.41 -1.25 -10.18
N ALA C 352 6.45 -1.44 -11.00
CA ALA C 352 7.70 -0.77 -10.69
C ALA C 352 7.58 0.77 -11.01
N TYR C 353 6.84 1.14 -12.06
CA TYR C 353 6.65 2.58 -12.38
C TYR C 353 6.03 3.30 -11.16
N VAL C 354 4.95 2.74 -10.62
CA VAL C 354 4.27 3.34 -9.49
C VAL C 354 5.19 3.42 -8.29
N VAL C 355 5.91 2.34 -7.97
CA VAL C 355 6.81 2.37 -6.79
C VAL C 355 7.92 3.42 -6.92
N LEU C 356 8.57 3.42 -8.08
CA LEU C 356 9.78 4.25 -8.28
C LEU C 356 9.39 5.76 -8.26
N ASN C 357 8.35 6.11 -9.01
CA ASN C 357 7.73 7.44 -8.96
C ASN C 357 7.10 7.84 -7.62
N ALA C 358 6.90 6.92 -6.64
CA ALA C 358 6.34 7.28 -5.31
C ALA C 358 7.35 7.41 -4.21
N ILE C 359 8.53 6.77 -4.34
CA ILE C 359 9.55 6.85 -3.30
C ILE C 359 10.05 8.30 -3.21
N LYS C 360 10.15 8.79 -1.98
CA LYS C 360 10.70 10.14 -1.69
C LYS C 360 12.17 10.18 -2.08
N LYS C 361 12.55 11.29 -2.73
CA LYS C 361 13.90 11.39 -3.33
C LYS C 361 14.97 11.82 -2.28
N PRO D 5 -15.87 47.57 -0.08
CA PRO D 5 -16.56 46.97 1.08
C PRO D 5 -15.65 46.74 2.32
N LYS D 6 -14.88 45.63 2.33
CA LYS D 6 -13.85 45.37 3.36
C LYS D 6 -12.60 46.25 3.15
N ASP D 7 -12.42 46.78 1.93
CA ASP D 7 -11.28 47.64 1.54
C ASP D 7 -11.03 48.80 2.51
N GLN D 8 -12.05 49.63 2.76
CA GLN D 8 -11.91 50.79 3.68
C GLN D 8 -11.82 50.38 5.17
N GLU D 9 -12.18 49.12 5.47
CA GLU D 9 -12.10 48.57 6.84
C GLU D 9 -10.64 48.33 7.20
N ILE D 10 -9.98 47.46 6.43
CA ILE D 10 -8.55 47.12 6.62
C ILE D 10 -7.67 48.37 6.52
N LYS D 11 -7.85 49.17 5.45
CA LYS D 11 -7.21 50.52 5.30
C LYS D 11 -7.37 51.37 6.55
N LYS D 12 -8.52 51.20 7.20
CA LYS D 12 -8.85 51.80 8.49
C LYS D 12 -7.87 51.42 9.61
N LEU D 13 -7.76 50.13 9.87
CA LEU D 13 -6.89 49.62 10.93
C LEU D 13 -5.39 49.84 10.64
N VAL D 14 -5.00 49.81 9.36
CA VAL D 14 -3.62 50.02 8.96
C VAL D 14 -3.28 51.48 9.14
N ASP D 15 -4.16 52.39 8.70
CA ASP D 15 -3.95 53.80 9.01
C ASP D 15 -3.79 53.99 10.52
N GLN D 16 -4.58 53.27 11.32
CA GLN D 16 -4.54 53.41 12.79
C GLN D 16 -3.23 52.91 13.43
N ASN D 17 -2.86 51.66 13.12
CA ASN D 17 -1.75 50.95 13.79
C ASN D 17 -0.37 51.06 13.06
N PHE D 18 -0.37 51.22 11.74
CA PHE D 18 0.91 51.37 10.99
C PHE D 18 1.27 52.83 10.67
N LYS D 19 0.34 53.61 10.12
CA LYS D 19 0.64 54.99 9.68
C LYS D 19 1.40 55.87 10.66
N PRO D 20 0.99 55.91 11.93
CA PRO D 20 1.74 56.84 12.74
C PRO D 20 3.20 56.42 13.05
N LEU D 21 3.63 55.21 12.68
CA LEU D 21 5.06 54.82 12.87
C LEU D 21 6.02 55.69 12.01
N LEU D 22 5.52 56.22 10.87
CA LEU D 22 6.29 57.14 10.02
C LEU D 22 6.70 58.47 10.71
N GLU D 23 5.73 59.22 11.26
CA GLU D 23 6.09 60.48 11.96
C GLU D 23 6.93 60.20 13.18
N LYS D 24 6.71 59.06 13.83
CA LYS D 24 7.41 58.75 15.12
C LYS D 24 8.89 58.42 14.94
N TYR D 25 9.20 57.63 13.91
CA TYR D 25 10.60 57.21 13.63
C TYR D 25 11.26 57.89 12.44
N ASP D 26 10.62 58.92 11.89
CA ASP D 26 11.08 59.66 10.70
C ASP D 26 11.34 58.71 9.50
N VAL D 27 10.37 57.86 9.20
CA VAL D 27 10.50 56.90 8.11
C VAL D 27 9.99 57.56 6.84
N PRO D 28 10.78 57.52 5.74
CA PRO D 28 10.20 58.18 4.59
C PRO D 28 9.02 57.47 3.91
N GLY D 29 9.12 56.18 3.77
CA GLY D 29 8.12 55.43 3.05
C GLY D 29 7.87 54.06 3.64
N MET D 30 6.64 53.57 3.39
CA MET D 30 6.17 52.29 3.95
C MET D 30 5.12 51.69 3.04
N ALA D 31 5.18 50.37 2.90
CA ALA D 31 4.13 49.56 2.22
C ALA D 31 3.62 48.51 3.24
N VAL D 32 2.29 48.40 3.37
CA VAL D 32 1.64 47.41 4.27
C VAL D 32 0.60 46.62 3.47
N GLY D 33 0.76 45.29 3.44
CA GLY D 33 -0.14 44.40 2.76
C GLY D 33 -0.82 43.41 3.69
N VAL D 34 -2.06 43.05 3.32
CA VAL D 34 -2.89 42.03 4.03
C VAL D 34 -3.53 41.10 3.05
N ILE D 35 -3.43 39.79 3.29
CA ILE D 35 -4.16 38.84 2.49
C ILE D 35 -5.12 38.12 3.46
N GLN D 36 -6.33 37.86 2.94
CA GLN D 36 -7.39 37.15 3.66
C GLN D 36 -8.26 36.42 2.66
N ASN D 37 -8.20 35.09 2.70
CA ASN D 37 -9.07 34.21 1.91
C ASN D 37 -8.91 34.54 0.45
N ASN D 38 -7.64 34.68 0.05
CA ASN D 38 -7.24 35.13 -1.29
C ASN D 38 -7.62 36.61 -1.72
N LYS D 39 -8.19 37.43 -0.82
CA LYS D 39 -8.40 38.85 -1.10
C LYS D 39 -7.16 39.66 -0.67
N LYS D 40 -6.47 40.30 -1.62
CA LYS D 40 -5.25 41.10 -1.32
C LYS D 40 -5.59 42.56 -1.13
N TYR D 41 -5.10 43.20 -0.05
CA TYR D 41 -5.29 44.65 0.25
C TYR D 41 -3.93 45.38 0.46
N GLU D 42 -3.56 46.23 -0.51
CA GLU D 42 -2.27 46.90 -0.53
C GLU D 42 -2.44 48.34 -0.05
N MET D 43 -1.66 48.76 0.95
CA MET D 43 -1.55 50.20 1.37
C MET D 43 -0.13 50.84 1.36
N TYR D 44 -0.02 51.98 0.69
CA TYR D 44 1.26 52.70 0.42
C TYR D 44 1.26 54.09 1.06
N TYR D 45 2.32 54.42 1.83
CA TYR D 45 2.56 55.77 2.45
C TYR D 45 3.95 56.37 2.10
N GLY D 46 4.01 57.68 2.03
CA GLY D 46 5.25 58.42 1.84
C GLY D 46 6.04 58.12 0.56
N LEU D 47 7.35 58.19 0.70
CA LEU D 47 8.31 58.33 -0.38
C LEU D 47 9.29 57.19 -0.42
N GLN D 48 9.37 56.59 -1.62
CA GLN D 48 10.38 55.61 -2.02
C GLN D 48 11.76 56.26 -2.06
N SER D 49 11.79 57.46 -2.63
CA SER D 49 13.06 58.25 -2.76
C SER D 49 12.83 59.66 -2.45
N VAL D 50 13.53 60.17 -1.48
CA VAL D 50 13.27 61.52 -1.05
C VAL D 50 13.83 62.42 -2.12
N GLN D 51 15.09 62.20 -2.50
CA GLN D 51 15.74 62.96 -3.57
C GLN D 51 14.91 63.03 -4.82
N ASP D 52 14.36 61.89 -5.23
CA ASP D 52 13.70 61.85 -6.51
C ASP D 52 12.18 62.14 -6.45
N LYS D 53 11.67 62.43 -5.28
CA LYS D 53 10.24 62.72 -5.03
C LYS D 53 9.32 61.66 -5.60
N LYS D 54 9.68 60.41 -5.33
CA LYS D 54 8.89 59.27 -5.83
C LYS D 54 8.12 58.74 -4.65
N ALA D 55 6.78 58.68 -4.80
CA ALA D 55 5.93 58.02 -3.80
C ALA D 55 6.02 56.49 -3.88
N VAL D 56 5.91 55.84 -2.72
CA VAL D 56 5.84 54.39 -2.61
C VAL D 56 4.57 53.96 -3.32
N ASN D 57 4.67 52.92 -4.12
CA ASN D 57 3.54 52.39 -4.89
C ASN D 57 3.79 50.88 -5.09
N SER D 58 2.94 50.25 -5.85
CA SER D 58 2.98 48.81 -6.05
C SER D 58 4.20 48.30 -6.78
N ASN D 59 4.94 49.18 -7.47
CA ASN D 59 6.16 48.79 -8.10
C ASN D 59 7.39 48.94 -7.23
N THR D 60 7.25 49.52 -6.06
CA THR D 60 8.43 49.86 -5.23
C THR D 60 9.13 48.60 -4.73
N ILE D 61 10.44 48.51 -4.95
CA ILE D 61 11.28 47.42 -4.51
C ILE D 61 11.98 47.81 -3.20
N PHE D 62 11.83 46.93 -2.19
CA PHE D 62 12.44 47.16 -0.85
C PHE D 62 13.40 46.04 -0.55
N GLU D 63 14.43 46.32 0.23
CA GLU D 63 15.35 45.29 0.74
C GLU D 63 14.65 44.52 1.90
N LEU D 64 14.56 43.20 1.76
CA LEU D 64 13.92 42.33 2.74
C LEU D 64 14.83 41.97 3.92
N GLY D 65 16.15 42.07 3.78
CA GLY D 65 17.07 41.78 4.89
C GLY D 65 16.88 40.29 5.19
N SER D 66 16.75 39.97 6.48
CA SER D 66 16.70 38.58 6.95
C SER D 66 15.48 37.80 6.51
N VAL D 67 14.43 38.48 6.01
CA VAL D 67 13.33 37.78 5.33
C VAL D 67 13.81 37.02 4.11
N SER D 68 15.00 37.34 3.60
CA SER D 68 15.58 36.61 2.49
C SER D 68 15.81 35.15 2.86
N LYS D 69 16.09 34.90 4.13
CA LYS D 69 16.37 33.56 4.66
C LYS D 69 15.20 32.62 4.35
N LEU D 70 13.99 33.16 4.21
CA LEU D 70 12.83 32.36 3.81
C LEU D 70 12.89 31.85 2.38
N PHE D 71 13.53 32.58 1.45
CA PHE D 71 13.70 32.02 0.14
C PHE D 71 14.81 31.01 0.10
N THR D 72 15.83 31.22 0.90
CA THR D 72 16.91 30.28 1.01
C THR D 72 16.37 28.92 1.50
N ALA D 73 15.50 28.99 2.52
CA ALA D 73 14.80 27.83 3.11
C ALA D 73 13.98 27.12 2.06
N THR D 74 13.21 27.89 1.31
CA THR D 74 12.41 27.38 0.23
C THR D 74 13.27 26.71 -0.86
N ALA D 75 14.41 27.29 -1.22
CA ALA D 75 15.25 26.64 -2.21
C ALA D 75 15.82 25.28 -1.73
N GLY D 76 16.14 25.18 -0.43
CA GLY D 76 16.61 23.94 0.16
C GLY D 76 15.51 22.88 0.19
N GLY D 77 14.29 23.30 0.50
CA GLY D 77 13.11 22.44 0.46
C GLY D 77 12.93 21.83 -0.91
N TYR D 78 12.97 22.67 -1.93
CA TYR D 78 12.87 22.27 -3.34
C TYR D 78 13.96 21.26 -3.76
N ALA D 79 15.22 21.55 -3.46
CA ALA D 79 16.34 20.64 -3.77
C ALA D 79 16.32 19.28 -2.99
N LYS D 80 15.94 19.31 -1.71
CA LYS D 80 15.70 18.08 -0.95
C LYS D 80 14.60 17.21 -1.59
N ASN D 81 13.44 17.80 -1.90
CA ASN D 81 12.33 17.03 -2.49
C ASN D 81 12.45 16.61 -3.96
N LYS D 82 13.45 17.14 -4.66
CA LYS D 82 13.82 16.69 -5.98
C LYS D 82 14.98 15.70 -5.89
N GLY D 83 15.55 15.49 -4.71
CA GLY D 83 16.65 14.52 -4.54
C GLY D 83 18.07 15.06 -4.76
N LYS D 84 18.21 16.38 -4.80
CA LYS D 84 19.48 16.99 -5.18
C LYS D 84 20.37 17.05 -3.93
N ILE D 85 19.73 17.20 -2.78
CA ILE D 85 20.40 17.14 -1.46
C ILE D 85 19.62 16.22 -0.57
N SER D 86 20.32 15.67 0.42
CA SER D 86 19.69 15.13 1.62
C SER D 86 20.02 16.10 2.72
N PHE D 87 19.10 16.33 3.66
CA PHE D 87 19.38 17.14 4.86
C PHE D 87 20.41 16.56 5.80
N ASP D 88 20.71 15.26 5.64
CA ASP D 88 21.70 14.60 6.47
C ASP D 88 23.07 14.59 5.82
N ASP D 89 23.18 15.18 4.61
CA ASP D 89 24.49 15.39 3.97
C ASP D 89 25.24 16.41 4.76
N THR D 90 26.54 16.42 4.61
CA THR D 90 27.40 17.53 5.05
C THR D 90 27.88 18.30 3.78
N PRO D 91 28.46 19.53 3.96
CA PRO D 91 28.74 20.39 2.80
C PRO D 91 29.93 19.99 1.93
N GLY D 92 30.90 19.27 2.51
CA GLY D 92 31.93 18.55 1.76
C GLY D 92 31.44 17.70 0.59
N LYS D 93 30.18 17.24 0.62
CA LYS D 93 29.63 16.43 -0.48
C LYS D 93 29.48 17.21 -1.79
N TYR D 94 29.27 18.52 -1.66
CA TYR D 94 28.94 19.39 -2.79
C TYR D 94 30.01 20.40 -3.03
N TRP D 95 30.47 21.04 -1.96
CA TRP D 95 31.66 21.89 -2.01
C TRP D 95 32.82 20.96 -1.68
N LYS D 96 33.41 20.38 -2.73
CA LYS D 96 34.48 19.36 -2.60
C LYS D 96 35.68 19.83 -1.82
N GLU D 97 35.97 21.13 -1.91
CA GLU D 97 37.15 21.77 -1.28
C GLU D 97 37.06 21.78 0.26
N LEU D 98 35.86 21.51 0.79
CA LEU D 98 35.61 21.26 2.22
C LEU D 98 35.51 19.75 2.56
N LYS D 99 35.77 18.84 1.61
CA LYS D 99 35.62 17.41 1.86
C LYS D 99 36.59 17.04 3.00
N ASN D 100 36.05 16.38 4.02
CA ASN D 100 36.80 15.85 5.18
C ASN D 100 37.47 16.90 6.05
N THR D 101 36.87 18.10 6.08
CA THR D 101 37.30 19.17 7.00
C THR D 101 36.38 19.09 8.23
N PRO D 102 36.77 19.77 9.33
CA PRO D 102 35.92 19.74 10.54
C PRO D 102 34.46 20.20 10.31
N ILE D 103 34.25 21.29 9.55
CA ILE D 103 32.87 21.70 9.21
C ILE D 103 32.11 20.66 8.36
N ASP D 104 32.86 19.83 7.63
CA ASP D 104 32.27 18.70 6.94
C ASP D 104 31.63 17.65 7.85
N GLN D 105 31.76 17.77 9.19
CA GLN D 105 31.01 16.94 10.16
C GLN D 105 29.58 17.48 10.44
N VAL D 106 29.35 18.77 10.21
CA VAL D 106 28.05 19.43 10.44
C VAL D 106 27.18 19.22 9.22
N ASN D 107 25.92 18.84 9.42
CA ASN D 107 25.02 18.49 8.29
C ASN D 107 24.22 19.71 7.77
N LEU D 108 23.57 19.56 6.60
CA LEU D 108 22.88 20.70 5.95
C LEU D 108 21.73 21.28 6.78
N LEU D 109 20.90 20.45 7.40
CA LEU D 109 19.87 20.97 8.34
C LEU D 109 20.49 21.79 9.46
N GLN D 110 21.60 21.31 10.02
CA GLN D 110 22.24 22.04 11.15
C GLN D 110 22.80 23.43 10.79
N LEU D 111 23.29 23.54 9.55
CA LEU D 111 23.63 24.83 9.00
C LEU D 111 22.35 25.69 8.86
N ALA D 112 21.31 25.12 8.23
CA ALA D 112 20.09 25.87 7.92
C ALA D 112 19.39 26.40 9.16
N THR D 113 19.43 25.63 10.25
CA THR D 113 18.70 25.99 11.50
C THR D 113 19.63 26.44 12.62
N TYR D 114 20.87 26.78 12.28
CA TYR D 114 21.77 27.55 13.17
C TYR D 114 22.47 26.75 14.33
N THR D 115 22.60 25.44 14.17
CA THR D 115 23.19 24.58 15.24
C THR D 115 24.59 24.02 14.99
N SER D 116 25.36 24.61 14.08
CA SER D 116 26.78 24.22 13.92
C SER D 116 27.57 24.14 15.25
N GLY D 117 27.27 25.07 16.18
CA GLY D 117 27.93 25.22 17.47
C GLY D 117 29.01 26.28 17.59
N ASN D 118 29.43 26.90 16.49
CA ASN D 118 30.48 27.93 16.51
C ASN D 118 30.41 28.84 15.24
N LEU D 119 29.25 29.41 14.99
CA LEU D 119 29.09 30.37 13.90
C LEU D 119 28.25 31.48 14.45
N ALA D 120 28.84 32.68 14.47
CA ALA D 120 28.18 33.88 14.95
C ALA D 120 27.21 34.49 13.92
N LEU D 121 26.60 35.59 14.34
CA LEU D 121 25.69 36.37 13.48
C LEU D 121 26.31 36.82 12.14
N GLN D 122 27.47 37.47 12.19
CA GLN D 122 28.24 37.87 10.98
C GLN D 122 29.56 37.10 10.83
N PHE D 123 30.10 37.16 9.61
CA PHE D 123 31.46 36.74 9.32
C PHE D 123 32.40 37.74 9.99
N PRO D 124 33.63 37.31 10.27
CA PRO D 124 34.59 38.35 10.67
C PRO D 124 34.76 39.44 9.58
N ASP D 125 35.00 40.67 10.05
CA ASP D 125 35.15 41.82 9.18
C ASP D 125 36.19 41.68 8.06
N GLU D 126 37.24 40.88 8.28
CA GLU D 126 38.28 40.64 7.24
C GLU D 126 37.91 39.57 6.21
N VAL D 127 36.86 38.79 6.44
CA VAL D 127 36.30 37.92 5.39
C VAL D 127 35.39 38.77 4.46
N GLN D 128 35.74 38.81 3.16
CA GLN D 128 35.01 39.55 2.11
C GLN D 128 34.91 38.74 0.80
N THR D 129 36.06 38.38 0.23
CA THR D 129 36.13 37.70 -1.07
C THR D 129 35.71 36.24 -0.96
N ASP D 130 35.55 35.56 -2.10
CA ASP D 130 35.13 34.14 -2.06
C ASP D 130 36.24 33.18 -1.61
N GLN D 131 37.49 33.52 -1.93
CA GLN D 131 38.70 32.84 -1.39
C GLN D 131 38.73 33.00 0.16
N GLN D 132 38.46 34.20 0.65
CA GLN D 132 38.45 34.42 2.11
C GLN D 132 37.35 33.63 2.87
N VAL D 133 36.19 33.47 2.24
CA VAL D 133 35.09 32.68 2.76
C VAL D 133 35.50 31.19 2.82
N LEU D 134 36.12 30.71 1.76
CA LEU D 134 36.60 29.34 1.73
C LEU D 134 37.66 29.12 2.83
N THR D 135 38.59 30.05 2.95
CA THR D 135 39.63 29.99 4.01
C THR D 135 39.00 29.99 5.38
N PHE D 136 38.02 30.88 5.59
CA PHE D 136 37.22 30.83 6.84
C PHE D 136 36.65 29.45 7.16
N PHE D 137 35.93 28.85 6.22
CA PHE D 137 35.36 27.53 6.48
C PHE D 137 36.36 26.36 6.47
N LYS D 138 37.49 26.50 5.77
CA LYS D 138 38.59 25.51 5.91
C LYS D 138 39.21 25.53 7.32
N ASP D 139 39.40 26.74 7.85
CA ASP D 139 40.06 26.98 9.14
C ASP D 139 39.14 26.83 10.35
N TRP D 140 37.83 26.70 10.12
CA TRP D 140 36.83 26.53 11.20
C TRP D 140 37.05 25.20 11.95
N LYS D 141 36.94 25.26 13.28
CA LYS D 141 36.99 24.06 14.17
C LYS D 141 35.74 24.10 15.11
N PRO D 142 35.27 22.90 15.59
CA PRO D 142 34.06 22.90 16.47
C PRO D 142 34.22 23.56 17.83
N LYS D 143 33.10 23.80 18.50
CA LYS D 143 33.13 24.46 19.80
C LYS D 143 32.01 23.87 20.67
N ASN D 144 30.75 24.29 20.50
CA ASN D 144 29.63 23.75 21.28
C ASN D 144 29.15 22.42 20.69
N PRO D 145 28.71 21.48 21.55
CA PRO D 145 28.18 20.20 21.04
C PRO D 145 27.35 20.36 19.76
N ILE D 146 27.85 19.81 18.64
CA ILE D 146 27.17 19.99 17.34
C ILE D 146 25.71 19.53 17.39
N GLY D 147 24.81 20.39 16.91
CA GLY D 147 23.37 20.11 16.90
C GLY D 147 22.63 20.61 18.12
N GLU D 148 23.34 21.06 19.17
CA GLU D 148 22.72 21.30 20.49
C GLU D 148 22.45 22.77 20.77
N TYR D 149 23.26 23.68 20.23
CA TYR D 149 23.12 25.11 20.50
C TYR D 149 22.73 25.95 19.25
N ARG D 150 21.59 26.64 19.35
CA ARG D 150 21.16 27.62 18.33
C ARG D 150 21.81 28.98 18.55
N GLN D 151 22.61 29.41 17.58
CA GLN D 151 23.05 30.79 17.50
C GLN D 151 22.67 31.38 16.11
N TYR D 152 21.78 32.36 16.10
CA TYR D 152 21.27 32.96 14.85
C TYR D 152 22.45 33.43 14.03
N SER D 153 22.56 32.97 12.78
CA SER D 153 23.83 33.15 12.04
C SER D 153 23.71 33.27 10.52
N ASN D 154 24.19 34.39 9.99
CA ASN D 154 24.29 34.57 8.55
C ASN D 154 25.24 33.60 7.87
N PRO D 155 26.51 33.48 8.35
CA PRO D 155 27.39 32.51 7.68
C PRO D 155 26.86 31.11 7.70
N SER D 156 26.13 30.76 8.76
CA SER D 156 25.62 29.41 8.85
C SER D 156 24.64 29.12 7.69
N ILE D 157 23.60 29.93 7.57
CA ILE D 157 22.62 29.67 6.49
C ILE D 157 23.17 30.12 5.10
N GLY D 158 24.12 31.07 5.07
CA GLY D 158 24.86 31.37 3.83
C GLY D 158 25.57 30.14 3.24
N LEU D 159 26.26 29.41 4.12
CA LEU D 159 26.86 28.11 3.71
C LEU D 159 25.85 27.12 3.18
N PHE D 160 24.72 27.04 3.84
CA PHE D 160 23.61 26.24 3.38
C PHE D 160 23.20 26.63 1.99
N GLY D 161 23.01 27.95 1.82
CA GLY D 161 22.64 28.50 0.53
C GLY D 161 23.54 28.07 -0.59
N LYS D 162 24.84 28.28 -0.39
CA LYS D 162 25.84 27.98 -1.42
C LYS D 162 25.80 26.52 -1.84
N VAL D 163 25.58 25.65 -0.85
CA VAL D 163 25.52 24.18 -1.06
C VAL D 163 24.34 23.77 -1.88
N VAL D 164 23.17 24.32 -1.55
CA VAL D 164 21.95 24.10 -2.32
C VAL D 164 22.19 24.50 -3.79
N ALA D 165 22.87 25.64 -3.96
CA ALA D 165 23.20 26.14 -5.28
C ALA D 165 24.03 25.10 -6.05
N LEU D 166 25.13 24.69 -5.43
CA LEU D 166 26.00 23.61 -5.96
C LEU D 166 25.24 22.36 -6.35
N SER D 167 24.33 21.93 -5.51
CA SER D 167 23.50 20.73 -5.78
C SER D 167 22.62 20.86 -7.04
N MET D 168 22.12 22.07 -7.25
CA MET D 168 21.31 22.35 -8.41
C MET D 168 22.14 22.85 -9.62
N ASN D 169 23.47 22.92 -9.48
CA ASN D 169 24.35 23.28 -10.60
C ASN D 169 23.99 24.66 -11.24
N LYS D 170 23.63 25.63 -10.39
CA LYS D 170 23.36 27.03 -10.77
C LYS D 170 23.97 27.93 -9.66
N PRO D 171 24.51 29.12 -10.00
CA PRO D 171 24.80 29.98 -8.84
C PRO D 171 23.52 30.30 -8.02
N PHE D 172 23.71 30.63 -6.77
CA PHE D 172 22.58 30.99 -5.92
C PHE D 172 21.57 32.01 -6.50
N ASP D 173 22.07 33.13 -7.05
CA ASP D 173 21.17 34.15 -7.65
C ASP D 173 20.29 33.54 -8.73
N GLN D 174 20.86 32.59 -9.48
CA GLN D 174 20.15 31.88 -10.54
C GLN D 174 19.15 30.85 -9.98
N VAL D 175 19.50 30.19 -8.89
CA VAL D 175 18.50 29.33 -8.21
C VAL D 175 17.23 30.13 -7.88
N LEU D 176 17.38 31.26 -7.21
CA LEU D 176 16.23 32.10 -6.89
C LEU D 176 15.60 32.77 -8.13
N GLU D 177 16.42 33.42 -8.96
CA GLU D 177 15.81 34.18 -10.08
C GLU D 177 15.32 33.33 -11.26
N LYS D 178 15.96 32.20 -11.54
CA LYS D 178 15.55 31.36 -12.68
C LYS D 178 14.63 30.22 -12.28
N THR D 179 14.70 29.76 -11.03
CA THR D 179 13.88 28.58 -10.59
C THR D 179 12.87 28.91 -9.49
N ILE D 180 13.31 29.46 -8.37
CA ILE D 180 12.37 29.57 -7.21
C ILE D 180 11.34 30.69 -7.31
N PHE D 181 11.79 31.91 -7.70
CA PHE D 181 10.83 33.02 -7.83
C PHE D 181 9.78 32.73 -8.92
N PRO D 182 10.24 32.27 -10.13
CA PRO D 182 9.26 31.93 -11.19
C PRO D 182 8.29 30.83 -10.74
N ALA D 183 8.78 29.82 -10.02
CA ALA D 183 7.89 28.80 -9.45
C ALA D 183 6.89 29.41 -8.47
N LEU D 184 7.32 30.31 -7.58
CA LEU D 184 6.39 30.95 -6.60
C LEU D 184 5.46 32.01 -7.21
N GLY D 185 5.66 32.32 -8.48
CA GLY D 185 4.82 33.25 -9.24
C GLY D 185 5.25 34.72 -9.11
N LEU D 186 6.53 34.95 -8.84
CA LEU D 186 7.04 36.29 -8.49
C LEU D 186 7.73 36.94 -9.72
N LYS D 187 7.25 38.13 -10.05
CA LYS D 187 7.60 38.88 -11.28
C LYS D 187 8.65 40.01 -11.04
N HIS D 188 8.65 40.57 -9.82
CA HIS D 188 9.50 41.65 -9.39
C HIS D 188 10.30 41.38 -8.12
N SER D 189 10.88 40.19 -8.00
CA SER D 189 11.73 39.83 -6.86
C SER D 189 13.12 39.48 -7.37
N TYR D 190 14.13 39.92 -6.63
CA TYR D 190 15.47 39.89 -7.13
C TYR D 190 16.50 39.66 -6.07
N VAL D 191 17.57 39.00 -6.45
CA VAL D 191 18.84 39.07 -5.75
C VAL D 191 19.62 40.25 -6.27
N ASN D 192 19.68 40.40 -7.59
CA ASN D 192 20.32 41.56 -8.27
C ASN D 192 19.23 42.34 -9.03
N VAL D 193 18.95 43.57 -8.58
CA VAL D 193 17.90 44.39 -9.25
C VAL D 193 18.46 44.82 -10.63
N PRO D 194 17.77 44.53 -11.70
CA PRO D 194 18.26 44.90 -13.05
C PRO D 194 18.07 46.38 -13.42
N LYS D 195 18.83 46.85 -14.43
CA LYS D 195 18.91 48.26 -14.87
C LYS D 195 17.51 48.82 -15.13
N THR D 196 16.67 48.01 -15.75
CA THR D 196 15.31 48.39 -16.05
C THR D 196 14.41 48.55 -14.84
N GLN D 197 14.86 48.14 -13.66
CA GLN D 197 14.09 48.26 -12.43
C GLN D 197 14.71 49.16 -11.41
N MET D 198 15.87 49.74 -11.70
CA MET D 198 16.52 50.64 -10.76
C MET D 198 15.64 51.83 -10.41
N GLN D 199 14.81 52.25 -11.34
CA GLN D 199 13.90 53.37 -11.10
C GLN D 199 12.80 53.05 -10.07
N ASN D 200 12.50 51.76 -9.82
CA ASN D 200 11.57 51.33 -8.79
C ASN D 200 12.24 50.93 -7.45
N TYR D 201 13.55 50.88 -7.43
CA TYR D 201 14.28 50.47 -6.25
C TYR D 201 14.37 51.60 -5.22
N ALA D 202 13.66 51.46 -4.09
CA ALA D 202 13.72 52.40 -3.00
C ALA D 202 15.12 52.66 -2.49
N PHE D 203 15.39 53.86 -1.99
CA PHE D 203 16.59 54.06 -1.15
C PHE D 203 16.17 53.74 0.24
N GLY D 204 17.09 53.09 0.95
CA GLY D 204 17.08 53.05 2.44
C GLY D 204 17.56 54.37 3.06
N TYR D 205 17.22 54.59 4.32
CA TYR D 205 17.59 55.82 5.03
C TYR D 205 18.20 55.40 6.40
N ASN D 206 19.37 55.94 6.73
CA ASN D 206 20.02 55.68 8.01
C ASN D 206 19.43 56.55 9.12
N GLN D 207 20.01 56.46 10.33
CA GLN D 207 19.54 57.28 11.47
C GLN D 207 19.53 58.80 11.31
N GLU D 208 20.37 59.35 10.42
CA GLU D 208 20.46 60.78 10.11
C GLU D 208 19.72 61.18 8.80
N ASN D 209 18.82 60.31 8.38
CA ASN D 209 18.08 60.39 7.13
C ASN D 209 18.91 60.63 5.85
N GLN D 210 20.05 59.96 5.80
CA GLN D 210 20.91 59.93 4.62
C GLN D 210 20.62 58.66 3.81
N PRO D 211 20.62 58.80 2.49
CA PRO D 211 20.37 57.55 1.72
C PRO D 211 21.45 56.44 1.73
N ILE D 212 21.00 55.19 1.75
CA ILE D 212 21.85 54.07 1.83
C ILE D 212 21.18 52.85 1.14
N ARG D 213 22.01 52.04 0.53
CA ARG D 213 21.60 50.73 0.00
C ARG D 213 22.52 49.63 0.54
N VAL D 214 22.03 48.39 0.50
CA VAL D 214 22.75 47.29 1.17
C VAL D 214 24.12 47.14 0.50
N ASN D 215 25.18 46.88 1.27
CA ASN D 215 26.53 46.68 0.70
C ASN D 215 26.72 45.24 0.29
N PRO D 216 27.48 44.98 -0.81
CA PRO D 216 27.88 43.61 -1.09
C PRO D 216 28.63 43.02 0.12
N GLY D 217 28.44 41.73 0.40
CA GLY D 217 29.12 41.07 1.53
C GLY D 217 29.29 39.59 1.28
N PRO D 218 30.09 38.91 2.11
CA PRO D 218 30.29 37.48 1.91
C PRO D 218 29.01 36.66 2.16
N LEU D 219 28.71 35.81 1.19
CA LEU D 219 27.49 35.01 1.09
C LEU D 219 26.24 35.83 1.48
N ASP D 220 26.13 37.05 0.93
CA ASP D 220 25.05 37.96 1.25
C ASP D 220 23.67 37.52 0.79
N ALA D 221 23.59 36.98 -0.42
CA ALA D 221 22.28 36.72 -1.03
C ALA D 221 21.41 35.75 -0.25
N PRO D 222 21.99 34.60 0.16
CA PRO D 222 21.18 33.63 0.94
C PRO D 222 20.83 34.08 2.36
N ALA D 223 21.66 34.93 2.97
CA ALA D 223 21.42 35.45 4.32
C ALA D 223 20.52 36.68 4.37
N TYR D 224 20.69 37.65 3.47
CA TYR D 224 19.96 38.91 3.59
C TYR D 224 19.84 39.75 2.29
N GLY D 225 20.01 39.10 1.14
CA GLY D 225 20.23 39.83 -0.14
C GLY D 225 19.09 39.88 -1.14
N VAL D 226 17.87 39.57 -0.70
CA VAL D 226 16.74 39.57 -1.58
C VAL D 226 16.00 40.92 -1.52
N LYS D 227 15.53 41.35 -2.68
CA LYS D 227 14.64 42.51 -2.81
C LYS D 227 13.33 42.16 -3.51
N SER D 228 12.24 42.78 -3.05
CA SER D 228 10.90 42.47 -3.55
C SER D 228 9.91 43.65 -3.42
N THR D 229 8.75 43.51 -4.05
CA THR D 229 7.67 44.48 -3.96
C THR D 229 6.61 43.98 -2.99
N LEU D 230 5.72 44.86 -2.56
CA LEU D 230 4.59 44.43 -1.79
C LEU D 230 3.68 43.36 -2.47
N PRO D 231 3.33 43.50 -3.76
CA PRO D 231 2.53 42.45 -4.36
C PRO D 231 3.23 41.11 -4.43
N ASP D 232 4.53 41.09 -4.76
CA ASP D 232 5.27 39.83 -4.82
C ASP D 232 5.28 39.22 -3.43
N MET D 233 5.40 40.03 -2.38
CA MET D 233 5.48 39.48 -1.01
C MET D 233 4.13 38.88 -0.56
N LEU D 234 3.02 39.48 -0.99
CA LEU D 234 1.69 38.84 -0.77
C LEU D 234 1.45 37.60 -1.64
N SER D 235 2.00 37.53 -2.83
CA SER D 235 2.00 36.26 -3.54
C SER D 235 2.82 35.17 -2.77
N PHE D 236 3.95 35.53 -2.17
CA PHE D 236 4.71 34.60 -1.33
C PHE D 236 3.93 34.13 -0.11
N ILE D 237 3.26 35.06 0.56
CA ILE D 237 2.40 34.68 1.67
C ILE D 237 1.27 33.75 1.21
N HIS D 238 0.60 34.14 0.12
CA HIS D 238 -0.47 33.32 -0.46
C HIS D 238 0.06 31.91 -0.71
N ALA D 239 1.24 31.79 -1.32
CA ALA D 239 1.90 30.49 -1.55
C ALA D 239 2.15 29.62 -0.32
N ASN D 240 2.48 30.28 0.80
CA ASN D 240 2.66 29.61 2.12
C ASN D 240 1.32 29.19 2.75
N LEU D 241 0.27 30.01 2.59
CA LEU D 241 -1.07 29.70 3.13
C LEU D 241 -1.89 28.64 2.35
N ASN D 242 -1.64 28.52 1.04
CA ASN D 242 -2.32 27.57 0.13
C ASN D 242 -1.26 26.79 -0.72
N PRO D 243 -0.39 25.94 -0.09
CA PRO D 243 0.62 25.15 -0.87
C PRO D 243 0.07 24.06 -1.82
N GLN D 244 -1.17 23.66 -1.60
CA GLN D 244 -1.88 22.76 -2.50
C GLN D 244 -2.04 23.37 -3.90
N LYS D 245 -2.16 24.70 -3.98
CA LYS D 245 -2.50 25.31 -5.27
C LYS D 245 -1.34 25.37 -6.27
N TYR D 246 -0.12 25.16 -5.81
CA TYR D 246 1.07 25.36 -6.66
C TYR D 246 1.50 24.00 -7.11
N PRO D 247 2.26 23.92 -8.21
CA PRO D 247 2.70 22.61 -8.68
C PRO D 247 3.57 21.86 -7.67
N THR D 248 3.85 20.61 -7.98
CA THR D 248 4.22 19.66 -6.92
C THR D 248 5.64 19.95 -6.36
N ASP D 249 6.61 20.28 -7.22
CA ASP D 249 7.99 20.53 -6.77
C ASP D 249 8.11 21.74 -5.82
N ILE D 250 7.42 22.84 -6.12
CA ILE D 250 7.37 24.00 -5.20
C ILE D 250 6.40 23.78 -4.02
N GLN D 251 5.30 23.02 -4.25
CA GLN D 251 4.38 22.59 -3.16
C GLN D 251 5.10 21.87 -2.01
N ARG D 252 5.93 20.88 -2.35
CA ARG D 252 6.80 20.19 -1.35
C ARG D 252 7.80 21.13 -0.65
N ALA D 253 8.55 21.85 -1.47
CA ALA D 253 9.56 22.84 -1.00
C ALA D 253 8.98 23.74 0.10
N ILE D 254 7.80 24.30 -0.17
CA ILE D 254 7.14 25.22 0.75
C ILE D 254 6.70 24.54 2.03
N ASN D 255 6.12 23.35 1.92
CA ASN D 255 5.68 22.65 3.14
C ASN D 255 6.90 22.18 3.98
N GLU D 256 7.99 21.81 3.31
CA GLU D 256 9.28 21.54 3.98
C GLU D 256 9.76 22.70 4.88
N THR D 257 9.49 23.98 4.51
CA THR D 257 9.75 25.15 5.39
C THR D 257 8.78 25.33 6.57
N HIS D 258 7.69 24.57 6.62
CA HIS D 258 6.69 24.69 7.72
C HIS D 258 6.84 23.69 8.88
N GLN D 259 7.70 22.69 8.72
CA GLN D 259 7.92 21.66 9.78
C GLN D 259 8.88 22.14 10.85
N GLY D 260 8.40 22.25 12.10
CA GLY D 260 9.26 22.47 13.27
C GLY D 260 10.41 21.46 13.31
N ARG D 261 11.62 21.94 13.49
CA ARG D 261 12.82 21.10 13.56
C ARG D 261 13.35 20.91 14.99
N TYR D 262 13.04 21.86 15.86
CA TYR D 262 13.48 21.85 17.25
C TYR D 262 12.81 23.02 17.96
N GLN D 263 12.94 23.07 19.28
CA GLN D 263 12.27 24.07 20.08
C GLN D 263 13.25 24.76 21.02
N VAL D 264 13.00 26.04 21.24
CA VAL D 264 13.64 26.83 22.27
C VAL D 264 12.47 27.53 22.91
N ASN D 265 12.04 27.05 24.09
CA ASN D 265 10.99 27.71 24.88
C ASN D 265 9.66 27.74 24.04
N THR D 266 9.01 28.87 23.83
CA THR D 266 7.77 28.88 23.05
C THR D 266 8.01 28.92 21.51
N MET D 267 9.27 28.97 21.08
CA MET D 267 9.59 29.18 19.68
C MET D 267 10.04 27.89 19.05
N TYR D 268 9.39 27.47 17.96
CA TYR D 268 9.85 26.31 17.19
C TYR D 268 10.61 26.79 15.92
N GLN D 269 11.84 26.33 15.73
CA GLN D 269 12.61 26.69 14.55
C GLN D 269 12.23 25.81 13.40
N ALA D 270 11.48 26.37 12.46
CA ALA D 270 11.36 25.76 11.13
C ALA D 270 12.51 26.20 10.21
N LEU D 271 12.51 25.69 8.99
CA LEU D 271 13.53 26.01 7.99
C LEU D 271 13.20 27.48 7.60
N GLY D 272 13.95 28.41 8.19
CA GLY D 272 13.80 29.83 7.93
C GLY D 272 12.77 30.52 8.77
N TRP D 273 11.51 30.10 8.62
CA TRP D 273 10.40 30.63 9.43
C TRP D 273 10.58 30.29 10.91
N GLU D 274 10.13 31.18 11.76
CA GLU D 274 9.93 30.89 13.18
C GLU D 274 8.45 30.47 13.31
N GLU D 275 8.22 29.43 14.11
CA GLU D 275 6.93 28.72 14.23
C GLU D 275 6.47 28.75 15.68
N PHE D 276 5.16 28.91 15.86
CA PHE D 276 4.51 28.99 17.17
C PHE D 276 3.16 28.26 17.19
N SER D 277 2.64 27.97 18.39
CA SER D 277 1.27 27.43 18.53
C SER D 277 0.28 28.58 18.45
N TYR D 278 -0.65 28.44 17.50
CA TYR D 278 -1.79 29.35 17.38
C TYR D 278 -2.94 28.80 18.25
N PRO D 279 -3.59 29.61 19.10
CA PRO D 279 -3.34 31.05 19.23
C PRO D 279 -2.09 31.39 20.04
N ALA D 280 -1.21 32.18 19.43
CA ALA D 280 -0.02 32.71 20.11
C ALA D 280 -0.37 34.09 20.67
N THR D 281 0.21 34.40 21.82
CA THR D 281 0.00 35.68 22.46
C THR D 281 0.96 36.71 21.87
N LEU D 282 0.65 38.01 22.06
CA LEU D 282 1.59 39.10 21.72
C LEU D 282 2.95 38.76 22.30
N GLN D 283 2.96 38.53 23.61
CA GLN D 283 4.21 38.37 24.34
C GLN D 283 5.04 37.21 23.81
N THR D 284 4.41 36.09 23.46
CA THR D 284 5.15 34.95 22.90
C THR D 284 5.82 35.34 21.53
N LEU D 285 5.10 36.14 20.73
CA LEU D 285 5.62 36.63 19.45
C LEU D 285 6.75 37.67 19.65
N LEU D 286 6.54 38.59 20.59
CA LEU D 286 7.57 39.51 21.02
C LEU D 286 8.87 38.86 21.60
N ASP D 287 8.78 37.71 22.29
CA ASP D 287 10.02 37.12 22.95
C ASP D 287 10.94 36.45 21.94
N SER D 288 10.39 36.04 20.79
CA SER D 288 11.21 35.44 19.71
C SER D 288 12.24 36.39 19.12
N ASN D 289 12.12 37.70 19.41
CA ASN D 289 13.03 38.75 18.96
C ASN D 289 13.84 39.45 20.07
N SER D 290 13.96 38.81 21.23
CA SER D 290 14.80 39.30 22.34
C SER D 290 16.31 39.16 22.01
N GLU D 291 17.14 40.02 22.63
CA GLU D 291 18.62 39.92 22.62
C GLU D 291 19.14 38.49 22.87
N GLN D 292 18.55 37.77 23.81
CA GLN D 292 19.00 36.39 24.12
C GLN D 292 18.80 35.42 22.95
N ILE D 293 17.64 35.50 22.30
CA ILE D 293 17.27 34.60 21.22
C ILE D 293 18.05 34.99 19.96
N VAL D 294 18.19 36.30 19.74
CA VAL D 294 18.72 36.82 18.47
C VAL D 294 20.25 36.79 18.46
N MET D 295 20.86 37.21 19.59
CA MET D 295 22.30 37.45 19.69
C MET D 295 23.14 36.38 20.40
N LYS D 296 22.53 35.53 21.22
CA LYS D 296 23.32 34.64 22.07
C LYS D 296 23.03 33.17 21.79
N PRO D 297 23.93 32.26 22.23
CA PRO D 297 23.61 30.85 22.03
C PRO D 297 22.46 30.44 23.02
N ASN D 298 21.60 29.52 22.58
CA ASN D 298 20.55 28.92 23.42
C ASN D 298 20.55 27.40 23.16
N LYS D 299 20.37 26.59 24.22
CA LYS D 299 20.29 25.13 24.08
C LYS D 299 19.00 24.77 23.36
N VAL D 300 19.06 23.80 22.46
CA VAL D 300 17.84 23.32 21.78
C VAL D 300 17.24 22.05 22.42
N THR D 301 15.92 21.92 22.26
CA THR D 301 15.12 20.79 22.72
C THR D 301 14.55 20.10 21.48
N ALA D 302 14.75 18.78 21.34
CA ALA D 302 14.02 18.02 20.31
C ALA D 302 12.51 18.12 20.60
N ILE D 303 11.71 18.14 19.55
CA ILE D 303 10.27 18.36 19.70
C ILE D 303 9.66 17.00 19.96
N SER D 304 8.58 16.96 20.75
CA SER D 304 7.75 15.78 20.91
C SER D 304 6.26 16.09 20.69
N LYS D 305 5.74 17.12 21.37
CA LYS D 305 4.37 17.61 21.12
C LYS D 305 4.35 18.69 20.03
N GLU D 306 4.71 18.31 18.79
CA GLU D 306 4.72 19.24 17.62
C GLU D 306 3.30 19.81 17.38
N PRO D 307 3.09 21.13 17.63
CA PRO D 307 1.76 21.72 17.84
C PRO D 307 0.64 21.35 16.87
N SER D 308 -0.56 21.13 17.41
CA SER D 308 -1.76 20.84 16.63
C SER D 308 -2.02 21.89 15.53
N VAL D 309 -2.05 23.15 15.94
CA VAL D 309 -2.35 24.29 15.06
C VAL D 309 -1.26 25.36 15.25
N LYS D 310 -0.74 25.88 14.13
CA LYS D 310 0.47 26.73 14.12
C LYS D 310 0.28 28.11 13.39
N MET D 311 1.17 29.06 13.72
CA MET D 311 1.38 30.27 12.90
C MET D 311 2.87 30.46 12.72
N TYR D 312 3.23 31.35 11.81
CA TYR D 312 4.67 31.59 11.52
C TYR D 312 4.98 33.09 11.35
N HIS D 313 6.22 33.50 11.64
CA HIS D 313 6.67 34.89 11.31
C HIS D 313 8.19 34.99 11.04
N LYS D 314 8.61 36.18 10.62
CA LYS D 314 10.04 36.48 10.42
C LYS D 314 10.20 37.99 10.32
N THR D 315 11.14 38.52 11.09
CA THR D 315 11.57 39.90 10.95
C THR D 315 12.83 39.94 10.07
N GLY D 316 13.06 41.13 9.53
CA GLY D 316 14.26 41.37 8.70
C GLY D 316 14.64 42.84 8.63
N SER D 317 15.94 43.08 8.51
CA SER D 317 16.47 44.42 8.48
C SER D 317 17.74 44.41 7.63
N THR D 318 17.98 45.54 6.98
CA THR D 318 19.30 45.91 6.41
C THR D 318 19.51 47.23 7.10
N SER D 319 20.65 47.87 6.78
N SER D 319 20.62 47.91 6.81
CA SER D 319 20.98 49.17 7.36
CA SER D 319 20.90 49.17 7.51
C SER D 319 19.84 50.15 7.23
C SER D 319 19.93 50.29 7.17
N GLY D 320 19.18 50.14 6.07
CA GLY D 320 18.26 51.17 5.65
C GLY D 320 16.83 50.71 5.59
N PHE D 321 16.52 49.43 5.84
CA PHE D 321 15.15 48.90 5.62
C PHE D 321 14.63 48.03 6.76
N GLY D 322 13.31 48.07 6.97
CA GLY D 322 12.67 47.11 7.87
C GLY D 322 11.61 46.29 7.15
N THR D 323 11.50 45.03 7.56
CA THR D 323 10.55 44.06 6.97
C THR D 323 9.93 43.26 8.15
N TYR D 324 8.62 42.97 8.07
CA TYR D 324 7.96 41.94 8.91
C TYR D 324 6.96 41.11 8.07
N VAL D 325 7.03 39.78 8.18
CA VAL D 325 6.14 38.86 7.46
C VAL D 325 5.56 37.80 8.46
N VAL D 326 4.23 37.64 8.43
CA VAL D 326 3.47 36.78 9.38
C VAL D 326 2.35 36.08 8.63
N PHE D 327 2.09 34.80 8.89
CA PHE D 327 0.84 34.14 8.43
C PHE D 327 0.28 33.06 9.40
N ILE D 328 -1.03 32.82 9.25
CA ILE D 328 -1.84 31.97 10.16
C ILE D 328 -2.72 31.05 9.31
N PRO D 329 -2.24 29.81 9.07
CA PRO D 329 -3.05 28.96 8.19
C PRO D 329 -4.53 28.76 8.65
N LYS D 330 -4.79 28.80 9.97
CA LYS D 330 -6.15 28.64 10.52
C LYS D 330 -7.08 29.69 9.98
N GLU D 331 -6.62 30.94 9.99
CA GLU D 331 -7.43 32.09 9.54
C GLU D 331 -7.36 32.39 8.05
N ASN D 332 -6.47 31.68 7.35
CA ASN D 332 -6.23 31.92 5.95
C ASN D 332 -5.90 33.42 5.78
N ILE D 333 -5.02 33.92 6.66
CA ILE D 333 -4.68 35.34 6.76
C ILE D 333 -3.14 35.50 6.85
N GLY D 334 -2.64 36.66 6.42
CA GLY D 334 -1.20 36.95 6.46
C GLY D 334 -0.97 38.43 6.28
N LEU D 335 0.18 38.91 6.74
CA LEU D 335 0.50 40.37 6.59
C LEU D 335 1.99 40.61 6.27
N VAL D 336 2.26 41.63 5.45
CA VAL D 336 3.60 42.08 5.11
C VAL D 336 3.77 43.58 5.39
N MET D 337 4.83 43.96 6.12
CA MET D 337 5.20 45.35 6.33
C MET D 337 6.60 45.63 5.71
N LEU D 338 6.73 46.69 4.90
CA LEU D 338 8.02 47.08 4.27
C LEU D 338 8.25 48.55 4.55
N THR D 339 9.45 48.89 5.03
CA THR D 339 9.77 50.28 5.33
C THR D 339 11.19 50.58 4.83
N ASN D 340 11.48 51.84 4.52
CA ASN D 340 12.84 52.20 4.02
C ASN D 340 13.58 53.04 5.07
N LYS D 341 13.25 52.76 6.31
CA LYS D 341 14.06 53.12 7.42
C LYS D 341 13.81 52.04 8.48
N ARG D 342 14.86 51.63 9.17
CA ARG D 342 14.65 50.65 10.24
C ARG D 342 13.66 51.21 11.26
N ILE D 343 12.83 50.35 11.85
CA ILE D 343 12.12 50.63 13.11
C ILE D 343 12.21 49.41 14.03
N PRO D 344 11.98 49.60 15.34
CA PRO D 344 12.15 48.47 16.25
C PRO D 344 11.23 47.27 15.96
N ASN D 345 11.79 46.07 16.09
CA ASN D 345 11.06 44.86 15.88
C ASN D 345 9.78 44.77 16.72
N GLU D 346 9.84 45.28 17.95
CA GLU D 346 8.69 45.30 18.86
C GLU D 346 7.48 46.00 18.19
N GLU D 347 7.72 47.12 17.51
CA GLU D 347 6.69 47.95 16.83
C GLU D 347 6.08 47.35 15.58
N ARG D 348 6.88 46.57 14.83
CA ARG D 348 6.41 45.90 13.64
C ARG D 348 5.41 44.82 14.07
N ILE D 349 5.85 43.93 14.99
CA ILE D 349 5.12 42.73 15.48
C ILE D 349 3.69 43.01 16.10
N LYS D 350 3.65 44.10 16.86
CA LYS D 350 2.51 44.60 17.58
C LYS D 350 1.47 45.12 16.60
N ALA D 351 1.89 46.03 15.73
CA ALA D 351 1.01 46.55 14.69
C ALA D 351 0.43 45.38 13.91
N ALA D 352 1.26 44.44 13.48
CA ALA D 352 0.71 43.29 12.80
C ALA D 352 -0.31 42.51 13.70
N TYR D 353 0.04 42.32 14.98
CA TYR D 353 -0.81 41.56 15.93
C TYR D 353 -2.22 42.17 16.07
N VAL D 354 -2.26 43.45 16.41
CA VAL D 354 -3.50 44.18 16.52
C VAL D 354 -4.37 44.06 15.25
N VAL D 355 -3.81 44.50 14.12
CA VAL D 355 -4.53 44.51 12.84
C VAL D 355 -5.09 43.13 12.46
N LEU D 356 -4.29 42.08 12.67
CA LEU D 356 -4.69 40.74 12.32
C LEU D 356 -5.74 40.17 13.29
N ASN D 357 -5.75 40.63 14.55
CA ASN D 357 -6.76 40.19 15.51
C ASN D 357 -8.10 40.93 15.23
N ALA D 358 -8.09 42.25 15.06
CA ALA D 358 -9.32 43.02 14.73
C ALA D 358 -9.72 42.97 13.24
N ILE D 359 -9.84 41.75 12.69
CA ILE D 359 -10.13 41.52 11.27
C ILE D 359 -11.22 40.46 11.12
#